data_2DBF
#
_entry.id   2DBF
#
_entity_poly.entity_id   1
_entity_poly.type   'polypeptide(L)'
_entity_poly.pdbx_seq_one_letter_code
;GSSGSSGDMKQLAEDVKLQLYKLLEIPDPDKNWATLAQKLGLGILNNAFRLSPAPSKTLMDNYEVSGGTVRELVEALRQM
GYTEAIEVIQAASSSGPSSG
;
_entity_poly.pdbx_strand_id   A
#
# COMPACT_ATOMS: atom_id res chain seq x y z
N GLY A 1 18.28 18.70 -2.15
CA GLY A 1 18.69 17.82 -3.28
C GLY A 1 18.89 16.39 -2.85
N SER A 2 19.97 15.77 -3.31
CA SER A 2 20.27 14.39 -2.97
C SER A 2 19.16 13.46 -3.45
N SER A 3 19.42 12.76 -4.55
CA SER A 3 18.44 11.83 -5.11
C SER A 3 18.25 10.62 -4.20
N GLY A 4 17.05 10.07 -4.21
CA GLY A 4 16.76 8.90 -3.38
C GLY A 4 15.63 8.06 -3.94
N SER A 5 15.92 6.79 -4.19
CA SER A 5 14.93 5.87 -4.73
C SER A 5 15.33 4.42 -4.49
N SER A 6 14.97 3.91 -3.31
CA SER A 6 15.29 2.53 -2.95
C SER A 6 14.04 1.77 -2.53
N GLY A 7 13.23 2.39 -1.68
CA GLY A 7 12.01 1.76 -1.21
C GLY A 7 12.23 0.93 0.05
N ASP A 8 11.23 0.92 0.92
CA ASP A 8 11.31 0.16 2.16
C ASP A 8 10.12 -0.79 2.30
N MET A 9 9.77 -1.46 1.20
CA MET A 9 8.66 -2.40 1.20
C MET A 9 9.14 -3.83 1.41
N LYS A 10 10.40 -4.09 1.05
CA LYS A 10 10.98 -5.42 1.20
C LYS A 10 10.87 -5.90 2.64
N GLN A 11 10.90 -4.96 3.59
CA GLN A 11 10.81 -5.30 5.00
C GLN A 11 9.41 -5.79 5.36
N LEU A 12 8.40 -5.23 4.70
CA LEU A 12 7.02 -5.61 4.95
C LEU A 12 6.80 -7.09 4.64
N ALA A 13 6.21 -7.81 5.59
CA ALA A 13 5.95 -9.23 5.42
C ALA A 13 4.77 -9.47 4.48
N GLU A 14 4.74 -10.63 3.85
CA GLU A 14 3.67 -10.98 2.92
C GLU A 14 2.32 -10.96 3.63
N ASP A 15 2.28 -11.51 4.85
CA ASP A 15 1.05 -11.56 5.62
C ASP A 15 0.52 -10.15 5.90
N VAL A 16 1.43 -9.19 5.97
CA VAL A 16 1.06 -7.80 6.23
C VAL A 16 0.35 -7.19 5.03
N LYS A 17 0.93 -7.39 3.84
CA LYS A 17 0.35 -6.87 2.61
C LYS A 17 -0.91 -7.63 2.22
N LEU A 18 -0.99 -8.89 2.64
CA LEU A 18 -2.14 -9.74 2.33
C LEU A 18 -3.42 -9.11 2.84
N GLN A 19 -3.36 -8.49 4.02
CA GLN A 19 -4.52 -7.85 4.62
C GLN A 19 -4.89 -6.57 3.86
N LEU A 20 -3.88 -5.91 3.32
CA LEU A 20 -4.10 -4.67 2.57
C LEU A 20 -5.01 -4.91 1.37
N TYR A 21 -4.94 -6.12 0.82
CA TYR A 21 -5.76 -6.46 -0.34
C TYR A 21 -7.23 -6.62 0.05
N LYS A 22 -7.47 -7.03 1.29
CA LYS A 22 -8.82 -7.23 1.79
C LYS A 22 -9.49 -5.88 2.06
N LEU A 23 -8.69 -4.88 2.42
CA LEU A 23 -9.20 -3.55 2.71
C LEU A 23 -9.56 -2.80 1.42
N LEU A 24 -8.57 -2.66 0.55
CA LEU A 24 -8.78 -1.97 -0.72
C LEU A 24 -9.89 -2.64 -1.54
N GLU A 25 -10.09 -3.93 -1.31
CA GLU A 25 -11.11 -4.69 -2.02
C GLU A 25 -12.49 -4.04 -1.86
N ILE A 26 -12.66 -3.28 -0.78
CA ILE A 26 -13.92 -2.61 -0.52
C ILE A 26 -14.23 -1.57 -1.59
N PRO A 27 -15.28 -1.81 -2.41
CA PRO A 27 -15.67 -0.89 -3.48
C PRO A 27 -16.29 0.40 -2.95
N ASP A 28 -15.50 1.16 -2.18
CA ASP A 28 -15.98 2.41 -1.61
C ASP A 28 -15.31 3.61 -2.29
N PRO A 29 -15.92 4.81 -2.17
CA PRO A 29 -15.38 6.02 -2.78
C PRO A 29 -14.10 6.48 -2.11
N ASP A 30 -13.96 6.18 -0.82
CA ASP A 30 -12.78 6.57 -0.06
C ASP A 30 -12.16 5.36 0.64
N LYS A 31 -12.22 4.21 -0.02
CA LYS A 31 -11.68 2.97 0.54
C LYS A 31 -11.49 1.92 -0.55
N ASN A 32 -11.20 2.37 -1.77
CA ASN A 32 -10.99 1.46 -2.89
C ASN A 32 -9.53 1.45 -3.33
N TRP A 33 -9.13 0.38 -4.01
CA TRP A 33 -7.75 0.24 -4.47
C TRP A 33 -7.40 1.37 -5.44
N ALA A 34 -8.34 1.72 -6.32
CA ALA A 34 -8.12 2.78 -7.29
C ALA A 34 -7.80 4.10 -6.60
N THR A 35 -8.47 4.35 -5.47
CA THR A 35 -8.26 5.59 -4.73
C THR A 35 -6.84 5.64 -4.16
N LEU A 36 -6.32 4.49 -3.74
CA LEU A 36 -4.98 4.41 -3.18
C LEU A 36 -3.93 4.61 -4.27
N ALA A 37 -4.26 4.20 -5.48
CA ALA A 37 -3.34 4.32 -6.61
C ALA A 37 -2.95 5.78 -6.84
N GLN A 38 -3.95 6.66 -6.82
CA GLN A 38 -3.72 8.09 -7.02
C GLN A 38 -2.86 8.67 -5.91
N LYS A 39 -3.19 8.31 -4.67
CA LYS A 39 -2.46 8.80 -3.51
C LYS A 39 -0.99 8.37 -3.58
N LEU A 40 -0.77 7.08 -3.82
CA LEU A 40 0.58 6.54 -3.92
C LEU A 40 1.31 7.10 -5.13
N GLY A 41 0.78 6.81 -6.32
CA GLY A 41 1.40 7.30 -7.54
C GLY A 41 1.32 6.29 -8.66
N LEU A 42 0.15 5.68 -8.83
CA LEU A 42 -0.06 4.69 -9.88
C LEU A 42 -1.36 4.95 -10.63
N GLY A 43 -1.76 6.21 -10.70
CA GLY A 43 -2.98 6.57 -11.39
C GLY A 43 -2.92 6.28 -12.87
N ILE A 44 -1.71 6.27 -13.42
CA ILE A 44 -1.51 6.00 -14.85
C ILE A 44 -1.79 4.54 -15.17
N LEU A 45 -1.48 3.66 -14.22
CA LEU A 45 -1.70 2.23 -14.41
C LEU A 45 -2.98 1.77 -13.72
N ASN A 46 -3.93 2.69 -13.58
CA ASN A 46 -5.20 2.38 -12.94
C ASN A 46 -6.04 1.43 -13.81
N ASN A 47 -6.07 1.71 -15.11
CA ASN A 47 -6.82 0.89 -16.04
C ASN A 47 -6.24 -0.51 -16.14
N ALA A 48 -4.92 -0.61 -15.96
CA ALA A 48 -4.24 -1.90 -16.03
C ALA A 48 -4.71 -2.83 -14.92
N PHE A 49 -4.76 -2.31 -13.69
CA PHE A 49 -5.20 -3.10 -12.55
C PHE A 49 -6.67 -3.48 -12.68
N ARG A 50 -7.46 -2.59 -13.26
CA ARG A 50 -8.89 -2.83 -13.45
C ARG A 50 -9.12 -4.08 -14.29
N LEU A 51 -8.22 -4.33 -15.23
CA LEU A 51 -8.33 -5.49 -16.11
C LEU A 51 -7.95 -6.77 -15.36
N SER A 52 -6.98 -6.65 -14.46
CA SER A 52 -6.53 -7.80 -13.67
C SER A 52 -7.65 -8.32 -12.78
N PRO A 53 -7.56 -9.60 -12.36
CA PRO A 53 -8.57 -10.22 -11.49
C PRO A 53 -8.64 -9.57 -10.12
N ALA A 54 -7.48 -9.13 -9.63
CA ALA A 54 -7.40 -8.48 -8.33
C ALA A 54 -6.58 -7.20 -8.39
N PRO A 55 -7.22 -6.07 -8.74
CA PRO A 55 -6.54 -4.77 -8.85
C PRO A 55 -5.73 -4.45 -7.60
N SER A 56 -6.33 -4.66 -6.44
CA SER A 56 -5.65 -4.38 -5.17
C SER A 56 -4.39 -5.22 -5.02
N LYS A 57 -4.41 -6.41 -5.61
CA LYS A 57 -3.28 -7.32 -5.54
C LYS A 57 -2.20 -6.92 -6.55
N THR A 58 -2.63 -6.34 -7.67
CA THR A 58 -1.71 -5.91 -8.71
C THR A 58 -1.07 -4.57 -8.35
N LEU A 59 -1.80 -3.75 -7.61
CA LEU A 59 -1.30 -2.45 -7.20
C LEU A 59 -0.02 -2.58 -6.40
N MET A 60 -0.10 -3.28 -5.26
CA MET A 60 1.06 -3.47 -4.40
C MET A 60 2.17 -4.22 -5.14
N ASP A 61 1.77 -5.10 -6.06
CA ASP A 61 2.73 -5.87 -6.84
C ASP A 61 3.45 -4.99 -7.84
N ASN A 62 2.75 -4.01 -8.38
CA ASN A 62 3.32 -3.09 -9.36
C ASN A 62 4.02 -1.92 -8.65
N TYR A 63 3.50 -1.54 -7.49
CA TYR A 63 4.06 -0.44 -6.72
C TYR A 63 5.37 -0.86 -6.06
N GLU A 64 5.47 -2.14 -5.71
CA GLU A 64 6.68 -2.67 -5.08
C GLU A 64 7.83 -2.75 -6.08
N VAL A 65 7.50 -3.13 -7.31
CA VAL A 65 8.51 -3.26 -8.36
C VAL A 65 9.19 -1.92 -8.63
N SER A 66 8.44 -0.85 -8.44
CA SER A 66 8.98 0.50 -8.66
C SER A 66 9.41 1.14 -7.35
N GLY A 67 9.95 0.32 -6.45
CA GLY A 67 10.40 0.82 -5.16
C GLY A 67 9.43 0.49 -4.04
N GLY A 68 8.40 1.31 -3.88
CA GLY A 68 7.41 1.07 -2.84
C GLY A 68 7.94 1.44 -1.46
N THR A 69 7.42 2.53 -0.91
CA THR A 69 7.84 2.99 0.41
C THR A 69 6.69 2.91 1.41
N VAL A 70 7.02 2.64 2.67
CA VAL A 70 6.01 2.53 3.72
C VAL A 70 5.50 3.90 4.13
N ARG A 71 6.37 4.90 4.06
CA ARG A 71 6.00 6.26 4.43
C ARG A 71 4.87 6.77 3.55
N GLU A 72 4.83 6.31 2.31
CA GLU A 72 3.78 6.72 1.37
C GLU A 72 2.54 5.85 1.52
N LEU A 73 2.74 4.58 1.85
CA LEU A 73 1.63 3.64 2.01
C LEU A 73 0.85 3.97 3.28
N VAL A 74 1.54 4.50 4.29
CA VAL A 74 0.90 4.86 5.55
C VAL A 74 0.20 6.21 5.44
N GLU A 75 0.83 7.14 4.74
CA GLU A 75 0.28 8.48 4.57
C GLU A 75 -0.90 8.46 3.59
N ALA A 76 -0.75 7.70 2.51
CA ALA A 76 -1.80 7.58 1.51
C ALA A 76 -3.09 7.04 2.11
N LEU A 77 -2.95 6.20 3.13
CA LEU A 77 -4.10 5.61 3.81
C LEU A 77 -4.81 6.63 4.67
N ARG A 78 -4.04 7.50 5.31
CA ARG A 78 -4.59 8.54 6.18
C ARG A 78 -5.23 9.65 5.35
N GLN A 79 -4.69 9.89 4.16
CA GLN A 79 -5.21 10.92 3.28
C GLN A 79 -6.60 10.56 2.78
N MET A 80 -6.85 9.26 2.62
CA MET A 80 -8.14 8.78 2.15
C MET A 80 -9.12 8.61 3.31
N GLY A 81 -8.80 7.70 4.22
CA GLY A 81 -9.66 7.47 5.37
C GLY A 81 -9.60 6.03 5.84
N TYR A 82 -8.40 5.47 5.94
CA TYR A 82 -8.23 4.10 6.37
C TYR A 82 -7.71 4.05 7.80
N THR A 83 -8.16 3.03 8.55
CA THR A 83 -7.74 2.88 9.94
C THR A 83 -7.04 1.54 10.14
N GLU A 84 -7.65 0.47 9.65
CA GLU A 84 -7.09 -0.87 9.77
C GLU A 84 -5.86 -1.03 8.88
N ALA A 85 -5.93 -0.43 7.68
CA ALA A 85 -4.82 -0.52 6.73
C ALA A 85 -3.54 0.06 7.33
N ILE A 86 -3.69 1.03 8.22
CA ILE A 86 -2.55 1.67 8.86
C ILE A 86 -2.08 0.88 10.06
N GLU A 87 -3.01 0.18 10.72
CA GLU A 87 -2.69 -0.62 11.88
C GLU A 87 -1.92 -1.88 11.50
N VAL A 88 -2.20 -2.39 10.30
CA VAL A 88 -1.52 -3.58 9.80
C VAL A 88 -0.06 -3.31 9.50
N ILE A 89 0.22 -2.13 8.97
CA ILE A 89 1.59 -1.74 8.64
C ILE A 89 2.36 -1.33 9.89
N GLN A 90 1.73 -0.51 10.73
CA GLN A 90 2.36 -0.04 11.95
C GLN A 90 2.59 -1.20 12.92
N ALA A 91 1.71 -2.20 12.87
CA ALA A 91 1.84 -3.37 13.74
C ALA A 91 3.11 -4.14 13.44
N ALA A 92 3.54 -4.11 12.19
CA ALA A 92 4.74 -4.82 11.77
C ALA A 92 5.94 -3.88 11.71
N SER A 93 5.68 -2.62 11.42
CA SER A 93 6.75 -1.63 11.34
C SER A 93 7.50 -1.52 12.65
N SER A 94 6.77 -1.56 13.76
CA SER A 94 7.37 -1.47 15.09
C SER A 94 6.33 -1.70 16.17
N SER A 95 6.77 -1.61 17.42
CA SER A 95 5.88 -1.81 18.56
C SER A 95 6.21 -0.85 19.70
N GLY A 96 5.71 0.38 19.58
CA GLY A 96 5.98 1.38 20.60
C GLY A 96 4.73 2.16 20.98
N PRO A 97 4.35 3.18 20.19
CA PRO A 97 3.16 3.99 20.45
C PRO A 97 1.87 3.22 20.24
N SER A 98 1.83 2.43 19.18
CA SER A 98 0.65 1.64 18.85
C SER A 98 1.04 0.24 18.39
N SER A 99 0.26 -0.76 18.79
CA SER A 99 0.52 -2.14 18.41
C SER A 99 -0.76 -2.95 18.38
N GLY A 100 -1.04 -3.59 17.24
CA GLY A 100 -2.25 -4.39 17.12
C GLY A 100 -3.44 -3.57 16.66
N GLY A 1 30.85 1.00 -2.46
CA GLY A 1 29.67 1.47 -1.70
C GLY A 1 28.74 2.34 -2.54
N SER A 2 27.67 2.82 -1.93
CA SER A 2 26.71 3.66 -2.63
C SER A 2 25.92 4.52 -1.64
N SER A 3 25.19 5.50 -2.16
CA SER A 3 24.39 6.39 -1.34
C SER A 3 23.04 6.70 -1.99
N GLY A 4 21.98 6.59 -1.21
CA GLY A 4 20.65 6.85 -1.72
C GLY A 4 19.90 5.58 -2.10
N SER A 5 19.15 5.04 -1.16
CA SER A 5 18.37 3.82 -1.39
C SER A 5 16.94 4.15 -1.80
N SER A 6 16.30 3.19 -2.46
CA SER A 6 14.92 3.38 -2.91
C SER A 6 14.17 2.05 -2.89
N GLY A 7 13.06 2.02 -2.17
CA GLY A 7 12.26 0.81 -2.08
C GLY A 7 12.42 0.09 -0.75
N ASP A 8 11.40 0.20 0.09
CA ASP A 8 11.42 -0.45 1.40
C ASP A 8 10.14 -1.22 1.66
N MET A 9 9.70 -1.98 0.66
CA MET A 9 8.49 -2.77 0.78
C MET A 9 8.80 -4.20 1.20
N LYS A 10 10.01 -4.66 0.87
CA LYS A 10 10.43 -6.01 1.23
C LYS A 10 10.34 -6.23 2.73
N GLN A 11 10.54 -5.17 3.51
CA GLN A 11 10.49 -5.26 4.96
C GLN A 11 9.07 -5.60 5.43
N LEU A 12 8.08 -5.18 4.65
CA LEU A 12 6.68 -5.44 4.99
C LEU A 12 6.35 -6.92 4.79
N ALA A 13 5.91 -7.56 5.86
CA ALA A 13 5.54 -8.97 5.81
C ALA A 13 4.42 -9.21 4.80
N GLU A 14 4.35 -10.43 4.27
CA GLU A 14 3.33 -10.78 3.29
C GLU A 14 1.94 -10.64 3.90
N ASP A 15 1.79 -11.07 5.16
CA ASP A 15 0.52 -10.98 5.85
C ASP A 15 0.08 -9.53 6.02
N VAL A 16 1.05 -8.64 6.18
CA VAL A 16 0.77 -7.23 6.35
C VAL A 16 0.15 -6.64 5.10
N LYS A 17 0.67 -7.02 3.94
CA LYS A 17 0.17 -6.53 2.66
C LYS A 17 -1.05 -7.32 2.22
N LEU A 18 -1.11 -8.58 2.63
CA LEU A 18 -2.23 -9.46 2.27
C LEU A 18 -3.55 -8.88 2.77
N GLN A 19 -3.54 -8.42 4.02
CA GLN A 19 -4.74 -7.85 4.63
C GLN A 19 -5.19 -6.59 3.88
N LEU A 20 -4.22 -5.84 3.37
CA LEU A 20 -4.51 -4.61 2.64
C LEU A 20 -5.39 -4.91 1.42
N TYR A 21 -5.16 -6.05 0.80
CA TYR A 21 -5.94 -6.44 -0.38
C TYR A 21 -7.41 -6.63 -0.03
N LYS A 22 -7.67 -7.07 1.19
CA LYS A 22 -9.03 -7.29 1.65
C LYS A 22 -9.74 -5.96 1.92
N LEU A 23 -8.96 -4.96 2.34
CA LEU A 23 -9.52 -3.64 2.63
C LEU A 23 -9.81 -2.87 1.35
N LEU A 24 -8.80 -2.80 0.47
CA LEU A 24 -8.96 -2.10 -0.80
C LEU A 24 -10.08 -2.70 -1.63
N GLU A 25 -10.33 -3.99 -1.43
CA GLU A 25 -11.38 -4.69 -2.17
C GLU A 25 -12.74 -4.02 -1.97
N ILE A 26 -12.89 -3.33 -0.84
CA ILE A 26 -14.14 -2.63 -0.54
C ILE A 26 -14.43 -1.54 -1.58
N PRO A 27 -15.55 -1.66 -2.31
CA PRO A 27 -15.93 -0.69 -3.34
C PRO A 27 -16.45 0.61 -2.73
N ASP A 28 -15.61 1.28 -1.96
CA ASP A 28 -15.98 2.54 -1.33
C ASP A 28 -15.19 3.71 -1.91
N PRO A 29 -15.81 4.91 -1.99
CA PRO A 29 -15.15 6.09 -2.53
C PRO A 29 -13.80 6.36 -1.87
N ASP A 30 -13.79 6.43 -0.55
CA ASP A 30 -12.56 6.69 0.18
C ASP A 30 -12.03 5.41 0.82
N LYS A 31 -12.22 4.28 0.13
CA LYS A 31 -11.75 2.99 0.63
C LYS A 31 -11.67 1.97 -0.50
N ASN A 32 -11.22 2.42 -1.66
CA ASN A 32 -11.09 1.55 -2.83
C ASN A 32 -9.63 1.47 -3.29
N TRP A 33 -9.30 0.38 -3.98
CA TRP A 33 -7.94 0.19 -4.48
C TRP A 33 -7.57 1.29 -5.47
N ALA A 34 -8.52 1.69 -6.31
CA ALA A 34 -8.30 2.73 -7.30
C ALA A 34 -7.94 4.05 -6.62
N THR A 35 -8.62 4.36 -5.52
CA THR A 35 -8.38 5.59 -4.79
C THR A 35 -6.95 5.63 -4.24
N LEU A 36 -6.51 4.50 -3.68
CA LEU A 36 -5.16 4.41 -3.12
C LEU A 36 -4.11 4.54 -4.22
N ALA A 37 -4.43 4.05 -5.42
CA ALA A 37 -3.51 4.13 -6.54
C ALA A 37 -3.16 5.57 -6.88
N GLN A 38 -4.11 6.48 -6.63
CA GLN A 38 -3.89 7.90 -6.91
C GLN A 38 -3.05 8.53 -5.82
N LYS A 39 -3.27 8.11 -4.58
CA LYS A 39 -2.54 8.65 -3.44
C LYS A 39 -1.07 8.26 -3.52
N LEU A 40 -0.80 6.97 -3.71
CA LEU A 40 0.55 6.47 -3.80
C LEU A 40 1.29 7.09 -4.99
N GLY A 41 0.85 6.75 -6.19
CA GLY A 41 1.47 7.28 -7.39
C GLY A 41 1.34 6.34 -8.57
N LEU A 42 0.16 5.78 -8.77
CA LEU A 42 -0.09 4.87 -9.86
C LEU A 42 -1.47 5.08 -10.47
N GLY A 43 -1.94 6.32 -10.41
CA GLY A 43 -3.25 6.65 -10.96
C GLY A 43 -3.33 6.43 -12.46
N ILE A 44 -2.18 6.53 -13.13
CA ILE A 44 -2.12 6.35 -14.57
C ILE A 44 -2.32 4.88 -14.95
N LEU A 45 -1.87 3.99 -14.08
CA LEU A 45 -1.99 2.56 -14.32
C LEU A 45 -3.20 1.98 -13.60
N ASN A 46 -4.24 2.80 -13.44
CA ASN A 46 -5.46 2.37 -12.76
C ASN A 46 -6.23 1.36 -13.61
N ASN A 47 -6.37 1.66 -14.89
CA ASN A 47 -7.09 0.78 -15.81
C ASN A 47 -6.40 -0.58 -15.90
N ALA A 48 -5.07 -0.57 -15.76
CA ALA A 48 -4.29 -1.81 -15.84
C ALA A 48 -4.67 -2.76 -14.70
N PHE A 49 -4.71 -2.24 -13.49
CA PHE A 49 -5.06 -3.04 -12.32
C PHE A 49 -6.48 -3.58 -12.43
N ARG A 50 -7.36 -2.80 -13.05
CA ARG A 50 -8.75 -3.22 -13.24
C ARG A 50 -8.84 -4.50 -14.05
N LEU A 51 -8.02 -4.58 -15.10
CA LEU A 51 -8.01 -5.76 -15.96
C LEU A 51 -7.52 -6.99 -15.20
N SER A 52 -6.54 -6.78 -14.33
CA SER A 52 -5.99 -7.87 -13.53
C SER A 52 -7.07 -8.49 -12.64
N PRO A 53 -6.88 -9.76 -12.23
CA PRO A 53 -7.84 -10.47 -11.38
C PRO A 53 -7.97 -9.82 -10.01
N ALA A 54 -6.92 -9.14 -9.58
CA ALA A 54 -6.91 -8.47 -8.28
C ALA A 54 -6.28 -7.10 -8.37
N PRO A 55 -7.07 -6.06 -8.74
CA PRO A 55 -6.57 -4.69 -8.86
C PRO A 55 -5.81 -4.23 -7.62
N SER A 56 -6.16 -4.80 -6.47
CA SER A 56 -5.51 -4.44 -5.21
C SER A 56 -4.17 -5.16 -5.08
N LYS A 57 -4.07 -6.35 -5.66
CA LYS A 57 -2.84 -7.13 -5.61
C LYS A 57 -1.84 -6.64 -6.65
N THR A 58 -2.34 -6.37 -7.86
CA THR A 58 -1.48 -5.89 -8.94
C THR A 58 -0.86 -4.55 -8.59
N LEU A 59 -1.57 -3.76 -7.80
CA LEU A 59 -1.08 -2.44 -7.39
C LEU A 59 0.23 -2.57 -6.62
N MET A 60 0.26 -3.49 -5.67
CA MET A 60 1.46 -3.71 -4.86
C MET A 60 2.59 -4.30 -5.70
N ASP A 61 2.22 -5.07 -6.73
CA ASP A 61 3.20 -5.68 -7.61
C ASP A 61 3.85 -4.64 -8.52
N ASN A 62 3.08 -3.61 -8.87
CA ASN A 62 3.58 -2.54 -9.73
C ASN A 62 4.26 -1.46 -8.91
N TYR A 63 3.80 -1.26 -7.69
CA TYR A 63 4.36 -0.25 -6.80
C TYR A 63 5.74 -0.68 -6.30
N GLU A 64 5.91 -1.98 -6.10
CA GLU A 64 7.18 -2.52 -5.62
C GLU A 64 8.28 -2.34 -6.66
N VAL A 65 7.92 -2.53 -7.93
CA VAL A 65 8.88 -2.38 -9.01
C VAL A 65 9.16 -0.91 -9.30
N SER A 66 8.18 -0.06 -9.05
CA SER A 66 8.32 1.37 -9.27
C SER A 66 8.66 2.10 -7.98
N GLY A 67 9.39 1.42 -7.10
CA GLY A 67 9.76 2.02 -5.84
C GLY A 67 8.65 1.97 -4.81
N GLY A 68 8.51 0.83 -4.15
CA GLY A 68 7.47 0.67 -3.14
C GLY A 68 7.99 0.91 -1.74
N THR A 69 7.66 2.08 -1.19
CA THR A 69 8.10 2.43 0.16
C THR A 69 6.97 2.21 1.17
N VAL A 70 7.28 2.42 2.44
CA VAL A 70 6.30 2.24 3.51
C VAL A 70 5.78 3.60 4.00
N ARG A 71 6.66 4.58 4.02
CA ARG A 71 6.30 5.93 4.48
C ARG A 71 5.18 6.50 3.62
N GLU A 72 5.16 6.12 2.35
CA GLU A 72 4.13 6.59 1.42
C GLU A 72 2.84 5.78 1.58
N LEU A 73 2.98 4.51 1.94
CA LEU A 73 1.83 3.64 2.12
C LEU A 73 1.01 4.07 3.32
N VAL A 74 1.69 4.52 4.38
CA VAL A 74 1.01 4.96 5.59
C VAL A 74 0.29 6.28 5.37
N GLU A 75 0.93 7.19 4.64
CA GLU A 75 0.36 8.49 4.35
C GLU A 75 -0.82 8.36 3.40
N ALA A 76 -0.69 7.47 2.42
CA ALA A 76 -1.75 7.25 1.44
C ALA A 76 -2.99 6.67 2.11
N LEU A 77 -2.78 5.82 3.10
CA LEU A 77 -3.88 5.19 3.82
C LEU A 77 -4.63 6.20 4.68
N ARG A 78 -3.89 7.18 5.20
CA ARG A 78 -4.48 8.21 6.04
C ARG A 78 -5.26 9.22 5.20
N GLN A 79 -4.71 9.56 4.04
CA GLN A 79 -5.36 10.51 3.13
C GLN A 79 -6.73 10.00 2.71
N MET A 80 -6.84 8.69 2.55
CA MET A 80 -8.11 8.08 2.14
C MET A 80 -9.06 7.94 3.32
N GLY A 81 -8.50 7.68 4.49
CA GLY A 81 -9.32 7.53 5.69
C GLY A 81 -9.30 6.12 6.23
N TYR A 82 -8.19 5.41 6.01
CA TYR A 82 -8.06 4.04 6.48
C TYR A 82 -7.42 4.01 7.87
N THR A 83 -8.07 3.32 8.80
CA THR A 83 -7.56 3.21 10.16
C THR A 83 -7.08 1.80 10.45
N GLU A 84 -7.73 0.82 9.84
CA GLU A 84 -7.37 -0.58 10.04
C GLU A 84 -6.19 -0.97 9.15
N ALA A 85 -6.11 -0.34 7.97
CA ALA A 85 -5.03 -0.62 7.03
C ALA A 85 -3.70 -0.10 7.55
N ILE A 86 -3.74 0.98 8.32
CA ILE A 86 -2.53 1.57 8.88
C ILE A 86 -2.05 0.80 10.09
N GLU A 87 -2.99 0.35 10.92
CA GLU A 87 -2.66 -0.41 12.11
C GLU A 87 -1.90 -1.69 11.76
N VAL A 88 -2.21 -2.25 10.60
CA VAL A 88 -1.56 -3.48 10.14
C VAL A 88 -0.08 -3.23 9.83
N ILE A 89 0.24 -2.02 9.42
CA ILE A 89 1.63 -1.65 9.10
C ILE A 89 2.42 -1.35 10.37
N GLN A 90 1.92 -0.41 11.16
CA GLN A 90 2.59 -0.03 12.40
C GLN A 90 2.70 -1.22 13.35
N ALA A 91 1.72 -2.11 13.28
CA ALA A 91 1.70 -3.30 14.13
C ALA A 91 2.94 -4.15 13.90
N ALA A 92 3.45 -4.14 12.67
CA ALA A 92 4.63 -4.90 12.32
C ALA A 92 5.89 -4.04 12.33
N SER A 93 5.89 -3.02 11.48
CA SER A 93 7.04 -2.11 11.39
C SER A 93 7.09 -1.19 12.60
N SER A 94 8.23 -0.55 12.80
CA SER A 94 8.42 0.36 13.92
C SER A 94 8.23 -0.35 15.24
N SER A 95 9.34 -0.79 15.84
CA SER A 95 9.29 -1.50 17.12
C SER A 95 10.28 -0.89 18.11
N GLY A 96 10.16 -1.30 19.37
CA GLY A 96 11.06 -0.78 20.39
C GLY A 96 10.43 -0.81 21.77
N PRO A 97 9.39 0.02 22.02
CA PRO A 97 8.72 0.06 23.31
C PRO A 97 8.27 -1.31 23.80
N SER A 98 8.96 -1.84 24.80
CA SER A 98 8.63 -3.15 25.34
C SER A 98 7.86 -3.02 26.66
N SER A 99 7.02 -1.99 26.74
CA SER A 99 6.22 -1.76 27.93
C SER A 99 5.07 -0.80 27.64
N GLY A 100 3.97 -1.34 27.15
CA GLY A 100 2.82 -0.51 26.85
C GLY A 100 1.93 -0.28 28.04
N GLY A 1 14.38 6.11 -19.20
CA GLY A 1 13.85 5.96 -17.82
C GLY A 1 14.64 6.77 -16.80
N SER A 2 14.59 6.35 -15.54
CA SER A 2 15.31 7.04 -14.48
C SER A 2 16.11 6.06 -13.63
N SER A 3 16.64 6.53 -12.51
CA SER A 3 17.42 5.70 -11.61
C SER A 3 17.36 6.22 -10.18
N GLY A 4 17.35 5.30 -9.23
CA GLY A 4 17.29 5.68 -7.83
C GLY A 4 15.87 5.64 -7.28
N SER A 5 15.66 4.82 -6.25
CA SER A 5 14.34 4.70 -5.64
C SER A 5 14.41 3.82 -4.39
N SER A 6 14.45 4.47 -3.23
CA SER A 6 14.51 3.74 -1.96
C SER A 6 13.21 3.00 -1.69
N GLY A 7 13.27 2.00 -0.82
CA GLY A 7 12.08 1.23 -0.49
C GLY A 7 12.29 0.32 0.70
N ASP A 8 11.40 0.43 1.69
CA ASP A 8 11.50 -0.39 2.90
C ASP A 8 10.35 -1.40 2.95
N MET A 9 10.02 -1.98 1.80
CA MET A 9 8.95 -2.97 1.72
C MET A 9 9.46 -4.36 2.04
N LYS A 10 10.75 -4.60 1.80
CA LYS A 10 11.36 -5.90 2.06
C LYS A 10 11.17 -6.30 3.52
N GLN A 11 11.13 -5.31 4.41
CA GLN A 11 10.95 -5.57 5.83
C GLN A 11 9.51 -5.98 6.14
N LEU A 12 8.58 -5.46 5.35
CA LEU A 12 7.16 -5.77 5.54
C LEU A 12 6.88 -7.23 5.22
N ALA A 13 6.12 -7.89 6.08
CA ALA A 13 5.78 -9.29 5.88
C ALA A 13 4.63 -9.44 4.88
N GLU A 14 4.60 -10.59 4.21
CA GLU A 14 3.56 -10.86 3.23
C GLU A 14 2.18 -10.80 3.86
N ASP A 15 2.10 -11.18 5.14
CA ASP A 15 0.84 -11.17 5.86
C ASP A 15 0.29 -9.76 5.99
N VAL A 16 1.19 -8.79 6.05
CA VAL A 16 0.80 -7.38 6.17
C VAL A 16 0.09 -6.90 4.90
N LYS A 17 0.71 -7.15 3.76
CA LYS A 17 0.15 -6.74 2.47
C LYS A 17 -1.09 -7.57 2.14
N LEU A 18 -1.12 -8.81 2.62
CA LEU A 18 -2.24 -9.70 2.37
C LEU A 18 -3.55 -9.10 2.86
N GLN A 19 -3.48 -8.40 4.00
CA GLN A 19 -4.66 -7.78 4.58
C GLN A 19 -5.05 -6.54 3.79
N LEU A 20 -4.06 -5.82 3.29
CA LEU A 20 -4.29 -4.61 2.51
C LEU A 20 -5.14 -4.91 1.27
N TYR A 21 -4.98 -6.12 0.73
CA TYR A 21 -5.73 -6.53 -0.45
C TYR A 21 -7.21 -6.62 -0.15
N LYS A 22 -7.56 -7.25 0.96
CA LYS A 22 -8.95 -7.41 1.37
C LYS A 22 -9.59 -6.05 1.67
N LEU A 23 -8.81 -5.16 2.26
CA LEU A 23 -9.30 -3.83 2.60
C LEU A 23 -9.65 -3.04 1.34
N LEU A 24 -8.66 -2.86 0.47
CA LEU A 24 -8.86 -2.12 -0.78
C LEU A 24 -9.95 -2.77 -1.63
N GLU A 25 -10.13 -4.08 -1.47
CA GLU A 25 -11.14 -4.81 -2.22
C GLU A 25 -12.54 -4.23 -1.99
N ILE A 26 -12.72 -3.58 -0.84
CA ILE A 26 -14.01 -2.97 -0.50
C ILE A 26 -14.40 -1.91 -1.54
N PRO A 27 -15.57 -2.08 -2.19
CA PRO A 27 -16.05 -1.12 -3.20
C PRO A 27 -16.58 0.16 -2.57
N ASP A 28 -15.71 0.87 -1.85
CA ASP A 28 -16.10 2.11 -1.20
C ASP A 28 -15.45 3.31 -1.88
N PRO A 29 -15.95 4.53 -1.63
CA PRO A 29 -15.42 5.75 -2.23
C PRO A 29 -14.03 6.10 -1.70
N ASP A 30 -13.86 6.00 -0.38
CA ASP A 30 -12.58 6.30 0.24
C ASP A 30 -11.98 5.04 0.86
N LYS A 31 -12.19 3.90 0.22
CA LYS A 31 -11.67 2.64 0.70
C LYS A 31 -11.50 1.65 -0.45
N ASN A 32 -11.22 2.17 -1.64
CA ASN A 32 -11.03 1.33 -2.82
C ASN A 32 -9.59 1.37 -3.30
N TRP A 33 -9.16 0.32 -3.97
CA TRP A 33 -7.80 0.23 -4.49
C TRP A 33 -7.52 1.35 -5.48
N ALA A 34 -8.55 1.72 -6.25
CA ALA A 34 -8.40 2.78 -7.24
C ALA A 34 -8.00 4.10 -6.58
N THR A 35 -8.55 4.35 -5.40
CA THR A 35 -8.25 5.58 -4.66
C THR A 35 -6.80 5.58 -4.18
N LEU A 36 -6.32 4.41 -3.80
CA LEU A 36 -4.95 4.27 -3.31
C LEU A 36 -3.94 4.47 -4.44
N ALA A 37 -4.31 4.02 -5.65
CA ALA A 37 -3.44 4.15 -6.81
C ALA A 37 -3.15 5.62 -7.10
N GLN A 38 -4.12 6.48 -6.83
CA GLN A 38 -3.96 7.91 -7.07
C GLN A 38 -3.12 8.56 -5.97
N LYS A 39 -3.34 8.12 -4.73
CA LYS A 39 -2.61 8.65 -3.60
C LYS A 39 -1.14 8.25 -3.66
N LEU A 40 -0.89 6.98 -3.93
CA LEU A 40 0.48 6.47 -4.01
C LEU A 40 1.21 7.10 -5.18
N GLY A 41 0.80 6.77 -6.39
CA GLY A 41 1.44 7.32 -7.58
C GLY A 41 1.34 6.40 -8.77
N LEU A 42 0.16 5.83 -8.99
CA LEU A 42 -0.06 4.92 -10.10
C LEU A 42 -1.49 5.01 -10.61
N GLY A 43 -2.08 6.19 -10.51
CA GLY A 43 -3.45 6.39 -10.95
C GLY A 43 -3.58 6.33 -12.47
N ILE A 44 -2.48 6.53 -13.17
CA ILE A 44 -2.48 6.48 -14.63
C ILE A 44 -2.82 5.09 -15.14
N LEU A 45 -2.48 4.07 -14.35
CA LEU A 45 -2.75 2.69 -14.73
C LEU A 45 -3.87 2.10 -13.87
N ASN A 46 -4.84 2.93 -13.51
CA ASN A 46 -5.96 2.49 -12.69
C ASN A 46 -6.85 1.51 -13.47
N ASN A 47 -6.92 1.71 -14.78
CA ASN A 47 -7.74 0.86 -15.63
C ASN A 47 -7.06 -0.48 -15.88
N ALA A 48 -5.73 -0.47 -15.88
CA ALA A 48 -4.96 -1.69 -16.10
C ALA A 48 -5.16 -2.68 -14.96
N PHE A 49 -5.39 -2.16 -13.76
CA PHE A 49 -5.61 -2.99 -12.58
C PHE A 49 -7.04 -3.50 -12.53
N ARG A 50 -7.98 -2.66 -12.97
CA ARG A 50 -9.39 -3.02 -12.97
C ARG A 50 -9.63 -4.27 -13.83
N LEU A 51 -8.84 -4.42 -14.88
CA LEU A 51 -8.96 -5.57 -15.77
C LEU A 51 -8.40 -6.83 -15.12
N SER A 52 -7.37 -6.66 -14.30
CA SER A 52 -6.75 -7.79 -13.60
C SER A 52 -7.73 -8.43 -12.62
N PRO A 53 -7.47 -9.70 -12.24
CA PRO A 53 -8.33 -10.43 -11.30
C PRO A 53 -8.29 -9.82 -9.90
N ALA A 54 -7.18 -9.18 -9.57
CA ALA A 54 -7.02 -8.55 -8.26
C ALA A 54 -6.30 -7.22 -8.37
N PRO A 55 -7.04 -6.12 -8.63
CA PRO A 55 -6.46 -4.78 -8.75
C PRO A 55 -5.57 -4.42 -7.57
N SER A 56 -6.03 -4.75 -6.37
CA SER A 56 -5.27 -4.46 -5.16
C SER A 56 -3.94 -5.20 -5.16
N LYS A 57 -3.95 -6.42 -5.69
CA LYS A 57 -2.75 -7.23 -5.75
C LYS A 57 -1.81 -6.75 -6.85
N THR A 58 -2.38 -6.33 -7.97
CA THR A 58 -1.60 -5.84 -9.10
C THR A 58 -0.90 -4.54 -8.74
N LEU A 59 -1.57 -3.70 -7.96
CA LEU A 59 -1.01 -2.42 -7.54
C LEU A 59 0.28 -2.61 -6.75
N MET A 60 0.25 -3.54 -5.79
CA MET A 60 1.42 -3.82 -4.97
C MET A 60 2.58 -4.32 -5.83
N ASP A 61 2.25 -5.00 -6.92
CA ASP A 61 3.27 -5.52 -7.83
C ASP A 61 3.99 -4.39 -8.56
N ASN A 62 3.25 -3.33 -8.86
CA ASN A 62 3.81 -2.19 -9.55
C ASN A 62 4.58 -1.28 -8.59
N TYR A 63 4.06 -1.16 -7.37
CA TYR A 63 4.69 -0.32 -6.36
C TYR A 63 6.00 -0.95 -5.87
N GLU A 64 6.00 -2.28 -5.76
CA GLU A 64 7.19 -3.00 -5.31
C GLU A 64 8.34 -2.82 -6.28
N VAL A 65 8.05 -2.94 -7.57
CA VAL A 65 9.06 -2.78 -8.61
C VAL A 65 9.60 -1.36 -8.63
N SER A 66 8.71 -0.38 -8.56
CA SER A 66 9.10 1.02 -8.57
C SER A 66 10.00 1.34 -7.38
N GLY A 67 9.78 0.64 -6.28
CA GLY A 67 10.57 0.88 -5.08
C GLY A 67 9.86 0.48 -3.81
N GLY A 68 8.59 0.88 -3.70
CA GLY A 68 7.80 0.54 -2.53
C GLY A 68 8.27 1.29 -1.29
N THR A 69 7.52 2.31 -0.90
CA THR A 69 7.86 3.11 0.27
C THR A 69 6.81 2.94 1.37
N VAL A 70 7.28 2.67 2.59
CA VAL A 70 6.39 2.49 3.72
C VAL A 70 5.78 3.82 4.18
N ARG A 71 6.63 4.83 4.31
CA ARG A 71 6.19 6.15 4.74
C ARG A 71 5.16 6.72 3.76
N GLU A 72 5.30 6.37 2.49
CA GLU A 72 4.38 6.85 1.46
C GLU A 72 3.07 6.07 1.50
N LEU A 73 3.16 4.79 1.88
CA LEU A 73 1.98 3.94 1.95
C LEU A 73 1.13 4.31 3.17
N VAL A 74 1.79 4.59 4.29
CA VAL A 74 1.08 4.95 5.52
C VAL A 74 0.38 6.30 5.36
N GLU A 75 0.99 7.20 4.60
CA GLU A 75 0.43 8.52 4.38
C GLU A 75 -0.77 8.45 3.43
N ALA A 76 -0.61 7.70 2.35
CA ALA A 76 -1.68 7.54 1.36
C ALA A 76 -2.93 6.94 2.00
N LEU A 77 -2.74 6.10 3.01
CA LEU A 77 -3.85 5.46 3.70
C LEU A 77 -4.59 6.46 4.56
N ARG A 78 -3.88 7.45 5.07
CA ARG A 78 -4.48 8.49 5.92
C ARG A 78 -5.25 9.49 5.07
N GLN A 79 -4.73 9.78 3.88
CA GLN A 79 -5.36 10.73 2.98
C GLN A 79 -6.75 10.24 2.55
N MET A 80 -6.89 8.92 2.46
CA MET A 80 -8.15 8.32 2.05
C MET A 80 -9.08 8.15 3.25
N GLY A 81 -8.49 7.85 4.41
CA GLY A 81 -9.28 7.67 5.61
C GLY A 81 -9.23 6.23 6.13
N TYR A 82 -8.14 5.54 5.83
CA TYR A 82 -7.98 4.15 6.27
C TYR A 82 -7.49 4.10 7.72
N THR A 83 -8.03 3.16 8.48
CA THR A 83 -7.65 3.00 9.88
C THR A 83 -7.07 1.61 10.13
N GLU A 84 -7.80 0.59 9.70
CA GLU A 84 -7.36 -0.79 9.87
C GLU A 84 -6.11 -1.08 9.03
N ALA A 85 -6.07 -0.50 7.84
CA ALA A 85 -4.94 -0.69 6.94
C ALA A 85 -3.65 -0.16 7.56
N ILE A 86 -3.72 1.03 8.15
CA ILE A 86 -2.55 1.63 8.77
C ILE A 86 -2.12 0.86 10.01
N GLU A 87 -3.09 0.23 10.68
CA GLU A 87 -2.82 -0.55 11.88
C GLU A 87 -2.03 -1.81 11.54
N VAL A 88 -2.26 -2.34 10.34
CA VAL A 88 -1.56 -3.54 9.89
C VAL A 88 -0.08 -3.26 9.64
N ILE A 89 0.21 -2.09 9.08
CA ILE A 89 1.59 -1.72 8.79
C ILE A 89 2.30 -1.23 10.05
N GLN A 90 1.54 -0.62 10.96
CA GLN A 90 2.10 -0.10 12.20
C GLN A 90 2.29 -1.23 13.21
N ALA A 91 1.35 -2.16 13.23
CA ALA A 91 1.41 -3.30 14.15
C ALA A 91 2.68 -4.12 13.92
N ALA A 92 3.14 -4.16 12.68
CA ALA A 92 4.34 -4.90 12.33
C ALA A 92 5.59 -4.04 12.50
N SER A 93 5.61 -2.89 11.82
CA SER A 93 6.74 -1.98 11.88
C SER A 93 6.70 -1.15 13.15
N SER A 94 7.80 -1.14 13.90
CA SER A 94 7.88 -0.38 15.13
C SER A 94 9.26 0.28 15.28
N SER A 95 9.42 1.09 16.32
CA SER A 95 10.67 1.78 16.58
C SER A 95 10.84 2.08 18.06
N GLY A 96 11.77 1.39 18.71
CA GLY A 96 12.01 1.60 20.12
C GLY A 96 12.76 0.45 20.76
N PRO A 97 14.07 0.32 20.49
CA PRO A 97 14.90 -0.76 21.05
C PRO A 97 14.78 -0.83 22.57
N SER A 98 14.42 -2.01 23.07
CA SER A 98 14.28 -2.21 24.51
C SER A 98 15.48 -2.94 25.07
N SER A 99 15.67 -4.19 24.66
CA SER A 99 16.80 -5.00 25.12
C SER A 99 18.09 -4.58 24.43
N GLY A 100 19.21 -4.81 25.11
CA GLY A 100 20.49 -4.46 24.54
C GLY A 100 21.46 -3.92 25.58
N GLY A 1 4.49 16.97 -1.88
CA GLY A 1 4.72 15.50 -1.76
C GLY A 1 5.33 14.91 -3.02
N SER A 2 6.47 15.46 -3.44
CA SER A 2 7.15 14.99 -4.64
C SER A 2 8.51 14.39 -4.29
N SER A 3 9.24 13.96 -5.31
CA SER A 3 10.55 13.36 -5.11
C SER A 3 10.46 12.09 -4.27
N GLY A 4 11.42 11.19 -4.44
CA GLY A 4 11.42 9.95 -3.69
C GLY A 4 12.32 8.90 -4.31
N SER A 5 13.46 8.66 -3.67
CA SER A 5 14.41 7.67 -4.17
C SER A 5 14.43 6.43 -3.27
N SER A 6 14.57 5.26 -3.89
CA SER A 6 14.61 4.01 -3.15
C SER A 6 13.34 3.82 -2.34
N GLY A 7 13.27 2.72 -1.59
CA GLY A 7 12.10 2.44 -0.78
C GLY A 7 12.40 1.53 0.39
N ASP A 8 11.37 0.90 0.94
CA ASP A 8 11.54 0.00 2.07
C ASP A 8 10.29 -0.86 2.27
N MET A 9 9.92 -1.61 1.25
CA MET A 9 8.75 -2.47 1.31
C MET A 9 9.13 -3.91 1.66
N LYS A 10 10.37 -4.27 1.37
CA LYS A 10 10.86 -5.62 1.64
C LYS A 10 10.70 -5.96 3.12
N GLN A 11 10.79 -4.95 3.98
CA GLN A 11 10.65 -5.14 5.42
C GLN A 11 9.23 -5.59 5.77
N LEU A 12 8.26 -5.07 5.04
CA LEU A 12 6.86 -5.41 5.28
C LEU A 12 6.62 -6.91 5.04
N ALA A 13 5.87 -7.53 5.94
CA ALA A 13 5.55 -8.95 5.83
C ALA A 13 4.43 -9.19 4.82
N GLU A 14 4.44 -10.37 4.20
CA GLU A 14 3.42 -10.72 3.23
C GLU A 14 2.03 -10.70 3.85
N ASP A 15 1.94 -11.15 5.11
CA ASP A 15 0.67 -11.17 5.82
C ASP A 15 0.09 -9.77 5.96
N VAL A 16 0.98 -8.78 6.05
CA VAL A 16 0.56 -7.40 6.20
C VAL A 16 -0.06 -6.88 4.91
N LYS A 17 0.69 -6.99 3.82
CA LYS A 17 0.20 -6.52 2.51
C LYS A 17 -0.98 -7.35 2.04
N LEU A 18 -1.02 -8.62 2.46
CA LEU A 18 -2.11 -9.52 2.07
C LEU A 18 -3.45 -8.98 2.56
N GLN A 19 -3.46 -8.45 3.78
CA GLN A 19 -4.68 -7.91 4.36
C GLN A 19 -5.09 -6.61 3.67
N LEU A 20 -4.11 -5.87 3.19
CA LEU A 20 -4.38 -4.60 2.51
C LEU A 20 -5.23 -4.83 1.27
N TYR A 21 -5.04 -5.97 0.62
CA TYR A 21 -5.80 -6.31 -0.58
C TYR A 21 -7.29 -6.41 -0.27
N LYS A 22 -7.62 -7.05 0.84
CA LYS A 22 -9.01 -7.22 1.25
C LYS A 22 -9.64 -5.86 1.58
N LEU A 23 -8.85 -4.98 2.18
CA LEU A 23 -9.33 -3.65 2.55
C LEU A 23 -9.66 -2.83 1.30
N LEU A 24 -8.71 -2.75 0.39
CA LEU A 24 -8.89 -2.00 -0.85
C LEU A 24 -9.98 -2.63 -1.72
N GLU A 25 -10.15 -3.94 -1.59
CA GLU A 25 -11.15 -4.66 -2.37
C GLU A 25 -12.55 -4.11 -2.10
N ILE A 26 -12.74 -3.53 -0.91
CA ILE A 26 -14.03 -2.97 -0.54
C ILE A 26 -14.43 -1.84 -1.49
N PRO A 27 -15.64 -1.90 -2.07
CA PRO A 27 -16.13 -0.88 -2.99
C PRO A 27 -16.57 0.40 -2.27
N ASP A 28 -15.63 1.01 -1.56
CA ASP A 28 -15.93 2.24 -0.82
C ASP A 28 -15.15 3.43 -1.40
N PRO A 29 -15.76 4.63 -1.39
CA PRO A 29 -15.11 5.84 -1.92
C PRO A 29 -13.73 6.07 -1.31
N ASP A 30 -13.66 6.09 0.02
CA ASP A 30 -12.40 6.31 0.71
C ASP A 30 -11.85 4.99 1.25
N LYS A 31 -11.98 3.93 0.46
CA LYS A 31 -11.49 2.62 0.85
C LYS A 31 -11.42 1.67 -0.35
N ASN A 32 -11.12 2.24 -1.51
CA ASN A 32 -11.02 1.45 -2.73
C ASN A 32 -9.58 1.36 -3.21
N TRP A 33 -9.28 0.34 -4.00
CA TRP A 33 -7.94 0.14 -4.53
C TRP A 33 -7.60 1.21 -5.56
N ALA A 34 -8.60 1.63 -6.32
CA ALA A 34 -8.40 2.65 -7.35
C ALA A 34 -8.02 3.99 -6.72
N THR A 35 -8.63 4.29 -5.59
CA THR A 35 -8.35 5.55 -4.89
C THR A 35 -6.91 5.59 -4.40
N LEU A 36 -6.42 4.46 -3.90
CA LEU A 36 -5.06 4.36 -3.40
C LEU A 36 -4.05 4.57 -4.52
N ALA A 37 -4.42 4.15 -5.72
CA ALA A 37 -3.55 4.29 -6.89
C ALA A 37 -3.22 5.75 -7.16
N GLN A 38 -4.19 6.62 -6.94
CA GLN A 38 -4.00 8.05 -7.15
C GLN A 38 -3.04 8.64 -6.12
N LYS A 39 -3.27 8.29 -4.86
CA LYS A 39 -2.43 8.79 -3.77
C LYS A 39 -1.00 8.27 -3.91
N LEU A 40 -0.86 6.97 -4.08
CA LEU A 40 0.45 6.34 -4.24
C LEU A 40 1.17 6.89 -5.46
N GLY A 41 0.72 6.50 -6.64
CA GLY A 41 1.33 6.96 -7.87
C GLY A 41 1.16 5.98 -9.01
N LEU A 42 -0.04 5.45 -9.16
CA LEU A 42 -0.33 4.49 -10.22
C LEU A 42 -1.70 4.76 -10.83
N GLY A 43 -2.09 6.03 -10.85
CA GLY A 43 -3.38 6.40 -11.42
C GLY A 43 -3.46 6.14 -12.91
N ILE A 44 -2.31 6.19 -13.58
CA ILE A 44 -2.25 5.96 -15.01
C ILE A 44 -2.40 4.48 -15.33
N LEU A 45 -1.94 3.62 -14.42
CA LEU A 45 -2.03 2.19 -14.60
C LEU A 45 -3.21 1.60 -13.83
N ASN A 46 -4.24 2.41 -13.65
CA ASN A 46 -5.44 1.99 -12.93
C ASN A 46 -6.28 1.04 -13.79
N ASN A 47 -6.27 1.29 -15.09
CA ASN A 47 -7.03 0.46 -16.03
C ASN A 47 -6.43 -0.94 -16.14
N ALA A 48 -5.11 -1.02 -15.97
CA ALA A 48 -4.40 -2.29 -16.06
C ALA A 48 -4.74 -3.19 -14.87
N PHE A 49 -5.02 -2.56 -13.73
CA PHE A 49 -5.35 -3.30 -12.52
C PHE A 49 -6.82 -3.72 -12.52
N ARG A 50 -7.69 -2.82 -12.97
CA ARG A 50 -9.12 -3.09 -13.02
C ARG A 50 -9.40 -4.32 -13.89
N LEU A 51 -8.60 -4.49 -14.94
CA LEU A 51 -8.77 -5.62 -15.85
C LEU A 51 -8.27 -6.92 -15.21
N SER A 52 -7.26 -6.80 -14.36
CA SER A 52 -6.70 -7.96 -13.68
C SER A 52 -7.70 -8.57 -12.72
N PRO A 53 -7.48 -9.83 -12.30
CA PRO A 53 -8.38 -10.53 -11.38
C PRO A 53 -8.38 -9.89 -9.99
N ALA A 54 -7.27 -9.27 -9.63
CA ALA A 54 -7.14 -8.61 -8.33
C ALA A 54 -6.44 -7.26 -8.45
N PRO A 55 -7.20 -6.20 -8.78
CA PRO A 55 -6.64 -4.85 -8.93
C PRO A 55 -5.83 -4.42 -7.73
N SER A 56 -6.31 -4.77 -6.53
CA SER A 56 -5.62 -4.42 -5.30
C SER A 56 -4.31 -5.20 -5.16
N LYS A 57 -4.29 -6.41 -5.70
CA LYS A 57 -3.10 -7.26 -5.63
C LYS A 57 -2.07 -6.83 -6.67
N THR A 58 -2.55 -6.30 -7.79
CA THR A 58 -1.67 -5.85 -8.85
C THR A 58 -1.04 -4.50 -8.51
N LEU A 59 -1.75 -3.71 -7.72
CA LEU A 59 -1.26 -2.39 -7.32
C LEU A 59 0.08 -2.50 -6.58
N MET A 60 0.09 -3.30 -5.53
CA MET A 60 1.31 -3.50 -4.74
C MET A 60 2.44 -4.04 -5.60
N ASP A 61 2.08 -4.81 -6.62
CA ASP A 61 3.08 -5.38 -7.52
C ASP A 61 3.71 -4.31 -8.40
N ASN A 62 2.94 -3.27 -8.70
CA ASN A 62 3.43 -2.17 -9.52
C ASN A 62 4.15 -1.13 -8.67
N TYR A 63 3.71 -0.96 -7.43
CA TYR A 63 4.31 -0.01 -6.51
C TYR A 63 5.69 -0.47 -6.07
N GLU A 64 5.82 -1.77 -5.81
CA GLU A 64 7.09 -2.34 -5.37
C GLU A 64 8.15 -2.19 -6.46
N VAL A 65 7.76 -2.44 -7.70
CA VAL A 65 8.68 -2.33 -8.83
C VAL A 65 9.21 -0.91 -8.97
N SER A 66 8.40 0.07 -8.56
CA SER A 66 8.79 1.46 -8.65
C SER A 66 9.31 1.97 -7.31
N GLY A 67 9.99 1.08 -6.59
CA GLY A 67 10.54 1.45 -5.29
C GLY A 67 9.67 1.01 -4.14
N GLY A 68 8.57 1.72 -3.92
CA GLY A 68 7.66 1.39 -2.84
C GLY A 68 8.25 1.66 -1.47
N THR A 69 7.67 2.62 -0.76
CA THR A 69 8.15 2.98 0.57
C THR A 69 7.03 2.92 1.59
N VAL A 70 7.36 2.51 2.81
CA VAL A 70 6.37 2.40 3.88
C VAL A 70 5.80 3.77 4.23
N ARG A 71 6.65 4.79 4.16
CA ARG A 71 6.24 6.15 4.48
C ARG A 71 5.11 6.61 3.57
N GLU A 72 5.22 6.24 2.30
CA GLU A 72 4.20 6.62 1.31
C GLU A 72 2.96 5.75 1.46
N LEU A 73 3.15 4.51 1.88
CA LEU A 73 2.04 3.58 2.07
C LEU A 73 1.16 4.03 3.24
N VAL A 74 1.79 4.32 4.37
CA VAL A 74 1.07 4.75 5.56
C VAL A 74 0.47 6.13 5.36
N GLU A 75 1.14 6.96 4.57
CA GLU A 75 0.67 8.31 4.29
C GLU A 75 -0.60 8.29 3.44
N ALA A 76 -0.57 7.50 2.36
CA ALA A 76 -1.71 7.39 1.47
C ALA A 76 -2.95 6.90 2.22
N LEU A 77 -2.76 5.91 3.07
CA LEU A 77 -3.86 5.36 3.86
C LEU A 77 -4.44 6.40 4.80
N ARG A 78 -3.60 7.34 5.23
CA ARG A 78 -4.04 8.40 6.13
C ARG A 78 -4.84 9.46 5.38
N GLN A 79 -4.49 9.66 4.11
CA GLN A 79 -5.17 10.65 3.28
C GLN A 79 -6.56 10.18 2.91
N MET A 80 -6.70 8.88 2.68
CA MET A 80 -7.98 8.29 2.31
C MET A 80 -8.88 8.12 3.53
N GLY A 81 -8.27 7.81 4.66
CA GLY A 81 -9.02 7.62 5.89
C GLY A 81 -8.97 6.19 6.39
N TYR A 82 -7.90 5.48 6.05
CA TYR A 82 -7.73 4.09 6.47
C TYR A 82 -7.20 4.02 7.89
N THR A 83 -7.89 3.26 8.74
CA THR A 83 -7.49 3.11 10.13
C THR A 83 -6.94 1.71 10.38
N GLU A 84 -7.57 0.70 9.77
CA GLU A 84 -7.14 -0.68 9.93
C GLU A 84 -5.89 -0.96 9.10
N ALA A 85 -5.84 -0.39 7.90
CA ALA A 85 -4.71 -0.58 7.01
C ALA A 85 -3.41 -0.10 7.65
N ILE A 86 -3.49 0.99 8.41
CA ILE A 86 -2.33 1.55 9.08
C ILE A 86 -1.93 0.71 10.28
N GLU A 87 -2.94 0.11 10.93
CA GLU A 87 -2.69 -0.73 12.10
C GLU A 87 -1.88 -1.97 11.72
N VAL A 88 -2.17 -2.52 10.54
CA VAL A 88 -1.48 -3.71 10.07
C VAL A 88 0.01 -3.45 9.89
N ILE A 89 0.35 -2.22 9.50
CA ILE A 89 1.74 -1.84 9.29
C ILE A 89 2.38 -1.39 10.60
N GLN A 90 1.59 -0.80 11.49
CA GLN A 90 2.08 -0.34 12.77
C GLN A 90 2.24 -1.50 13.75
N ALA A 91 1.28 -2.42 13.72
CA ALA A 91 1.32 -3.58 14.60
C ALA A 91 2.47 -4.51 14.23
N ALA A 92 2.79 -4.57 12.95
CA ALA A 92 3.88 -5.43 12.47
C ALA A 92 5.24 -4.88 12.91
N SER A 93 5.37 -3.56 12.90
CA SER A 93 6.62 -2.92 13.29
C SER A 93 6.79 -2.93 14.81
N SER A 94 8.01 -3.17 15.26
CA SER A 94 8.31 -3.21 16.69
C SER A 94 9.81 -3.14 16.94
N SER A 95 10.48 -2.26 16.21
CA SER A 95 11.92 -2.08 16.36
C SER A 95 12.28 -1.60 17.76
N GLY A 96 13.16 -2.34 18.42
CA GLY A 96 13.57 -1.96 19.76
C GLY A 96 14.73 -2.81 20.27
N PRO A 97 15.01 -2.76 21.59
CA PRO A 97 16.10 -3.53 22.18
C PRO A 97 15.82 -5.03 22.18
N SER A 98 14.62 -5.41 22.59
CA SER A 98 14.22 -6.81 22.64
C SER A 98 12.75 -6.98 22.25
N SER A 99 12.27 -6.10 21.37
CA SER A 99 10.89 -6.15 20.92
C SER A 99 10.79 -6.71 19.50
N GLY A 100 11.76 -6.33 18.66
CA GLY A 100 11.77 -6.81 17.29
C GLY A 100 13.14 -7.26 16.84
N GLY A 1 19.90 -0.12 -14.29
CA GLY A 1 20.77 -1.07 -15.02
C GLY A 1 20.36 -2.51 -14.83
N SER A 2 20.46 -3.00 -13.59
CA SER A 2 20.08 -4.37 -13.28
C SER A 2 19.55 -4.48 -11.85
N SER A 3 20.27 -3.88 -10.91
CA SER A 3 19.87 -3.90 -9.51
C SER A 3 18.51 -3.26 -9.32
N GLY A 4 17.65 -3.94 -8.56
CA GLY A 4 16.31 -3.41 -8.31
C GLY A 4 15.94 -3.45 -6.84
N SER A 5 16.78 -2.83 -6.01
CA SER A 5 16.53 -2.79 -4.57
C SER A 5 16.45 -1.35 -4.08
N SER A 6 15.27 -0.97 -3.58
CA SER A 6 15.05 0.38 -3.08
C SER A 6 13.84 0.42 -2.16
N GLY A 7 13.86 1.33 -1.20
CA GLY A 7 12.76 1.46 -0.27
C GLY A 7 12.82 0.46 0.87
N ASP A 8 11.78 0.41 1.68
CA ASP A 8 11.73 -0.52 2.80
C ASP A 8 10.41 -1.29 2.82
N MET A 9 10.08 -1.89 1.69
CA MET A 9 8.84 -2.66 1.57
C MET A 9 9.12 -4.16 1.72
N LYS A 10 10.31 -4.58 1.32
CA LYS A 10 10.69 -5.99 1.40
C LYS A 10 10.63 -6.47 2.85
N GLN A 11 10.92 -5.58 3.79
CA GLN A 11 10.89 -5.92 5.21
C GLN A 11 9.51 -6.38 5.62
N LEU A 12 8.48 -5.84 4.97
CA LEU A 12 7.10 -6.20 5.28
C LEU A 12 6.78 -7.62 4.82
N ALA A 13 6.02 -8.34 5.63
CA ALA A 13 5.65 -9.71 5.29
C ALA A 13 4.41 -9.74 4.39
N GLU A 14 4.30 -10.79 3.59
CA GLU A 14 3.16 -10.94 2.68
C GLU A 14 1.84 -10.94 3.45
N ASP A 15 1.88 -11.46 4.67
CA ASP A 15 0.69 -11.52 5.50
C ASP A 15 0.19 -10.12 5.83
N VAL A 16 1.11 -9.17 5.92
CA VAL A 16 0.76 -7.79 6.22
C VAL A 16 0.00 -7.14 5.06
N LYS A 17 0.52 -7.34 3.85
CA LYS A 17 -0.09 -6.78 2.65
C LYS A 17 -1.31 -7.60 2.23
N LEU A 18 -1.31 -8.88 2.60
CA LEU A 18 -2.43 -9.77 2.27
C LEU A 18 -3.75 -9.22 2.77
N GLN A 19 -3.70 -8.51 3.89
CA GLN A 19 -4.90 -7.92 4.49
C GLN A 19 -5.32 -6.67 3.74
N LEU A 20 -4.35 -5.96 3.18
CA LEU A 20 -4.62 -4.74 2.43
C LEU A 20 -5.52 -5.01 1.23
N TYR A 21 -5.40 -6.22 0.68
CA TYR A 21 -6.20 -6.61 -0.47
C TYR A 21 -7.68 -6.69 -0.11
N LYS A 22 -7.96 -7.02 1.14
CA LYS A 22 -9.33 -7.14 1.61
C LYS A 22 -9.95 -5.76 1.83
N LEU A 23 -9.16 -4.85 2.38
CA LEU A 23 -9.63 -3.48 2.63
C LEU A 23 -9.93 -2.75 1.33
N LEU A 24 -8.94 -2.67 0.46
CA LEU A 24 -9.09 -2.00 -0.83
C LEU A 24 -10.21 -2.63 -1.65
N GLU A 25 -10.49 -3.90 -1.39
CA GLU A 25 -11.55 -4.61 -2.10
C GLU A 25 -12.89 -3.90 -1.94
N ILE A 26 -13.04 -3.16 -0.85
CA ILE A 26 -14.28 -2.44 -0.58
C ILE A 26 -14.56 -1.41 -1.67
N PRO A 27 -15.66 -1.57 -2.43
CA PRO A 27 -16.03 -0.64 -3.50
C PRO A 27 -16.56 0.69 -2.97
N ASP A 28 -15.71 1.40 -2.23
CA ASP A 28 -16.09 2.68 -1.65
C ASP A 28 -15.28 3.82 -2.27
N PRO A 29 -15.84 5.05 -2.29
CA PRO A 29 -15.16 6.21 -2.85
C PRO A 29 -13.92 6.60 -2.04
N ASP A 30 -13.92 6.26 -0.76
CA ASP A 30 -12.79 6.57 0.12
C ASP A 30 -12.25 5.31 0.79
N LYS A 31 -12.37 4.18 0.10
CA LYS A 31 -11.90 2.91 0.64
C LYS A 31 -11.78 1.87 -0.48
N ASN A 32 -11.31 2.31 -1.64
CA ASN A 32 -11.14 1.41 -2.78
C ASN A 32 -9.69 1.38 -3.25
N TRP A 33 -9.33 0.34 -3.99
CA TRP A 33 -7.98 0.19 -4.50
C TRP A 33 -7.62 1.34 -5.45
N ALA A 34 -8.57 1.71 -6.29
CA ALA A 34 -8.36 2.79 -7.25
C ALA A 34 -8.02 4.10 -6.54
N THR A 35 -8.56 4.27 -5.33
CA THR A 35 -8.33 5.47 -4.55
C THR A 35 -6.89 5.50 -4.02
N LEU A 36 -6.40 4.33 -3.61
CA LEU A 36 -5.05 4.22 -3.09
C LEU A 36 -4.01 4.44 -4.18
N ALA A 37 -4.33 3.97 -5.39
CA ALA A 37 -3.42 4.12 -6.53
C ALA A 37 -3.17 5.59 -6.85
N GLN A 38 -4.18 6.42 -6.59
CA GLN A 38 -4.07 7.85 -6.85
C GLN A 38 -3.18 8.53 -5.81
N LYS A 39 -3.16 7.98 -4.60
CA LYS A 39 -2.36 8.53 -3.52
C LYS A 39 -0.92 8.01 -3.59
N LEU A 40 -0.78 6.72 -3.89
CA LEU A 40 0.54 6.10 -3.98
C LEU A 40 1.31 6.62 -5.19
N GLY A 41 0.57 6.91 -6.26
CA GLY A 41 1.20 7.42 -7.47
C GLY A 41 1.12 6.44 -8.63
N LEU A 42 0.10 5.58 -8.60
CA LEU A 42 -0.08 4.59 -9.65
C LEU A 42 -1.45 4.76 -10.31
N GLY A 43 -1.95 5.99 -10.32
CA GLY A 43 -3.24 6.26 -10.92
C GLY A 43 -3.21 6.16 -12.44
N ILE A 44 -2.04 6.42 -13.02
CA ILE A 44 -1.87 6.36 -14.47
C ILE A 44 -2.09 4.93 -14.99
N LEU A 45 -1.80 3.95 -14.15
CA LEU A 45 -1.96 2.55 -14.52
C LEU A 45 -3.19 1.94 -13.84
N ASN A 46 -4.22 2.75 -13.66
CA ASN A 46 -5.44 2.30 -13.01
C ASN A 46 -6.11 1.19 -13.83
N ASN A 47 -6.31 1.45 -15.12
CA ASN A 47 -6.92 0.47 -16.00
C ASN A 47 -6.11 -0.82 -16.05
N ALA A 48 -4.81 -0.70 -15.87
CA ALA A 48 -3.92 -1.86 -15.90
C ALA A 48 -4.27 -2.83 -14.76
N PHE A 49 -4.71 -2.29 -13.64
CA PHE A 49 -5.08 -3.11 -12.48
C PHE A 49 -6.52 -3.58 -12.59
N ARG A 50 -7.38 -2.74 -13.17
CA ARG A 50 -8.79 -3.08 -13.33
C ARG A 50 -8.95 -4.34 -14.17
N LEU A 51 -8.03 -4.54 -15.10
CA LEU A 51 -8.08 -5.71 -15.99
C LEU A 51 -7.76 -6.98 -15.21
N SER A 52 -6.84 -6.87 -14.25
CA SER A 52 -6.44 -8.01 -13.44
C SER A 52 -7.56 -8.42 -12.49
N PRO A 53 -7.61 -9.71 -12.12
CA PRO A 53 -8.64 -10.24 -11.21
C PRO A 53 -8.73 -9.43 -9.92
N ALA A 54 -7.58 -9.16 -9.32
CA ALA A 54 -7.53 -8.39 -8.08
C ALA A 54 -6.68 -7.13 -8.24
N PRO A 55 -7.30 -6.03 -8.71
CA PRO A 55 -6.59 -4.76 -8.91
C PRO A 55 -5.82 -4.32 -7.67
N SER A 56 -6.28 -4.75 -6.50
CA SER A 56 -5.63 -4.40 -5.24
C SER A 56 -4.30 -5.14 -5.11
N LYS A 57 -4.27 -6.38 -5.57
CA LYS A 57 -3.06 -7.19 -5.50
C LYS A 57 -2.03 -6.73 -6.53
N THR A 58 -2.50 -6.50 -7.75
CA THR A 58 -1.62 -6.06 -8.83
C THR A 58 -1.00 -4.71 -8.51
N LEU A 59 -1.72 -3.89 -7.76
CA LEU A 59 -1.25 -2.56 -7.38
C LEU A 59 0.05 -2.67 -6.56
N MET A 60 0.04 -3.58 -5.59
CA MET A 60 1.20 -3.79 -4.74
C MET A 60 2.40 -4.29 -5.54
N ASP A 61 2.12 -5.05 -6.60
CA ASP A 61 3.16 -5.59 -7.45
C ASP A 61 3.83 -4.49 -8.26
N ASN A 62 3.05 -3.48 -8.63
CA ASN A 62 3.58 -2.36 -9.40
C ASN A 62 4.25 -1.33 -8.50
N TYR A 63 3.68 -1.14 -7.31
CA TYR A 63 4.22 -0.19 -6.34
C TYR A 63 5.62 -0.61 -5.89
N GLU A 64 5.81 -1.91 -5.73
CA GLU A 64 7.10 -2.44 -5.30
C GLU A 64 8.16 -2.22 -6.37
N VAL A 65 7.78 -2.43 -7.62
CA VAL A 65 8.71 -2.26 -8.74
C VAL A 65 9.13 -0.81 -8.88
N SER A 66 8.29 0.11 -8.40
CA SER A 66 8.58 1.54 -8.47
C SER A 66 9.21 2.04 -7.18
N GLY A 67 10.04 1.19 -6.56
CA GLY A 67 10.68 1.57 -5.32
C GLY A 67 9.94 1.06 -4.10
N GLY A 68 8.76 1.60 -3.87
CA GLY A 68 7.97 1.18 -2.72
C GLY A 68 8.47 1.78 -1.42
N THR A 69 7.54 2.28 -0.61
CA THR A 69 7.90 2.88 0.67
C THR A 69 6.80 2.65 1.71
N VAL A 70 7.18 2.70 2.98
CA VAL A 70 6.23 2.49 4.06
C VAL A 70 5.59 3.80 4.49
N ARG A 71 6.39 4.87 4.52
CA ARG A 71 5.90 6.18 4.91
C ARG A 71 4.83 6.66 3.94
N GLU A 72 4.98 6.31 2.67
CA GLU A 72 4.02 6.71 1.64
C GLU A 72 2.71 5.95 1.80
N LEU A 73 2.81 4.65 2.07
CA LEU A 73 1.63 3.81 2.24
C LEU A 73 0.81 4.26 3.45
N VAL A 74 1.51 4.62 4.53
CA VAL A 74 0.86 5.09 5.75
C VAL A 74 0.19 6.43 5.54
N GLU A 75 0.78 7.25 4.66
CA GLU A 75 0.23 8.57 4.37
C GLU A 75 -0.98 8.48 3.46
N ALA A 76 -0.87 7.66 2.41
CA ALA A 76 -1.96 7.48 1.46
C ALA A 76 -3.22 6.95 2.16
N LEU A 77 -3.02 6.18 3.21
CA LEU A 77 -4.13 5.61 3.97
C LEU A 77 -4.80 6.67 4.83
N ARG A 78 -4.02 7.66 5.26
CA ARG A 78 -4.53 8.74 6.10
C ARG A 78 -5.33 9.73 5.26
N GLN A 79 -4.95 9.88 4.00
CA GLN A 79 -5.63 10.80 3.10
C GLN A 79 -6.98 10.23 2.67
N MET A 80 -7.06 8.91 2.57
CA MET A 80 -8.30 8.25 2.18
C MET A 80 -9.23 8.07 3.36
N GLY A 81 -8.66 7.84 4.54
CA GLY A 81 -9.46 7.66 5.73
C GLY A 81 -9.35 6.25 6.29
N TYR A 82 -8.24 5.58 6.01
CA TYR A 82 -8.02 4.23 6.49
C TYR A 82 -7.36 4.23 7.87
N THR A 83 -7.84 3.36 8.75
CA THR A 83 -7.30 3.27 10.10
C THR A 83 -6.74 1.88 10.38
N GLU A 84 -7.47 0.86 9.92
CA GLU A 84 -7.04 -0.52 10.11
C GLU A 84 -5.84 -0.85 9.23
N ALA A 85 -5.89 -0.40 7.99
CA ALA A 85 -4.81 -0.65 7.04
C ALA A 85 -3.49 -0.08 7.55
N ILE A 86 -3.56 1.08 8.19
CA ILE A 86 -2.37 1.74 8.72
C ILE A 86 -1.77 0.92 9.87
N GLU A 87 -2.62 0.40 10.73
CA GLU A 87 -2.18 -0.41 11.86
C GLU A 87 -1.44 -1.65 11.39
N VAL A 88 -1.90 -2.23 10.30
CA VAL A 88 -1.29 -3.43 9.74
C VAL A 88 0.15 -3.16 9.31
N ILE A 89 0.39 -1.95 8.80
CA ILE A 89 1.73 -1.57 8.35
C ILE A 89 2.62 -1.18 9.52
N GLN A 90 2.10 -0.32 10.39
CA GLN A 90 2.85 0.13 11.56
C GLN A 90 3.18 -1.04 12.48
N ALA A 91 2.29 -2.04 12.51
CA ALA A 91 2.48 -3.21 13.35
C ALA A 91 3.76 -3.94 12.98
N ALA A 92 4.09 -3.93 11.69
CA ALA A 92 5.30 -4.60 11.21
C ALA A 92 6.44 -3.60 11.02
N SER A 93 6.29 -2.73 10.04
CA SER A 93 7.31 -1.72 9.75
C SER A 93 7.45 -0.75 10.91
N SER A 94 8.49 0.09 10.85
CA SER A 94 8.74 1.07 11.90
C SER A 94 8.99 0.39 13.24
N SER A 95 10.26 0.22 13.59
CA SER A 95 10.63 -0.42 14.85
C SER A 95 12.08 -0.14 15.19
N GLY A 96 12.41 -0.23 16.47
CA GLY A 96 13.77 0.02 16.92
C GLY A 96 13.85 1.00 18.07
N PRO A 97 13.62 2.30 17.81
CA PRO A 97 13.65 3.33 18.85
C PRO A 97 12.50 3.21 19.84
N SER A 98 11.29 3.03 19.31
CA SER A 98 10.11 2.90 20.13
C SER A 98 9.07 1.99 19.46
N SER A 99 7.99 1.71 20.19
CA SER A 99 6.93 0.86 19.67
C SER A 99 7.46 -0.54 19.34
N GLY A 100 7.48 -1.40 20.35
CA GLY A 100 7.97 -2.76 20.16
C GLY A 100 9.47 -2.86 20.31
N GLY A 1 6.93 16.12 -5.20
CA GLY A 1 8.32 16.65 -5.27
C GLY A 1 9.16 16.21 -4.08
N SER A 2 9.49 14.93 -4.04
CA SER A 2 10.29 14.37 -2.94
C SER A 2 11.41 13.49 -3.48
N SER A 3 12.21 12.92 -2.58
CA SER A 3 13.32 12.07 -2.96
C SER A 3 12.84 10.62 -3.12
N GLY A 4 13.60 9.83 -3.88
CA GLY A 4 13.25 8.44 -4.08
C GLY A 4 14.38 7.64 -4.71
N SER A 5 14.83 6.61 -4.00
CA SER A 5 15.91 5.77 -4.50
C SER A 5 15.50 4.30 -4.52
N SER A 6 15.30 3.73 -3.33
CA SER A 6 14.90 2.33 -3.21
C SER A 6 13.59 2.21 -2.45
N GLY A 7 13.00 1.02 -2.48
CA GLY A 7 11.74 0.78 -1.78
C GLY A 7 11.91 -0.11 -0.57
N ASP A 8 11.17 0.21 0.49
CA ASP A 8 11.24 -0.57 1.72
C ASP A 8 9.95 -1.37 1.93
N MET A 9 9.53 -2.09 0.89
CA MET A 9 8.32 -2.89 0.96
C MET A 9 8.65 -4.36 1.22
N LYS A 10 9.82 -4.79 0.77
CA LYS A 10 10.25 -6.17 0.96
C LYS A 10 10.33 -6.53 2.43
N GLN A 11 10.72 -5.57 3.25
CA GLN A 11 10.83 -5.78 4.69
C GLN A 11 9.48 -6.15 5.30
N LEU A 12 8.41 -5.62 4.72
CA LEU A 12 7.06 -5.90 5.20
C LEU A 12 6.70 -7.36 4.96
N ALA A 13 6.08 -7.98 5.96
CA ALA A 13 5.67 -9.38 5.86
C ALA A 13 4.61 -9.57 4.78
N GLU A 14 4.56 -10.77 4.21
CA GLU A 14 3.58 -11.07 3.17
C GLU A 14 2.17 -10.94 3.70
N ASP A 15 1.96 -11.33 4.95
CA ASP A 15 0.64 -11.26 5.57
C ASP A 15 0.20 -9.80 5.73
N VAL A 16 1.17 -8.91 5.93
CA VAL A 16 0.87 -7.50 6.10
C VAL A 16 0.21 -6.93 4.85
N LYS A 17 0.79 -7.24 3.68
CA LYS A 17 0.25 -6.76 2.42
C LYS A 17 -1.02 -7.51 2.04
N LEU A 18 -1.12 -8.76 2.48
CA LEU A 18 -2.29 -9.59 2.18
C LEU A 18 -3.56 -8.96 2.74
N GLN A 19 -3.45 -8.38 3.94
CA GLN A 19 -4.59 -7.74 4.58
C GLN A 19 -4.99 -6.47 3.84
N LEU A 20 -4.02 -5.80 3.26
CA LEU A 20 -4.27 -4.56 2.52
C LEU A 20 -5.24 -4.80 1.36
N TYR A 21 -5.08 -5.95 0.70
CA TYR A 21 -5.95 -6.30 -0.42
C TYR A 21 -7.40 -6.40 0.02
N LYS A 22 -7.62 -7.05 1.16
CA LYS A 22 -8.98 -7.22 1.69
C LYS A 22 -9.60 -5.87 2.03
N LEU A 23 -8.76 -4.92 2.43
CA LEU A 23 -9.23 -3.59 2.78
C LEU A 23 -9.65 -2.80 1.55
N LEU A 24 -8.76 -2.78 0.55
CA LEU A 24 -9.03 -2.07 -0.70
C LEU A 24 -10.16 -2.73 -1.47
N GLU A 25 -10.34 -4.04 -1.27
CA GLU A 25 -11.39 -4.78 -1.95
C GLU A 25 -12.76 -4.15 -1.71
N ILE A 26 -12.89 -3.46 -0.58
CA ILE A 26 -14.16 -2.83 -0.22
C ILE A 26 -14.54 -1.75 -1.24
N PRO A 27 -15.73 -1.87 -1.86
CA PRO A 27 -16.20 -0.90 -2.86
C PRO A 27 -16.65 0.41 -2.23
N ASP A 28 -15.72 1.08 -1.56
CA ASP A 28 -16.03 2.36 -0.91
C ASP A 28 -15.33 3.51 -1.62
N PRO A 29 -15.91 4.72 -1.55
CA PRO A 29 -15.34 5.91 -2.19
C PRO A 29 -14.05 6.36 -1.52
N ASP A 30 -13.92 6.07 -0.23
CA ASP A 30 -12.74 6.46 0.54
C ASP A 30 -12.05 5.24 1.13
N LYS A 31 -12.16 4.11 0.43
CA LYS A 31 -11.54 2.86 0.88
C LYS A 31 -11.45 1.86 -0.26
N ASN A 32 -11.08 2.34 -1.44
CA ASN A 32 -10.95 1.48 -2.61
C ASN A 32 -9.51 1.45 -3.10
N TRP A 33 -9.17 0.42 -3.88
CA TRP A 33 -7.83 0.27 -4.42
C TRP A 33 -7.52 1.37 -5.43
N ALA A 34 -8.51 1.73 -6.22
CA ALA A 34 -8.35 2.77 -7.24
C ALA A 34 -7.95 4.10 -6.60
N THR A 35 -8.61 4.43 -5.49
CA THR A 35 -8.33 5.68 -4.78
C THR A 35 -6.89 5.69 -4.26
N LEU A 36 -6.44 4.54 -3.75
CA LEU A 36 -5.09 4.43 -3.21
C LEU A 36 -4.05 4.52 -4.33
N ALA A 37 -4.42 4.02 -5.50
CA ALA A 37 -3.53 4.04 -6.66
C ALA A 37 -3.17 5.48 -7.06
N GLN A 38 -4.12 6.38 -6.86
CA GLN A 38 -3.92 7.79 -7.20
C GLN A 38 -3.08 8.48 -6.14
N LYS A 39 -3.25 8.07 -4.89
CA LYS A 39 -2.51 8.65 -3.77
C LYS A 39 -1.04 8.27 -3.85
N LEU A 40 -0.76 6.97 -3.97
CA LEU A 40 0.61 6.48 -4.04
C LEU A 40 1.32 7.06 -5.27
N GLY A 41 0.88 6.65 -6.45
CA GLY A 41 1.49 7.13 -7.67
C GLY A 41 1.33 6.16 -8.83
N LEU A 42 0.11 5.67 -9.01
CA LEU A 42 -0.18 4.73 -10.08
C LEU A 42 -1.57 4.98 -10.66
N GLY A 43 -2.01 6.23 -10.64
CA GLY A 43 -3.30 6.58 -11.17
C GLY A 43 -3.41 6.36 -12.67
N ILE A 44 -2.27 6.49 -13.35
CA ILE A 44 -2.24 6.31 -14.80
C ILE A 44 -2.45 4.84 -15.17
N LEU A 45 -2.02 3.95 -14.30
CA LEU A 45 -2.16 2.51 -14.54
C LEU A 45 -3.33 1.94 -13.75
N ASN A 46 -4.35 2.77 -13.52
CA ASN A 46 -5.53 2.36 -12.78
C ASN A 46 -6.34 1.32 -13.58
N ASN A 47 -6.39 1.52 -14.89
CA ASN A 47 -7.13 0.62 -15.76
C ASN A 47 -6.42 -0.73 -15.87
N ALA A 48 -5.09 -0.68 -15.84
CA ALA A 48 -4.29 -1.91 -15.93
C ALA A 48 -4.59 -2.86 -14.78
N PHE A 49 -4.90 -2.29 -13.62
CA PHE A 49 -5.21 -3.09 -12.44
C PHE A 49 -6.65 -3.58 -12.47
N ARG A 50 -7.54 -2.73 -13.00
CA ARG A 50 -8.96 -3.07 -13.10
C ARG A 50 -9.16 -4.33 -13.92
N LEU A 51 -8.42 -4.44 -15.01
CA LEU A 51 -8.52 -5.60 -15.89
C LEU A 51 -8.00 -6.85 -15.18
N SER A 52 -7.03 -6.68 -14.31
CA SER A 52 -6.46 -7.80 -13.57
C SER A 52 -7.48 -8.41 -12.62
N PRO A 53 -7.26 -9.67 -12.21
CA PRO A 53 -8.17 -10.37 -11.29
C PRO A 53 -8.20 -9.72 -9.91
N ALA A 54 -7.07 -9.16 -9.50
CA ALA A 54 -6.98 -8.50 -8.20
C ALA A 54 -6.26 -7.17 -8.31
N PRO A 55 -7.01 -6.10 -8.64
CA PRO A 55 -6.45 -4.75 -8.77
C PRO A 55 -5.64 -4.32 -7.55
N SER A 56 -6.02 -4.85 -6.40
CA SER A 56 -5.34 -4.52 -5.14
C SER A 56 -4.01 -5.26 -5.04
N LYS A 57 -3.94 -6.45 -5.63
CA LYS A 57 -2.73 -7.25 -5.62
C LYS A 57 -1.73 -6.75 -6.65
N THR A 58 -2.23 -6.40 -7.83
CA THR A 58 -1.37 -5.89 -8.90
C THR A 58 -0.79 -4.53 -8.55
N LEU A 59 -1.54 -3.76 -7.77
CA LEU A 59 -1.09 -2.43 -7.35
C LEU A 59 0.21 -2.51 -6.56
N MET A 60 0.20 -3.30 -5.50
CA MET A 60 1.37 -3.47 -4.66
C MET A 60 2.55 -4.02 -5.46
N ASP A 61 2.23 -4.84 -6.46
CA ASP A 61 3.26 -5.43 -7.31
C ASP A 61 3.89 -4.39 -8.21
N ASN A 62 3.12 -3.39 -8.60
CA ASN A 62 3.60 -2.32 -9.47
C ASN A 62 4.34 -1.26 -8.66
N TYR A 63 3.77 -0.90 -7.51
CA TYR A 63 4.37 0.11 -6.65
C TYR A 63 5.68 -0.39 -6.06
N GLU A 64 5.75 -1.69 -5.79
CA GLU A 64 6.94 -2.30 -5.21
C GLU A 64 8.11 -2.23 -6.20
N VAL A 65 7.82 -2.45 -7.48
CA VAL A 65 8.84 -2.42 -8.52
C VAL A 65 9.16 -0.99 -8.91
N SER A 66 8.19 -0.09 -8.76
CA SER A 66 8.37 1.31 -9.11
C SER A 66 8.70 2.14 -7.86
N GLY A 67 9.40 1.52 -6.91
CA GLY A 67 9.76 2.21 -5.69
C GLY A 67 8.68 2.14 -4.63
N GLY A 68 8.60 0.99 -3.96
CA GLY A 68 7.60 0.81 -2.93
C GLY A 68 8.15 1.08 -1.54
N THR A 69 7.55 2.05 -0.85
CA THR A 69 7.98 2.42 0.49
C THR A 69 6.82 2.35 1.47
N VAL A 70 7.14 2.33 2.76
CA VAL A 70 6.13 2.27 3.80
C VAL A 70 5.66 3.67 4.19
N ARG A 71 6.57 4.63 4.13
CA ARG A 71 6.24 6.01 4.49
C ARG A 71 5.14 6.55 3.58
N GLU A 72 5.15 6.13 2.32
CA GLU A 72 4.16 6.57 1.35
C GLU A 72 2.85 5.79 1.52
N LEU A 73 2.96 4.54 1.94
CA LEU A 73 1.80 3.69 2.14
C LEU A 73 0.96 4.19 3.32
N VAL A 74 1.63 4.52 4.43
CA VAL A 74 0.95 5.00 5.61
C VAL A 74 0.25 6.33 5.33
N GLU A 75 0.90 7.19 4.56
CA GLU A 75 0.35 8.50 4.22
C GLU A 75 -0.84 8.35 3.29
N ALA A 76 -0.70 7.50 2.28
CA ALA A 76 -1.77 7.26 1.32
C ALA A 76 -3.03 6.75 2.00
N LEU A 77 -2.83 5.97 3.07
CA LEU A 77 -3.96 5.41 3.82
C LEU A 77 -4.67 6.49 4.62
N ARG A 78 -3.91 7.46 5.12
CA ARG A 78 -4.48 8.55 5.91
C ARG A 78 -5.24 9.52 5.00
N GLN A 79 -4.76 9.69 3.78
CA GLN A 79 -5.40 10.59 2.82
C GLN A 79 -6.78 10.08 2.45
N MET A 80 -6.92 8.76 2.36
CA MET A 80 -8.20 8.15 2.01
C MET A 80 -9.09 8.01 3.23
N GLY A 81 -8.49 7.71 4.37
CA GLY A 81 -9.24 7.55 5.60
C GLY A 81 -9.20 6.13 6.14
N TYR A 82 -8.11 5.43 5.85
CA TYR A 82 -7.95 4.06 6.31
C TYR A 82 -7.45 4.02 7.76
N THR A 83 -7.97 3.08 8.54
CA THR A 83 -7.58 2.95 9.94
C THR A 83 -6.96 1.58 10.20
N GLU A 84 -7.61 0.53 9.69
CA GLU A 84 -7.14 -0.83 9.87
C GLU A 84 -5.90 -1.10 9.02
N ALA A 85 -5.83 -0.43 7.87
CA ALA A 85 -4.70 -0.59 6.96
C ALA A 85 -3.41 -0.10 7.60
N ILE A 86 -3.49 1.01 8.32
CA ILE A 86 -2.33 1.58 8.99
C ILE A 86 -1.90 0.72 10.17
N GLU A 87 -2.88 0.21 10.92
CA GLU A 87 -2.60 -0.63 12.07
C GLU A 87 -1.81 -1.87 11.67
N VAL A 88 -2.10 -2.38 10.49
CA VAL A 88 -1.42 -3.57 9.98
C VAL A 88 0.07 -3.33 9.82
N ILE A 89 0.44 -2.09 9.54
CA ILE A 89 1.83 -1.73 9.37
C ILE A 89 2.42 -1.17 10.66
N GLN A 90 1.60 -0.48 11.42
CA GLN A 90 2.02 0.11 12.69
C GLN A 90 2.19 -0.96 13.76
N ALA A 91 1.30 -1.94 13.75
CA ALA A 91 1.34 -3.03 14.72
C ALA A 91 2.35 -4.10 14.31
N ALA A 92 2.51 -4.27 13.00
CA ALA A 92 3.45 -5.26 12.48
C ALA A 92 4.88 -4.75 12.57
N SER A 93 5.13 -3.59 11.97
CA SER A 93 6.46 -2.99 11.98
C SER A 93 6.50 -1.77 12.89
N SER A 94 7.29 -1.85 13.95
CA SER A 94 7.42 -0.74 14.89
C SER A 94 8.88 -0.49 15.23
N SER A 95 9.56 -1.52 15.71
CA SER A 95 10.96 -1.41 16.08
C SER A 95 11.15 -0.49 17.28
N GLY A 96 11.05 0.82 17.04
CA GLY A 96 11.21 1.78 18.10
C GLY A 96 10.67 3.16 17.73
N PRO A 97 11.56 4.08 17.30
CA PRO A 97 11.15 5.43 16.92
C PRO A 97 10.45 5.46 15.56
N SER A 98 9.14 5.68 15.58
CA SER A 98 8.36 5.73 14.35
C SER A 98 7.69 7.09 14.19
N SER A 99 7.96 7.75 13.06
CA SER A 99 7.39 9.06 12.78
C SER A 99 5.99 8.93 12.21
N GLY A 100 4.99 9.37 12.98
CA GLY A 100 3.61 9.28 12.52
C GLY A 100 2.68 8.78 13.61
N GLY A 1 17.30 16.01 -6.78
CA GLY A 1 16.87 16.22 -5.36
C GLY A 1 16.18 15.01 -4.78
N SER A 2 15.96 15.01 -3.47
CA SER A 2 15.31 13.91 -2.79
C SER A 2 16.10 12.62 -2.96
N SER A 3 16.93 12.30 -1.97
CA SER A 3 17.74 11.09 -2.01
C SER A 3 16.90 9.84 -1.80
N GLY A 4 17.54 8.68 -1.80
CA GLY A 4 16.81 7.43 -1.61
C GLY A 4 16.19 6.92 -2.90
N SER A 5 16.71 5.81 -3.40
CA SER A 5 16.19 5.21 -4.64
C SER A 5 15.61 3.83 -4.37
N SER A 6 16.29 3.06 -3.53
CA SER A 6 15.85 1.71 -3.19
C SER A 6 14.53 1.75 -2.43
N GLY A 7 13.59 0.90 -2.83
CA GLY A 7 12.30 0.86 -2.18
C GLY A 7 12.38 0.33 -0.75
N ASP A 8 11.28 0.41 -0.03
CA ASP A 8 11.22 -0.06 1.35
C ASP A 8 10.00 -0.95 1.57
N MET A 9 9.72 -1.82 0.61
CA MET A 9 8.58 -2.72 0.70
C MET A 9 8.99 -4.07 1.29
N LYS A 10 10.26 -4.42 1.12
CA LYS A 10 10.78 -5.68 1.64
C LYS A 10 10.54 -5.79 3.14
N GLN A 11 10.67 -4.68 3.84
CA GLN A 11 10.47 -4.64 5.28
C GLN A 11 9.05 -5.08 5.64
N LEU A 12 8.10 -4.79 4.76
CA LEU A 12 6.71 -5.15 4.98
C LEU A 12 6.50 -6.64 4.81
N ALA A 13 6.00 -7.30 5.84
CA ALA A 13 5.74 -8.74 5.80
C ALA A 13 4.65 -9.07 4.79
N GLU A 14 4.69 -10.29 4.25
CA GLU A 14 3.71 -10.72 3.28
C GLU A 14 2.30 -10.70 3.87
N ASP A 15 2.18 -11.14 5.11
CA ASP A 15 0.89 -11.16 5.80
C ASP A 15 0.34 -9.75 5.98
N VAL A 16 1.25 -8.80 6.22
CA VAL A 16 0.86 -7.41 6.41
C VAL A 16 0.25 -6.83 5.14
N LYS A 17 0.81 -7.21 3.99
CA LYS A 17 0.33 -6.72 2.70
C LYS A 17 -0.89 -7.51 2.25
N LEU A 18 -0.95 -8.78 2.64
CA LEU A 18 -2.06 -9.65 2.27
C LEU A 18 -3.37 -9.09 2.80
N GLN A 19 -3.35 -8.55 4.01
CA GLN A 19 -4.54 -7.99 4.64
C GLN A 19 -4.96 -6.71 3.94
N LEU A 20 -3.98 -5.98 3.41
CA LEU A 20 -4.25 -4.72 2.71
C LEU A 20 -5.13 -4.96 1.50
N TYR A 21 -4.94 -6.11 0.84
CA TYR A 21 -5.71 -6.44 -0.35
C TYR A 21 -7.20 -6.58 -0.01
N LYS A 22 -7.48 -7.23 1.12
CA LYS A 22 -8.86 -7.43 1.57
C LYS A 22 -9.53 -6.09 1.86
N LEU A 23 -8.77 -5.17 2.46
CA LEU A 23 -9.29 -3.86 2.81
C LEU A 23 -9.56 -3.03 1.56
N LEU A 24 -8.53 -2.88 0.72
CA LEU A 24 -8.67 -2.11 -0.51
C LEU A 24 -9.74 -2.71 -1.42
N GLU A 25 -10.00 -3.99 -1.26
CA GLU A 25 -11.01 -4.68 -2.07
C GLU A 25 -12.37 -3.99 -1.95
N ILE A 26 -12.59 -3.30 -0.82
CA ILE A 26 -13.84 -2.60 -0.59
C ILE A 26 -14.03 -1.45 -1.59
N PRO A 27 -15.04 -1.55 -2.46
CA PRO A 27 -15.31 -0.52 -3.47
C PRO A 27 -15.91 0.74 -2.86
N ASP A 28 -15.13 1.40 -2.00
CA ASP A 28 -15.59 2.62 -1.34
C ASP A 28 -14.83 3.83 -1.88
N PRO A 29 -15.53 4.98 -2.05
CA PRO A 29 -14.92 6.21 -2.56
C PRO A 29 -13.67 6.60 -1.77
N ASP A 30 -13.68 6.33 -0.48
CA ASP A 30 -12.56 6.65 0.39
C ASP A 30 -11.99 5.40 1.06
N LYS A 31 -12.12 4.26 0.38
CA LYS A 31 -11.62 3.00 0.91
C LYS A 31 -11.54 1.94 -0.19
N ASN A 32 -11.09 2.35 -1.37
CA ASN A 32 -10.96 1.44 -2.50
C ASN A 32 -9.52 1.35 -2.96
N TRP A 33 -9.18 0.27 -3.67
CA TRP A 33 -7.83 0.07 -4.17
C TRP A 33 -7.47 1.11 -5.21
N ALA A 34 -8.41 1.39 -6.11
CA ALA A 34 -8.19 2.37 -7.17
C ALA A 34 -7.87 3.73 -6.59
N THR A 35 -8.50 4.07 -5.46
CA THR A 35 -8.28 5.35 -4.81
C THR A 35 -6.86 5.45 -4.28
N LEU A 36 -6.34 4.33 -3.76
CA LEU A 36 -4.99 4.29 -3.22
C LEU A 36 -3.95 4.48 -4.32
N ALA A 37 -4.29 4.00 -5.52
CA ALA A 37 -3.37 4.11 -6.66
C ALA A 37 -3.11 5.57 -7.00
N GLN A 38 -4.14 6.40 -6.91
CA GLN A 38 -4.01 7.82 -7.21
C GLN A 38 -3.13 8.52 -6.19
N LYS A 39 -3.15 8.02 -4.95
CA LYS A 39 -2.36 8.60 -3.87
C LYS A 39 -0.90 8.18 -3.99
N LEU A 40 -0.67 6.89 -4.16
CA LEU A 40 0.69 6.35 -4.28
C LEU A 40 1.39 6.94 -5.51
N GLY A 41 0.63 7.14 -6.58
CA GLY A 41 1.20 7.69 -7.80
C GLY A 41 1.14 6.71 -8.96
N LEU A 42 0.09 5.90 -8.99
CA LEU A 42 -0.08 4.92 -10.06
C LEU A 42 -1.43 5.11 -10.76
N GLY A 43 -1.89 6.35 -10.81
CA GLY A 43 -3.15 6.64 -11.45
C GLY A 43 -3.12 6.38 -12.94
N ILE A 44 -1.94 6.50 -13.53
CA ILE A 44 -1.78 6.27 -14.97
C ILE A 44 -2.07 4.83 -15.33
N LEU A 45 -1.82 3.92 -14.40
CA LEU A 45 -2.06 2.49 -14.62
C LEU A 45 -3.22 2.00 -13.77
N ASN A 46 -4.18 2.89 -13.50
CA ASN A 46 -5.34 2.54 -12.70
C ASN A 46 -6.32 1.69 -13.51
N ASN A 47 -6.38 1.93 -14.81
CA ASN A 47 -7.27 1.19 -15.69
C ASN A 47 -6.78 -0.24 -15.88
N ALA A 48 -5.46 -0.42 -15.84
CA ALA A 48 -4.87 -1.74 -16.01
C ALA A 48 -5.22 -2.65 -14.83
N PHE A 49 -5.10 -2.13 -13.62
CA PHE A 49 -5.41 -2.90 -12.42
C PHE A 49 -6.87 -3.33 -12.41
N ARG A 50 -7.74 -2.45 -12.89
CA ARG A 50 -9.18 -2.75 -12.94
C ARG A 50 -9.45 -3.97 -13.81
N LEU A 51 -8.87 -3.98 -15.00
CA LEU A 51 -9.05 -5.09 -15.92
C LEU A 51 -8.44 -6.37 -15.37
N SER A 52 -7.35 -6.23 -14.61
CA SER A 52 -6.67 -7.37 -14.01
C SER A 52 -7.59 -8.10 -13.05
N PRO A 53 -7.29 -9.39 -12.76
CA PRO A 53 -8.09 -10.20 -11.85
C PRO A 53 -8.05 -9.67 -10.42
N ALA A 54 -6.89 -9.19 -10.00
CA ALA A 54 -6.73 -8.65 -8.65
C ALA A 54 -6.11 -7.25 -8.69
N PRO A 55 -6.95 -6.21 -8.86
CA PRO A 55 -6.49 -4.82 -8.92
C PRO A 55 -5.60 -4.47 -7.73
N SER A 56 -6.09 -4.76 -6.53
CA SER A 56 -5.34 -4.47 -5.30
C SER A 56 -4.00 -5.19 -5.30
N LYS A 57 -4.00 -6.44 -5.75
CA LYS A 57 -2.77 -7.24 -5.79
C LYS A 57 -1.82 -6.72 -6.86
N THR A 58 -2.37 -6.43 -8.04
CA THR A 58 -1.57 -5.92 -9.15
C THR A 58 -0.89 -4.61 -8.78
N LEU A 59 -1.56 -3.83 -7.92
CA LEU A 59 -1.02 -2.55 -7.48
C LEU A 59 0.30 -2.73 -6.75
N MET A 60 0.29 -3.58 -5.73
CA MET A 60 1.49 -3.84 -4.95
C MET A 60 2.61 -4.40 -5.81
N ASP A 61 2.22 -5.12 -6.87
CA ASP A 61 3.19 -5.71 -7.79
C ASP A 61 3.87 -4.63 -8.63
N ASN A 62 3.13 -3.57 -8.91
CA ASN A 62 3.66 -2.47 -9.71
C ASN A 62 4.37 -1.44 -8.84
N TYR A 63 3.91 -1.30 -7.59
CA TYR A 63 4.51 -0.36 -6.65
C TYR A 63 5.85 -0.88 -6.15
N GLU A 64 5.96 -2.18 -5.99
CA GLU A 64 7.19 -2.80 -5.51
C GLU A 64 8.33 -2.57 -6.49
N VAL A 65 8.07 -2.84 -7.78
CA VAL A 65 9.07 -2.67 -8.82
C VAL A 65 9.36 -1.18 -9.06
N SER A 66 8.40 -0.33 -8.72
CA SER A 66 8.56 1.10 -8.91
C SER A 66 9.01 1.77 -7.61
N GLY A 67 9.81 1.06 -6.82
CA GLY A 67 10.29 1.60 -5.57
C GLY A 67 9.16 1.99 -4.63
N GLY A 68 8.65 1.00 -3.90
CA GLY A 68 7.58 1.27 -2.95
C GLY A 68 8.04 1.26 -1.52
N THR A 69 7.80 2.36 -0.81
CA THR A 69 8.20 2.47 0.59
C THR A 69 7.00 2.41 1.51
N VAL A 70 7.25 2.23 2.80
CA VAL A 70 6.18 2.15 3.79
C VAL A 70 5.72 3.53 4.22
N ARG A 71 6.65 4.48 4.24
CA ARG A 71 6.35 5.84 4.64
C ARG A 71 5.27 6.44 3.74
N GLU A 72 5.24 6.02 2.49
CA GLU A 72 4.25 6.50 1.53
C GLU A 72 2.93 5.74 1.67
N LEU A 73 3.03 4.46 2.05
CA LEU A 73 1.85 3.63 2.21
C LEU A 73 0.99 4.12 3.38
N VAL A 74 1.64 4.51 4.47
CA VAL A 74 0.94 5.00 5.64
C VAL A 74 0.23 6.32 5.35
N GLU A 75 0.93 7.22 4.68
CA GLU A 75 0.36 8.53 4.35
C GLU A 75 -0.80 8.38 3.36
N ALA A 76 -0.63 7.49 2.38
CA ALA A 76 -1.65 7.24 1.38
C ALA A 76 -2.94 6.74 2.03
N LEU A 77 -2.79 5.90 3.04
CA LEU A 77 -3.94 5.34 3.75
C LEU A 77 -4.64 6.41 4.58
N ARG A 78 -3.86 7.35 5.10
CA ARG A 78 -4.40 8.43 5.92
C ARG A 78 -5.15 9.44 5.06
N GLN A 79 -4.69 9.62 3.83
CA GLN A 79 -5.31 10.56 2.90
C GLN A 79 -6.73 10.12 2.56
N MET A 80 -6.90 8.81 2.39
CA MET A 80 -8.22 8.26 2.05
C MET A 80 -9.09 8.16 3.29
N GLY A 81 -8.49 7.77 4.42
CA GLY A 81 -9.23 7.64 5.65
C GLY A 81 -9.26 6.22 6.17
N TYR A 82 -8.18 5.48 5.94
CA TYR A 82 -8.08 4.11 6.39
C TYR A 82 -7.51 4.03 7.80
N THR A 83 -8.21 3.31 8.68
CA THR A 83 -7.78 3.15 10.06
C THR A 83 -7.22 1.76 10.30
N GLU A 84 -7.79 0.77 9.61
CA GLU A 84 -7.36 -0.61 9.76
C GLU A 84 -6.05 -0.86 9.00
N ALA A 85 -5.97 -0.33 7.79
CA ALA A 85 -4.77 -0.48 6.97
C ALA A 85 -3.54 0.07 7.68
N ILE A 86 -3.71 1.20 8.36
CA ILE A 86 -2.61 1.83 9.07
C ILE A 86 -2.23 1.02 10.31
N GLU A 87 -3.21 0.32 10.88
CA GLU A 87 -2.97 -0.49 12.07
C GLU A 87 -2.23 -1.78 11.71
N VAL A 88 -2.49 -2.28 10.50
CA VAL A 88 -1.87 -3.51 10.04
C VAL A 88 -0.36 -3.32 9.85
N ILE A 89 0.04 -2.11 9.47
CA ILE A 89 1.45 -1.80 9.26
C ILE A 89 2.13 -1.41 10.57
N GLN A 90 1.53 -0.45 11.27
CA GLN A 90 2.07 0.03 12.54
C GLN A 90 2.18 -1.11 13.54
N ALA A 91 1.30 -2.10 13.40
CA ALA A 91 1.30 -3.25 14.31
C ALA A 91 2.63 -4.01 14.23
N ALA A 92 3.08 -4.28 13.01
CA ALA A 92 4.33 -4.99 12.80
C ALA A 92 5.52 -4.04 12.82
N SER A 93 5.35 -2.87 12.22
CA SER A 93 6.41 -1.87 12.17
C SER A 93 6.41 -1.01 13.41
N SER A 94 7.42 -0.15 13.54
CA SER A 94 7.54 0.74 14.70
C SER A 94 7.63 -0.06 15.99
N SER A 95 8.05 0.61 17.06
CA SER A 95 8.18 -0.03 18.37
C SER A 95 8.60 0.98 19.43
N GLY A 96 8.55 0.56 20.69
CA GLY A 96 8.94 1.43 21.78
C GLY A 96 8.72 0.81 23.14
N PRO A 97 9.66 -0.02 23.61
CA PRO A 97 9.55 -0.69 24.91
C PRO A 97 9.71 0.28 26.07
N SER A 98 8.61 0.57 26.75
CA SER A 98 8.62 1.49 27.88
C SER A 98 8.87 0.74 29.19
N SER A 99 10.14 0.41 29.44
CA SER A 99 10.50 -0.31 30.65
C SER A 99 9.79 -1.65 30.73
N GLY A 100 9.55 -2.25 29.56
CA GLY A 100 8.88 -3.54 29.50
C GLY A 100 9.68 -4.58 28.75
N GLY A 1 16.65 1.90 -16.80
CA GLY A 1 18.00 1.31 -17.03
C GLY A 1 18.89 1.42 -15.81
N SER A 2 18.28 1.44 -14.63
CA SER A 2 19.03 1.54 -13.38
C SER A 2 19.63 0.20 -12.99
N SER A 3 20.29 0.15 -11.85
CA SER A 3 20.90 -1.08 -11.36
C SER A 3 20.06 -1.72 -10.26
N GLY A 4 18.75 -1.53 -10.36
CA GLY A 4 17.85 -2.11 -9.37
C GLY A 4 17.06 -1.05 -8.62
N SER A 5 17.58 -0.61 -7.48
CA SER A 5 16.92 0.41 -6.68
C SER A 5 15.55 -0.07 -6.23
N SER A 6 15.50 -0.77 -5.09
CA SER A 6 14.24 -1.28 -4.55
C SER A 6 13.69 -0.34 -3.49
N GLY A 7 12.43 -0.56 -3.12
CA GLY A 7 11.80 0.27 -2.11
C GLY A 7 11.85 -0.34 -0.73
N ASP A 8 11.14 0.26 0.22
CA ASP A 8 11.11 -0.23 1.59
C ASP A 8 9.86 -1.08 1.84
N MET A 9 9.42 -1.79 0.81
CA MET A 9 8.24 -2.63 0.91
C MET A 9 8.63 -4.08 1.23
N LYS A 10 9.84 -4.47 0.81
CA LYS A 10 10.32 -5.81 1.05
C LYS A 10 10.33 -6.14 2.54
N GLN A 11 10.55 -5.12 3.37
CA GLN A 11 10.58 -5.30 4.81
C GLN A 11 9.21 -5.75 5.33
N LEU A 12 8.16 -5.31 4.66
CA LEU A 12 6.80 -5.66 5.05
C LEU A 12 6.52 -7.13 4.79
N ALA A 13 5.99 -7.82 5.79
CA ALA A 13 5.68 -9.23 5.67
C ALA A 13 4.56 -9.47 4.67
N GLU A 14 4.52 -10.66 4.08
CA GLU A 14 3.50 -11.00 3.10
C GLU A 14 2.11 -10.91 3.71
N ASP A 15 2.02 -11.18 5.02
CA ASP A 15 0.75 -11.13 5.73
C ASP A 15 0.24 -9.70 5.84
N VAL A 16 1.18 -8.76 5.99
CA VAL A 16 0.82 -7.35 6.13
C VAL A 16 0.13 -6.84 4.87
N LYS A 17 0.65 -7.23 3.71
CA LYS A 17 0.07 -6.81 2.44
C LYS A 17 -1.17 -7.64 2.11
N LEU A 18 -1.17 -8.89 2.55
CA LEU A 18 -2.29 -9.79 2.30
C LEU A 18 -3.59 -9.23 2.88
N GLN A 19 -3.47 -8.53 4.01
CA GLN A 19 -4.63 -7.94 4.66
C GLN A 19 -5.07 -6.67 3.95
N LEU A 20 -4.10 -5.92 3.43
CA LEU A 20 -4.40 -4.67 2.73
C LEU A 20 -5.33 -4.92 1.54
N TYR A 21 -5.19 -6.09 0.92
CA TYR A 21 -6.02 -6.46 -0.22
C TYR A 21 -7.49 -6.51 0.17
N LYS A 22 -7.77 -7.05 1.35
CA LYS A 22 -9.14 -7.17 1.84
C LYS A 22 -9.75 -5.80 2.06
N LEU A 23 -8.98 -4.89 2.64
CA LEU A 23 -9.44 -3.54 2.92
C LEU A 23 -9.74 -2.79 1.62
N LEU A 24 -8.74 -2.70 0.75
CA LEU A 24 -8.88 -2.01 -0.53
C LEU A 24 -9.96 -2.68 -1.39
N GLU A 25 -10.16 -3.98 -1.17
CA GLU A 25 -11.16 -4.73 -1.93
C GLU A 25 -12.55 -4.11 -1.77
N ILE A 26 -12.77 -3.43 -0.65
CA ILE A 26 -14.06 -2.80 -0.39
C ILE A 26 -14.39 -1.76 -1.46
N PRO A 27 -15.49 -1.96 -2.20
CA PRO A 27 -15.90 -1.03 -3.26
C PRO A 27 -16.48 0.26 -2.70
N ASP A 28 -15.67 1.00 -1.96
CA ASP A 28 -16.10 2.26 -1.37
C ASP A 28 -15.45 3.45 -2.07
N PRO A 29 -16.07 4.64 -1.99
CA PRO A 29 -15.55 5.85 -2.62
C PRO A 29 -14.25 6.33 -1.96
N ASP A 30 -14.10 6.02 -0.68
CA ASP A 30 -12.91 6.42 0.07
C ASP A 30 -12.28 5.23 0.77
N LYS A 31 -12.41 4.05 0.15
CA LYS A 31 -11.86 2.83 0.70
C LYS A 31 -11.67 1.78 -0.38
N ASN A 32 -11.35 2.22 -1.58
CA ASN A 32 -11.15 1.32 -2.71
C ASN A 32 -9.68 1.30 -3.14
N TRP A 33 -9.28 0.23 -3.81
CA TRP A 33 -7.90 0.09 -4.28
C TRP A 33 -7.57 1.16 -5.32
N ALA A 34 -8.58 1.54 -6.11
CA ALA A 34 -8.40 2.54 -7.14
C ALA A 34 -8.02 3.89 -6.55
N THR A 35 -8.72 4.29 -5.49
CA THR A 35 -8.45 5.55 -4.83
C THR A 35 -7.02 5.59 -4.29
N LEU A 36 -6.52 4.45 -3.85
CA LEU A 36 -5.17 4.35 -3.32
C LEU A 36 -4.14 4.56 -4.41
N ALA A 37 -4.45 4.12 -5.62
CA ALA A 37 -3.55 4.26 -6.75
C ALA A 37 -3.25 5.72 -7.03
N GLN A 38 -4.21 6.59 -6.73
CA GLN A 38 -4.04 8.02 -6.94
C GLN A 38 -3.18 8.64 -5.86
N LYS A 39 -3.40 8.22 -4.61
CA LYS A 39 -2.64 8.73 -3.49
C LYS A 39 -1.18 8.27 -3.56
N LEU A 40 -0.98 6.98 -3.78
CA LEU A 40 0.37 6.42 -3.87
C LEU A 40 1.14 7.06 -5.01
N GLY A 41 0.66 6.85 -6.23
CA GLY A 41 1.33 7.41 -7.39
C GLY A 41 1.28 6.49 -8.60
N LEU A 42 0.10 5.92 -8.84
CA LEU A 42 -0.08 5.00 -9.98
C LEU A 42 -1.48 5.14 -10.56
N GLY A 43 -2.04 6.34 -10.48
CA GLY A 43 -3.37 6.57 -11.00
C GLY A 43 -3.44 6.43 -12.51
N ILE A 44 -2.29 6.56 -13.17
CA ILE A 44 -2.23 6.45 -14.63
C ILE A 44 -2.38 5.00 -15.07
N LEU A 45 -1.89 4.08 -14.24
CA LEU A 45 -1.97 2.66 -14.55
C LEU A 45 -3.15 2.01 -13.83
N ASN A 46 -4.19 2.80 -13.58
CA ASN A 46 -5.38 2.29 -12.90
C ASN A 46 -6.14 1.31 -13.79
N ASN A 47 -6.05 1.50 -15.09
CA ASN A 47 -6.72 0.63 -16.05
C ASN A 47 -6.09 -0.77 -16.04
N ALA A 48 -4.77 -0.82 -16.06
CA ALA A 48 -4.05 -2.08 -16.05
C ALA A 48 -4.40 -2.91 -14.82
N PHE A 49 -4.50 -2.25 -13.68
CA PHE A 49 -4.83 -2.93 -12.43
C PHE A 49 -6.26 -3.47 -12.47
N ARG A 50 -7.19 -2.64 -12.94
CA ARG A 50 -8.59 -3.03 -13.02
C ARG A 50 -8.76 -4.26 -13.92
N LEU A 51 -8.16 -4.20 -15.10
CA LEU A 51 -8.25 -5.31 -16.05
C LEU A 51 -7.64 -6.57 -15.47
N SER A 52 -6.63 -6.41 -14.61
CA SER A 52 -5.98 -7.55 -13.98
C SER A 52 -6.94 -8.30 -13.07
N PRO A 53 -6.69 -9.60 -12.84
CA PRO A 53 -7.54 -10.43 -11.97
C PRO A 53 -7.76 -9.80 -10.60
N ALA A 54 -6.69 -9.29 -10.01
CA ALA A 54 -6.76 -8.67 -8.70
C ALA A 54 -6.12 -7.28 -8.71
N PRO A 55 -6.91 -6.24 -8.98
CA PRO A 55 -6.41 -4.85 -9.03
C PRO A 55 -5.61 -4.49 -7.78
N SER A 56 -6.19 -4.76 -6.61
CA SER A 56 -5.54 -4.45 -5.35
C SER A 56 -4.22 -5.21 -5.22
N LYS A 57 -4.16 -6.39 -5.84
CA LYS A 57 -2.96 -7.22 -5.80
C LYS A 57 -1.96 -6.76 -6.85
N THR A 58 -2.46 -6.32 -8.00
CA THR A 58 -1.61 -5.86 -9.08
C THR A 58 -0.95 -4.54 -8.72
N LEU A 59 -1.66 -3.72 -7.96
CA LEU A 59 -1.13 -2.42 -7.54
C LEU A 59 0.15 -2.58 -6.73
N MET A 60 0.17 -3.58 -5.86
CA MET A 60 1.32 -3.84 -5.02
C MET A 60 2.48 -4.41 -5.85
N ASP A 61 2.14 -5.14 -6.91
CA ASP A 61 3.16 -5.73 -7.77
C ASP A 61 3.88 -4.65 -8.56
N ASN A 62 3.16 -3.61 -8.93
CA ASN A 62 3.74 -2.51 -9.69
C ASN A 62 4.46 -1.52 -8.78
N TYR A 63 3.95 -1.39 -7.55
CA TYR A 63 4.55 -0.48 -6.58
C TYR A 63 5.91 -0.98 -6.12
N GLU A 64 6.02 -2.31 -5.95
CA GLU A 64 7.27 -2.92 -5.52
C GLU A 64 8.33 -2.83 -6.61
N VAL A 65 7.93 -3.11 -7.84
CA VAL A 65 8.85 -3.07 -8.97
C VAL A 65 9.23 -1.63 -9.31
N SER A 66 8.30 -0.70 -9.08
CA SER A 66 8.54 0.71 -9.35
C SER A 66 9.36 1.35 -8.24
N GLY A 67 9.17 0.85 -7.02
CA GLY A 67 9.89 1.38 -5.87
C GLY A 67 8.96 2.02 -4.86
N GLY A 68 8.17 1.19 -4.18
CA GLY A 68 7.25 1.70 -3.18
C GLY A 68 7.88 1.78 -1.80
N THR A 69 7.38 2.69 -0.98
CA THR A 69 7.89 2.87 0.38
C THR A 69 6.81 2.60 1.41
N VAL A 70 7.18 2.63 2.69
CA VAL A 70 6.24 2.38 3.77
C VAL A 70 5.59 3.69 4.23
N ARG A 71 6.40 4.73 4.36
CA ARG A 71 5.89 6.03 4.79
C ARG A 71 4.81 6.55 3.85
N GLU A 72 4.94 6.20 2.57
CA GLU A 72 3.98 6.63 1.56
C GLU A 72 2.70 5.82 1.67
N LEU A 73 2.82 4.56 2.10
CA LEU A 73 1.67 3.68 2.24
C LEU A 73 0.84 4.05 3.47
N VAL A 74 1.54 4.50 4.52
CA VAL A 74 0.86 4.89 5.75
C VAL A 74 0.18 6.25 5.60
N GLU A 75 0.83 7.15 4.86
CA GLU A 75 0.29 8.48 4.63
C GLU A 75 -0.92 8.43 3.70
N ALA A 76 -0.78 7.70 2.60
CA ALA A 76 -1.85 7.57 1.62
C ALA A 76 -3.10 6.97 2.25
N LEU A 77 -2.91 5.93 3.05
CA LEU A 77 -4.03 5.27 3.72
C LEU A 77 -4.76 6.22 4.65
N ARG A 78 -4.01 7.17 5.22
CA ARG A 78 -4.58 8.16 6.13
C ARG A 78 -5.33 9.24 5.37
N GLN A 79 -4.77 9.67 4.25
CA GLN A 79 -5.38 10.70 3.42
C GLN A 79 -6.75 10.25 2.93
N MET A 80 -6.90 8.95 2.72
CA MET A 80 -8.16 8.39 2.25
C MET A 80 -9.14 8.19 3.40
N GLY A 81 -8.63 7.75 4.54
CA GLY A 81 -9.46 7.53 5.70
C GLY A 81 -9.22 6.18 6.36
N TYR A 82 -8.46 5.32 5.69
CA TYR A 82 -8.14 4.00 6.22
C TYR A 82 -7.48 4.10 7.59
N THR A 83 -8.08 3.44 8.59
CA THR A 83 -7.55 3.46 9.94
C THR A 83 -6.99 2.10 10.33
N GLU A 84 -7.61 1.04 9.80
CA GLU A 84 -7.18 -0.32 10.09
C GLU A 84 -5.96 -0.70 9.25
N ALA A 85 -5.92 -0.20 8.02
CA ALA A 85 -4.82 -0.50 7.11
C ALA A 85 -3.50 0.02 7.68
N ILE A 86 -3.57 1.13 8.42
CA ILE A 86 -2.38 1.71 9.02
C ILE A 86 -1.85 0.84 10.16
N GLU A 87 -2.74 0.37 11.01
CA GLU A 87 -2.37 -0.47 12.13
C GLU A 87 -1.67 -1.74 11.66
N VAL A 88 -2.10 -2.25 10.51
CA VAL A 88 -1.53 -3.46 9.94
C VAL A 88 -0.05 -3.27 9.63
N ILE A 89 0.33 -2.04 9.29
CA ILE A 89 1.72 -1.73 8.97
C ILE A 89 2.47 -1.25 10.21
N GLN A 90 1.81 -0.44 11.03
CA GLN A 90 2.42 0.09 12.25
C GLN A 90 2.69 -1.04 13.24
N ALA A 91 1.83 -2.05 13.22
CA ALA A 91 1.99 -3.19 14.12
C ALA A 91 3.32 -3.89 13.91
N ALA A 92 3.78 -3.91 12.67
CA ALA A 92 5.05 -4.55 12.33
C ALA A 92 6.17 -3.52 12.20
N SER A 93 5.95 -2.54 11.32
CA SER A 93 6.94 -1.49 11.10
C SER A 93 7.01 -0.54 12.29
N SER A 94 8.20 -0.04 12.58
CA SER A 94 8.40 0.88 13.70
C SER A 94 9.71 1.63 13.55
N SER A 95 9.67 2.95 13.77
CA SER A 95 10.85 3.78 13.67
C SER A 95 11.62 3.82 14.99
N GLY A 96 10.88 4.02 16.08
CA GLY A 96 11.49 4.07 17.39
C GLY A 96 11.02 5.26 18.21
N PRO A 97 11.73 6.39 18.13
CA PRO A 97 11.35 7.61 18.87
C PRO A 97 9.90 8.00 18.67
N SER A 98 9.04 7.59 19.60
CA SER A 98 7.62 7.90 19.51
C SER A 98 7.34 9.30 20.02
N SER A 99 6.18 9.84 19.65
CA SER A 99 5.78 11.18 20.07
C SER A 99 4.37 11.19 20.62
N GLY A 100 4.25 11.13 21.94
CA GLY A 100 2.94 11.14 22.57
C GLY A 100 2.39 9.74 22.78
N GLY A 1 23.80 6.80 -10.73
CA GLY A 1 23.62 5.81 -11.82
C GLY A 1 23.40 4.40 -11.29
N SER A 2 22.32 3.77 -11.72
CA SER A 2 22.00 2.42 -11.30
C SER A 2 21.77 2.35 -9.79
N SER A 3 20.57 1.95 -9.39
CA SER A 3 20.22 1.86 -7.98
C SER A 3 20.32 3.22 -7.31
N GLY A 4 19.84 3.29 -6.06
CA GLY A 4 19.88 4.54 -5.33
C GLY A 4 18.53 4.94 -4.79
N SER A 5 18.16 4.40 -3.62
CA SER A 5 16.89 4.70 -3.00
C SER A 5 15.73 4.28 -3.89
N SER A 6 15.20 3.08 -3.64
CA SER A 6 14.08 2.57 -4.43
C SER A 6 12.83 2.42 -3.57
N GLY A 7 12.83 1.43 -2.69
CA GLY A 7 11.68 1.21 -1.83
C GLY A 7 12.02 0.35 -0.62
N ASP A 8 11.17 0.39 0.39
CA ASP A 8 11.38 -0.39 1.60
C ASP A 8 10.16 -1.25 1.91
N MET A 9 9.70 -2.01 0.92
CA MET A 9 8.55 -2.88 1.09
C MET A 9 8.97 -4.30 1.44
N LYS A 10 10.19 -4.66 1.05
CA LYS A 10 10.72 -6.00 1.33
C LYS A 10 10.67 -6.32 2.82
N GLN A 11 10.91 -5.30 3.65
CA GLN A 11 10.88 -5.47 5.10
C GLN A 11 9.50 -5.90 5.57
N LEU A 12 8.46 -5.34 4.95
CA LEU A 12 7.09 -5.68 5.31
C LEU A 12 6.82 -7.16 5.12
N ALA A 13 5.89 -7.69 5.90
CA ALA A 13 5.52 -9.11 5.82
C ALA A 13 4.45 -9.34 4.77
N GLU A 14 4.42 -10.54 4.21
CA GLU A 14 3.45 -10.89 3.19
C GLU A 14 2.03 -10.81 3.75
N ASP A 15 1.88 -11.15 5.02
CA ASP A 15 0.57 -11.11 5.68
C ASP A 15 0.06 -9.67 5.77
N VAL A 16 0.96 -8.73 6.00
CA VAL A 16 0.59 -7.33 6.11
C VAL A 16 0.05 -6.80 4.80
N LYS A 17 0.74 -7.11 3.70
CA LYS A 17 0.33 -6.67 2.38
C LYS A 17 -0.91 -7.42 1.91
N LEU A 18 -1.04 -8.66 2.36
CA LEU A 18 -2.18 -9.50 1.98
C LEU A 18 -3.48 -8.91 2.52
N GLN A 19 -3.46 -8.46 3.77
CA GLN A 19 -4.64 -7.88 4.40
C GLN A 19 -5.04 -6.58 3.72
N LEU A 20 -4.05 -5.87 3.18
CA LEU A 20 -4.30 -4.61 2.48
C LEU A 20 -5.25 -4.80 1.31
N TYR A 21 -5.11 -5.94 0.63
CA TYR A 21 -5.96 -6.24 -0.52
C TYR A 21 -7.42 -6.39 -0.11
N LYS A 22 -7.64 -6.94 1.08
CA LYS A 22 -8.98 -7.12 1.60
C LYS A 22 -9.64 -5.79 1.94
N LEU A 23 -8.82 -4.83 2.35
CA LEU A 23 -9.31 -3.51 2.70
C LEU A 23 -9.67 -2.70 1.46
N LEU A 24 -8.74 -2.65 0.51
CA LEU A 24 -8.95 -1.91 -0.73
C LEU A 24 -10.10 -2.53 -1.53
N GLU A 25 -10.32 -3.83 -1.36
CA GLU A 25 -11.38 -4.52 -2.07
C GLU A 25 -12.73 -3.88 -1.82
N ILE A 26 -12.87 -3.19 -0.68
CA ILE A 26 -14.12 -2.53 -0.32
C ILE A 26 -14.47 -1.46 -1.35
N PRO A 27 -15.64 -1.61 -2.02
CA PRO A 27 -16.09 -0.65 -3.03
C PRO A 27 -16.57 0.66 -2.42
N ASP A 28 -15.65 1.38 -1.78
CA ASP A 28 -15.97 2.64 -1.14
C ASP A 28 -15.21 3.80 -1.80
N PRO A 29 -15.69 5.04 -1.61
CA PRO A 29 -15.04 6.22 -2.20
C PRO A 29 -13.69 6.53 -1.54
N ASP A 30 -13.58 6.20 -0.27
CA ASP A 30 -12.34 6.44 0.47
C ASP A 30 -11.82 5.15 1.10
N LYS A 31 -12.09 4.02 0.45
CA LYS A 31 -11.65 2.73 0.95
C LYS A 31 -11.54 1.72 -0.19
N ASN A 32 -11.20 2.22 -1.37
CA ASN A 32 -11.05 1.36 -2.55
C ASN A 32 -9.62 1.38 -3.06
N TRP A 33 -9.27 0.37 -3.86
CA TRP A 33 -7.92 0.28 -4.42
C TRP A 33 -7.67 1.39 -5.43
N ALA A 34 -8.71 1.73 -6.19
CA ALA A 34 -8.59 2.78 -7.20
C ALA A 34 -8.19 4.11 -6.57
N THR A 35 -8.73 4.37 -5.37
CA THR A 35 -8.42 5.60 -4.67
C THR A 35 -6.99 5.62 -4.17
N LEU A 36 -6.51 4.45 -3.75
CA LEU A 36 -5.14 4.32 -3.25
C LEU A 36 -4.13 4.45 -4.38
N ALA A 37 -4.51 4.00 -5.57
CA ALA A 37 -3.65 4.06 -6.73
C ALA A 37 -3.26 5.50 -7.05
N GLN A 38 -4.21 6.41 -6.89
CA GLN A 38 -3.97 7.82 -7.17
C GLN A 38 -3.13 8.45 -6.06
N LYS A 39 -3.30 7.97 -4.84
CA LYS A 39 -2.55 8.48 -3.70
C LYS A 39 -1.07 8.12 -3.81
N LEU A 40 -0.80 6.84 -4.08
CA LEU A 40 0.57 6.36 -4.21
C LEU A 40 1.24 6.96 -5.44
N GLY A 41 0.77 6.57 -6.62
CA GLY A 41 1.33 7.09 -7.86
C GLY A 41 1.13 6.14 -9.02
N LEU A 42 -0.11 5.70 -9.22
CA LEU A 42 -0.43 4.78 -10.31
C LEU A 42 -1.87 4.97 -10.77
N GLY A 43 -2.36 6.19 -10.66
CA GLY A 43 -3.73 6.49 -11.07
C GLY A 43 -3.93 6.33 -12.56
N ILE A 44 -2.86 6.53 -13.33
CA ILE A 44 -2.93 6.41 -14.77
C ILE A 44 -3.01 4.95 -15.21
N LEU A 45 -2.41 4.07 -14.41
CA LEU A 45 -2.41 2.64 -14.70
C LEU A 45 -3.52 1.92 -13.94
N ASN A 46 -4.56 2.66 -13.56
CA ASN A 46 -5.67 2.09 -12.82
C ASN A 46 -6.50 1.16 -13.71
N ASN A 47 -6.54 1.47 -15.00
CA ASN A 47 -7.30 0.67 -15.95
C ASN A 47 -6.62 -0.68 -16.18
N ALA A 48 -5.30 -0.70 -16.07
CA ALA A 48 -4.53 -1.93 -16.26
C ALA A 48 -4.78 -2.91 -15.14
N PHE A 49 -4.84 -2.40 -13.91
CA PHE A 49 -5.07 -3.24 -12.74
C PHE A 49 -6.53 -3.69 -12.68
N ARG A 50 -7.43 -2.84 -13.17
CA ARG A 50 -8.85 -3.15 -13.17
C ARG A 50 -9.14 -4.41 -13.97
N LEU A 51 -8.37 -4.62 -15.03
CA LEU A 51 -8.53 -5.79 -15.88
C LEU A 51 -8.16 -7.07 -15.14
N SER A 52 -7.09 -6.99 -14.35
CA SER A 52 -6.62 -8.13 -13.58
C SER A 52 -7.70 -8.62 -12.61
N PRO A 53 -7.59 -9.87 -12.13
CA PRO A 53 -8.55 -10.44 -11.19
C PRO A 53 -8.53 -9.74 -9.84
N ALA A 54 -7.39 -9.17 -9.48
CA ALA A 54 -7.24 -8.47 -8.22
C ALA A 54 -6.43 -7.18 -8.40
N PRO A 55 -7.10 -6.07 -8.77
CA PRO A 55 -6.43 -4.78 -8.97
C PRO A 55 -5.55 -4.39 -7.79
N SER A 56 -6.09 -4.56 -6.58
CA SER A 56 -5.35 -4.22 -5.36
C SER A 56 -4.08 -5.06 -5.25
N LYS A 57 -4.13 -6.28 -5.78
CA LYS A 57 -2.97 -7.17 -5.73
C LYS A 57 -1.94 -6.78 -6.78
N THR A 58 -2.42 -6.24 -7.91
CA THR A 58 -1.54 -5.81 -8.99
C THR A 58 -0.86 -4.49 -8.66
N LEU A 59 -1.56 -3.65 -7.91
CA LEU A 59 -1.02 -2.34 -7.52
C LEU A 59 0.23 -2.51 -6.67
N MET A 60 0.13 -3.27 -5.59
CA MET A 60 1.25 -3.50 -4.70
C MET A 60 2.41 -4.15 -5.43
N ASP A 61 2.09 -4.93 -6.47
CA ASP A 61 3.11 -5.61 -7.26
C ASP A 61 3.86 -4.62 -8.14
N ASN A 62 3.15 -3.60 -8.61
CA ASN A 62 3.75 -2.57 -9.46
C ASN A 62 4.38 -1.47 -8.63
N TYR A 63 3.79 -1.20 -7.46
CA TYR A 63 4.29 -0.17 -6.56
C TYR A 63 5.60 -0.60 -5.92
N GLU A 64 5.69 -1.87 -5.55
CA GLU A 64 6.90 -2.41 -4.92
C GLU A 64 8.09 -2.32 -5.86
N VAL A 65 7.84 -2.57 -7.15
CA VAL A 65 8.89 -2.53 -8.15
C VAL A 65 9.24 -1.09 -8.52
N SER A 66 8.21 -0.29 -8.79
CA SER A 66 8.41 1.11 -9.16
C SER A 66 9.11 1.87 -8.04
N GLY A 67 8.89 1.44 -6.80
CA GLY A 67 9.51 2.09 -5.66
C GLY A 67 8.53 2.37 -4.54
N GLY A 68 8.01 1.31 -3.94
CA GLY A 68 7.07 1.46 -2.86
C GLY A 68 7.74 1.78 -1.53
N THR A 69 7.31 2.88 -0.91
CA THR A 69 7.88 3.31 0.36
C THR A 69 6.83 3.22 1.48
N VAL A 70 7.24 2.65 2.60
CA VAL A 70 6.35 2.50 3.74
C VAL A 70 5.84 3.85 4.23
N ARG A 71 6.67 4.88 4.06
CA ARG A 71 6.30 6.22 4.48
C ARG A 71 5.14 6.76 3.64
N GLU A 72 5.11 6.37 2.37
CA GLU A 72 4.07 6.81 1.46
C GLU A 72 2.81 5.97 1.63
N LEU A 73 2.99 4.70 1.99
CA LEU A 73 1.87 3.80 2.19
C LEU A 73 1.04 4.23 3.40
N VAL A 74 1.71 4.61 4.48
CA VAL A 74 1.03 5.05 5.70
C VAL A 74 0.33 6.37 5.49
N GLU A 75 0.92 7.23 4.65
CA GLU A 75 0.35 8.54 4.37
C GLU A 75 -0.84 8.42 3.41
N ALA A 76 -0.66 7.62 2.36
CA ALA A 76 -1.71 7.42 1.37
C ALA A 76 -2.97 6.84 2.02
N LEU A 77 -2.78 6.05 3.06
CA LEU A 77 -3.89 5.43 3.77
C LEU A 77 -4.65 6.46 4.60
N ARG A 78 -3.92 7.41 5.17
CA ARG A 78 -4.52 8.46 6.00
C ARG A 78 -5.22 9.50 5.12
N GLN A 79 -4.63 9.78 3.97
CA GLN A 79 -5.21 10.75 3.04
C GLN A 79 -6.59 10.33 2.59
N MET A 80 -6.81 9.01 2.52
CA MET A 80 -8.09 8.47 2.09
C MET A 80 -9.02 8.29 3.30
N GLY A 81 -8.54 7.56 4.30
CA GLY A 81 -9.35 7.33 5.49
C GLY A 81 -9.28 5.89 5.95
N TYR A 82 -8.07 5.33 5.97
CA TYR A 82 -7.88 3.95 6.40
C TYR A 82 -7.32 3.89 7.81
N THR A 83 -7.97 3.12 8.67
CA THR A 83 -7.54 2.97 10.06
C THR A 83 -6.97 1.59 10.31
N GLU A 84 -7.50 0.60 9.60
CA GLU A 84 -7.05 -0.78 9.74
C GLU A 84 -5.74 -1.02 8.99
N ALA A 85 -5.66 -0.47 7.78
CA ALA A 85 -4.46 -0.62 6.96
C ALA A 85 -3.24 -0.05 7.67
N ILE A 86 -3.43 1.04 8.41
CA ILE A 86 -2.35 1.68 9.14
C ILE A 86 -1.93 0.86 10.35
N GLU A 87 -2.90 0.14 10.92
CA GLU A 87 -2.62 -0.70 12.08
C GLU A 87 -1.80 -1.92 11.70
N VAL A 88 -2.15 -2.54 10.58
CA VAL A 88 -1.44 -3.72 10.11
C VAL A 88 0.04 -3.43 9.86
N ILE A 89 0.33 -2.19 9.50
CA ILE A 89 1.70 -1.77 9.24
C ILE A 89 2.40 -1.36 10.53
N GLN A 90 1.66 -0.74 11.43
CA GLN A 90 2.22 -0.30 12.70
C GLN A 90 2.41 -1.47 13.66
N ALA A 91 1.44 -2.39 13.65
CA ALA A 91 1.51 -3.57 14.51
C ALA A 91 2.71 -4.44 14.16
N ALA A 92 3.10 -4.42 12.90
CA ALA A 92 4.25 -5.21 12.45
C ALA A 92 5.55 -4.44 12.61
N SER A 93 5.47 -3.11 12.51
CA SER A 93 6.64 -2.27 12.64
C SER A 93 7.12 -2.21 14.09
N SER A 94 6.18 -2.33 15.02
CA SER A 94 6.51 -2.29 16.44
C SER A 94 6.41 -3.69 17.06
N SER A 95 5.18 -4.20 17.16
CA SER A 95 4.95 -5.52 17.73
C SER A 95 3.48 -5.90 17.65
N GLY A 96 2.63 -5.12 18.33
CA GLY A 96 1.21 -5.39 18.32
C GLY A 96 0.62 -5.43 19.72
N PRO A 97 0.33 -6.64 20.24
CA PRO A 97 -0.25 -6.80 21.58
C PRO A 97 0.77 -6.54 22.68
N SER A 98 0.30 -6.46 23.92
CA SER A 98 1.17 -6.21 25.07
C SER A 98 2.01 -7.45 25.38
N SER A 99 3.27 -7.22 25.75
CA SER A 99 4.18 -8.32 26.08
C SER A 99 3.90 -8.84 27.48
N GLY A 100 3.75 -10.15 27.60
CA GLY A 100 3.49 -10.76 28.89
C GLY A 100 2.13 -10.37 29.46
N GLY A 1 15.97 11.26 5.85
CA GLY A 1 14.82 11.76 5.04
C GLY A 1 15.14 11.81 3.56
N SER A 2 16.02 10.94 3.12
CA SER A 2 16.42 10.88 1.70
C SER A 2 17.09 9.55 1.38
N SER A 3 16.29 8.58 0.97
CA SER A 3 16.82 7.25 0.63
C SER A 3 17.41 7.25 -0.78
N GLY A 4 18.73 7.15 -0.86
CA GLY A 4 19.40 7.15 -2.15
C GLY A 4 19.10 5.88 -2.95
N SER A 5 18.85 4.78 -2.23
CA SER A 5 18.55 3.52 -2.88
C SER A 5 17.07 3.42 -3.25
N SER A 6 16.22 4.01 -2.42
CA SER A 6 14.79 4.00 -2.65
C SER A 6 14.24 2.57 -2.63
N GLY A 7 13.00 2.42 -2.17
CA GLY A 7 12.40 1.10 -2.10
C GLY A 7 12.45 0.52 -0.70
N ASP A 8 11.28 0.31 -0.10
CA ASP A 8 11.20 -0.25 1.25
C ASP A 8 9.97 -1.13 1.40
N MET A 9 9.57 -1.78 0.30
CA MET A 9 8.40 -2.64 0.31
C MET A 9 8.80 -4.09 0.63
N LYS A 10 10.00 -4.47 0.22
CA LYS A 10 10.50 -5.81 0.46
C LYS A 10 10.62 -6.08 1.95
N GLN A 11 10.91 -5.04 2.72
CA GLN A 11 11.06 -5.17 4.16
C GLN A 11 9.74 -5.59 4.81
N LEU A 12 8.64 -5.20 4.20
CA LEU A 12 7.31 -5.54 4.71
C LEU A 12 7.06 -7.04 4.60
N ALA A 13 5.95 -7.50 5.17
CA ALA A 13 5.58 -8.90 5.14
C ALA A 13 4.34 -9.13 4.28
N GLU A 14 4.24 -10.32 3.69
CA GLU A 14 3.10 -10.67 2.85
C GLU A 14 1.81 -10.65 3.67
N ASP A 15 1.89 -11.11 4.91
CA ASP A 15 0.73 -11.15 5.78
C ASP A 15 0.18 -9.75 6.03
N VAL A 16 1.06 -8.76 6.00
CA VAL A 16 0.67 -7.37 6.23
C VAL A 16 -0.07 -6.81 5.02
N LYS A 17 0.53 -6.95 3.84
CA LYS A 17 -0.09 -6.45 2.62
C LYS A 17 -1.28 -7.31 2.22
N LEU A 18 -1.26 -8.58 2.61
CA LEU A 18 -2.35 -9.50 2.30
C LEU A 18 -3.67 -8.98 2.84
N GLN A 19 -3.62 -8.31 3.99
CA GLN A 19 -4.81 -7.76 4.62
C GLN A 19 -5.24 -6.47 3.94
N LEU A 20 -4.27 -5.72 3.43
CA LEU A 20 -4.54 -4.45 2.76
C LEU A 20 -5.44 -4.67 1.54
N TYR A 21 -5.29 -5.82 0.90
CA TYR A 21 -6.09 -6.15 -0.27
C TYR A 21 -7.57 -6.28 0.08
N LYS A 22 -7.84 -7.00 1.17
CA LYS A 22 -9.22 -7.21 1.62
C LYS A 22 -9.89 -5.87 1.93
N LEU A 23 -9.10 -4.91 2.39
CA LEU A 23 -9.62 -3.59 2.73
C LEU A 23 -9.92 -2.78 1.47
N LEU A 24 -8.90 -2.64 0.61
CA LEU A 24 -9.05 -1.89 -0.63
C LEU A 24 -10.13 -2.52 -1.51
N GLU A 25 -10.34 -3.82 -1.36
CA GLU A 25 -11.33 -4.53 -2.15
C GLU A 25 -12.71 -3.89 -2.01
N ILE A 26 -12.92 -3.18 -0.90
CA ILE A 26 -14.20 -2.53 -0.65
C ILE A 26 -14.47 -1.43 -1.68
N PRO A 27 -15.58 -1.53 -2.43
CA PRO A 27 -15.93 -0.53 -3.45
C PRO A 27 -16.44 0.77 -2.83
N ASP A 28 -15.57 1.42 -2.06
CA ASP A 28 -15.93 2.68 -1.41
C ASP A 28 -15.21 3.85 -2.05
N PRO A 29 -15.73 5.08 -1.88
CA PRO A 29 -15.12 6.29 -2.45
C PRO A 29 -13.80 6.65 -1.77
N ASP A 30 -13.70 6.33 -0.48
CA ASP A 30 -12.49 6.63 0.28
C ASP A 30 -11.97 5.37 0.97
N LYS A 31 -12.20 4.22 0.35
CA LYS A 31 -11.74 2.95 0.90
C LYS A 31 -11.59 1.91 -0.20
N ASN A 32 -11.23 2.36 -1.40
CA ASN A 32 -11.05 1.47 -2.54
C ASN A 32 -9.60 1.50 -3.02
N TRP A 33 -9.19 0.43 -3.70
CA TRP A 33 -7.83 0.33 -4.22
C TRP A 33 -7.54 1.46 -5.21
N ALA A 34 -8.55 1.82 -6.00
CA ALA A 34 -8.41 2.88 -6.99
C ALA A 34 -8.02 4.19 -6.32
N THR A 35 -8.58 4.46 -5.15
CA THR A 35 -8.30 5.68 -4.41
C THR A 35 -6.86 5.69 -3.91
N LEU A 36 -6.39 4.54 -3.44
CA LEU A 36 -5.03 4.41 -2.94
C LEU A 36 -4.02 4.58 -4.06
N ALA A 37 -4.39 4.17 -5.27
CA ALA A 37 -3.51 4.28 -6.43
C ALA A 37 -3.26 5.75 -6.79
N GLN A 38 -4.26 6.59 -6.55
CA GLN A 38 -4.14 8.01 -6.85
C GLN A 38 -3.24 8.71 -5.84
N LYS A 39 -3.32 8.27 -4.59
CA LYS A 39 -2.52 8.85 -3.52
C LYS A 39 -1.06 8.44 -3.65
N LEU A 40 -0.84 7.15 -3.87
CA LEU A 40 0.52 6.62 -4.02
C LEU A 40 1.21 7.22 -5.23
N GLY A 41 0.64 7.00 -6.41
CA GLY A 41 1.22 7.53 -7.63
C GLY A 41 1.16 6.54 -8.77
N LEU A 42 0.02 5.88 -8.94
CA LEU A 42 -0.15 4.90 -10.00
C LEU A 42 -1.50 5.09 -10.69
N GLY A 43 -1.98 6.32 -10.74
CA GLY A 43 -3.25 6.61 -11.37
C GLY A 43 -3.22 6.37 -12.88
N ILE A 44 -2.04 6.51 -13.47
CA ILE A 44 -1.88 6.31 -14.90
C ILE A 44 -2.03 4.83 -15.28
N LEU A 45 -1.66 3.95 -14.35
CA LEU A 45 -1.75 2.52 -14.58
C LEU A 45 -2.94 1.93 -13.83
N ASN A 46 -3.98 2.74 -13.64
CA ASN A 46 -5.17 2.29 -12.94
C ASN A 46 -5.91 1.22 -13.74
N ASN A 47 -5.83 1.31 -15.07
CA ASN A 47 -6.48 0.35 -15.94
C ASN A 47 -5.75 -0.98 -15.93
N ALA A 48 -4.43 -0.92 -15.79
CA ALA A 48 -3.61 -2.13 -15.78
C ALA A 48 -3.99 -3.02 -14.60
N PHE A 49 -4.44 -2.41 -13.51
CA PHE A 49 -4.84 -3.15 -12.32
C PHE A 49 -6.29 -3.57 -12.40
N ARG A 50 -7.12 -2.72 -13.01
CA ARG A 50 -8.54 -3.01 -13.15
C ARG A 50 -8.77 -4.28 -13.96
N LEU A 51 -7.90 -4.51 -14.94
CA LEU A 51 -8.01 -5.71 -15.78
C LEU A 51 -7.72 -6.97 -14.98
N SER A 52 -6.74 -6.88 -14.08
CA SER A 52 -6.36 -8.03 -13.25
C SER A 52 -7.50 -8.39 -12.29
N PRO A 53 -7.59 -9.68 -11.91
CA PRO A 53 -8.63 -10.15 -10.99
C PRO A 53 -8.68 -9.33 -9.71
N ALA A 54 -7.52 -9.12 -9.10
CA ALA A 54 -7.44 -8.35 -7.86
C ALA A 54 -6.56 -7.11 -8.04
N PRO A 55 -7.14 -5.99 -8.52
CA PRO A 55 -6.40 -4.75 -8.73
C PRO A 55 -5.60 -4.34 -7.51
N SER A 56 -6.12 -4.64 -6.32
CA SER A 56 -5.45 -4.30 -5.08
C SER A 56 -4.14 -5.06 -4.94
N LYS A 57 -4.12 -6.28 -5.46
CA LYS A 57 -2.92 -7.12 -5.39
C LYS A 57 -1.92 -6.70 -6.46
N THR A 58 -2.42 -6.43 -7.66
CA THR A 58 -1.56 -6.02 -8.77
C THR A 58 -0.85 -4.71 -8.46
N LEU A 59 -1.51 -3.86 -7.68
CA LEU A 59 -0.95 -2.57 -7.32
C LEU A 59 0.35 -2.74 -6.53
N MET A 60 0.29 -3.56 -5.48
CA MET A 60 1.46 -3.83 -4.65
C MET A 60 2.57 -4.49 -5.46
N ASP A 61 2.18 -5.28 -6.45
CA ASP A 61 3.15 -5.97 -7.30
C ASP A 61 3.85 -4.99 -8.23
N ASN A 62 3.14 -3.94 -8.63
CA ASN A 62 3.71 -2.93 -9.51
C ASN A 62 4.42 -1.84 -8.72
N TYR A 63 3.85 -1.49 -7.56
CA TYR A 63 4.42 -0.47 -6.70
C TYR A 63 5.81 -0.87 -6.22
N GLU A 64 6.02 -2.17 -6.06
CA GLU A 64 7.30 -2.69 -5.60
C GLU A 64 8.37 -2.55 -6.69
N VAL A 65 7.93 -2.66 -7.94
CA VAL A 65 8.84 -2.56 -9.08
C VAL A 65 9.51 -1.19 -9.12
N SER A 66 8.78 -0.16 -8.71
CA SER A 66 9.30 1.20 -8.68
C SER A 66 9.78 1.58 -7.29
N GLY A 67 10.26 0.59 -6.54
CA GLY A 67 10.73 0.85 -5.19
C GLY A 67 9.68 0.56 -4.14
N GLY A 68 8.64 1.37 -4.10
CA GLY A 68 7.58 1.18 -3.12
C GLY A 68 8.03 1.49 -1.72
N THR A 69 7.62 2.64 -1.19
CA THR A 69 7.97 3.05 0.15
C THR A 69 6.80 2.88 1.11
N VAL A 70 7.10 2.49 2.34
CA VAL A 70 6.07 2.28 3.35
C VAL A 70 5.55 3.61 3.89
N ARG A 71 6.42 4.61 3.92
CA ARG A 71 6.05 5.93 4.42
C ARG A 71 4.92 6.52 3.58
N GLU A 72 4.95 6.24 2.28
CA GLU A 72 3.93 6.75 1.37
C GLU A 72 2.62 5.99 1.53
N LEU A 73 2.73 4.71 1.89
CA LEU A 73 1.55 3.88 2.08
C LEU A 73 0.72 4.36 3.27
N VAL A 74 1.39 4.60 4.39
CA VAL A 74 0.72 5.07 5.59
C VAL A 74 0.08 6.44 5.37
N GLU A 75 0.77 7.29 4.61
CA GLU A 75 0.28 8.63 4.32
C GLU A 75 -0.96 8.57 3.42
N ALA A 76 -0.87 7.75 2.37
CA ALA A 76 -1.99 7.59 1.44
C ALA A 76 -3.23 7.07 2.15
N LEU A 77 -3.03 6.13 3.07
CA LEU A 77 -4.14 5.55 3.82
C LEU A 77 -4.78 6.57 4.74
N ARG A 78 -3.97 7.52 5.20
CA ARG A 78 -4.47 8.57 6.09
C ARG A 78 -5.28 9.60 5.32
N GLN A 79 -4.92 9.81 4.05
CA GLN A 79 -5.62 10.76 3.20
C GLN A 79 -7.01 10.26 2.83
N MET A 80 -7.12 8.95 2.64
CA MET A 80 -8.39 8.34 2.29
C MET A 80 -9.27 8.14 3.52
N GLY A 81 -8.64 7.80 4.64
CA GLY A 81 -9.38 7.59 5.87
C GLY A 81 -9.29 6.16 6.37
N TYR A 82 -8.17 5.51 6.10
CA TYR A 82 -7.96 4.13 6.51
C TYR A 82 -7.32 4.07 7.90
N THR A 83 -7.93 3.31 8.80
CA THR A 83 -7.43 3.18 10.15
C THR A 83 -6.96 1.74 10.42
N GLU A 84 -7.68 0.78 9.87
CA GLU A 84 -7.34 -0.63 10.05
C GLU A 84 -6.16 -1.02 9.17
N ALA A 85 -6.05 -0.36 8.01
CA ALA A 85 -4.96 -0.64 7.09
C ALA A 85 -3.62 -0.15 7.64
N ILE A 86 -3.66 0.94 8.39
CA ILE A 86 -2.46 1.51 8.98
C ILE A 86 -1.98 0.67 10.17
N GLU A 87 -2.93 0.18 10.95
CA GLU A 87 -2.62 -0.63 12.11
C GLU A 87 -1.87 -1.90 11.72
N VAL A 88 -2.19 -2.41 10.53
CA VAL A 88 -1.55 -3.63 10.03
C VAL A 88 -0.08 -3.39 9.74
N ILE A 89 0.23 -2.20 9.23
CA ILE A 89 1.61 -1.85 8.90
C ILE A 89 2.40 -1.47 10.16
N GLN A 90 1.69 -0.91 11.14
CA GLN A 90 2.33 -0.51 12.39
C GLN A 90 2.55 -1.71 13.29
N ALA A 91 1.69 -2.71 13.17
CA ALA A 91 1.79 -3.91 13.99
C ALA A 91 3.13 -4.61 13.76
N ALA A 92 3.38 -5.03 12.53
CA ALA A 92 4.62 -5.71 12.19
C ALA A 92 5.82 -4.79 12.38
N SER A 93 5.84 -3.70 11.62
CA SER A 93 6.94 -2.73 11.70
C SER A 93 6.84 -1.90 12.98
N SER A 94 7.49 -2.38 14.03
CA SER A 94 7.48 -1.69 15.31
C SER A 94 8.78 -0.93 15.54
N SER A 95 8.72 0.11 16.36
CA SER A 95 9.90 0.92 16.65
C SER A 95 10.09 1.08 18.16
N GLY A 96 9.68 0.05 18.90
CA GLY A 96 9.81 0.11 20.35
C GLY A 96 9.60 -1.25 20.99
N PRO A 97 10.55 -1.74 21.82
CA PRO A 97 10.41 -3.03 22.49
C PRO A 97 9.38 -3.01 23.61
N SER A 98 9.42 -1.96 24.42
CA SER A 98 8.47 -1.82 25.53
C SER A 98 8.36 -0.36 25.95
N SER A 99 7.17 0.22 25.75
CA SER A 99 6.93 1.60 26.10
C SER A 99 6.27 1.70 27.48
N GLY A 100 6.42 2.85 28.13
CA GLY A 100 5.83 3.06 29.43
C GLY A 100 4.34 3.37 29.37
N GLY A 1 24.35 -0.21 -11.20
CA GLY A 1 23.07 0.16 -10.54
C GLY A 1 22.60 1.54 -10.95
N SER A 2 23.11 2.57 -10.27
CA SER A 2 22.75 3.95 -10.56
C SER A 2 21.24 4.16 -10.35
N SER A 3 20.71 3.54 -9.29
CA SER A 3 19.30 3.66 -8.97
C SER A 3 19.06 4.77 -7.95
N GLY A 4 18.14 5.67 -8.27
CA GLY A 4 17.84 6.77 -7.37
C GLY A 4 17.20 6.30 -6.07
N SER A 5 18.03 6.11 -5.05
CA SER A 5 17.55 5.65 -3.75
C SER A 5 16.87 4.30 -3.87
N SER A 6 16.27 3.84 -2.77
CA SER A 6 15.59 2.56 -2.75
C SER A 6 14.39 2.59 -1.80
N GLY A 7 13.46 1.66 -1.99
CA GLY A 7 12.29 1.60 -1.14
C GLY A 7 12.44 0.62 0.00
N ASP A 8 11.36 0.41 0.75
CA ASP A 8 11.38 -0.50 1.89
C ASP A 8 10.06 -1.27 1.98
N MET A 9 9.70 -1.97 0.91
CA MET A 9 8.47 -2.74 0.88
C MET A 9 8.74 -4.22 1.11
N LYS A 10 9.94 -4.67 0.73
CA LYS A 10 10.33 -6.06 0.90
C LYS A 10 10.28 -6.47 2.38
N GLN A 11 10.55 -5.50 3.26
CA GLN A 11 10.54 -5.75 4.69
C GLN A 11 9.16 -6.23 5.16
N LEU A 12 8.12 -5.75 4.48
CA LEU A 12 6.76 -6.13 4.83
C LEU A 12 6.52 -7.61 4.59
N ALA A 13 5.71 -8.23 5.45
CA ALA A 13 5.41 -9.64 5.34
C ALA A 13 4.16 -9.87 4.49
N GLU A 14 4.04 -11.06 3.92
CA GLU A 14 2.89 -11.40 3.09
C GLU A 14 1.60 -11.30 3.89
N ASP A 15 1.67 -11.64 5.18
CA ASP A 15 0.51 -11.58 6.06
C ASP A 15 0.04 -10.15 6.25
N VAL A 16 0.98 -9.22 6.22
CA VAL A 16 0.67 -7.80 6.39
C VAL A 16 -0.05 -7.24 5.16
N LYS A 17 0.47 -7.58 3.98
CA LYS A 17 -0.12 -7.12 2.74
C LYS A 17 -1.38 -7.91 2.38
N LEU A 18 -1.43 -9.16 2.83
CA LEU A 18 -2.57 -10.02 2.56
C LEU A 18 -3.85 -9.40 3.10
N GLN A 19 -3.74 -8.63 4.17
CA GLN A 19 -4.89 -7.97 4.77
C GLN A 19 -5.28 -6.73 3.99
N LEU A 20 -4.27 -6.03 3.46
CA LEU A 20 -4.51 -4.81 2.70
C LEU A 20 -5.34 -5.11 1.44
N TYR A 21 -5.18 -6.31 0.90
CA TYR A 21 -5.91 -6.71 -0.30
C TYR A 21 -7.40 -6.85 0.01
N LYS A 22 -7.72 -7.24 1.24
CA LYS A 22 -9.11 -7.41 1.65
C LYS A 22 -9.77 -6.06 1.93
N LEU A 23 -8.99 -5.12 2.44
CA LEU A 23 -9.49 -3.79 2.74
C LEU A 23 -9.76 -2.99 1.47
N LEU A 24 -8.74 -2.90 0.62
CA LEU A 24 -8.87 -2.17 -0.64
C LEU A 24 -9.98 -2.75 -1.51
N GLU A 25 -10.22 -4.05 -1.35
CA GLU A 25 -11.26 -4.73 -2.12
C GLU A 25 -12.63 -4.09 -1.87
N ILE A 26 -12.79 -3.45 -0.72
CA ILE A 26 -14.04 -2.80 -0.37
C ILE A 26 -14.41 -1.73 -1.40
N PRO A 27 -15.63 -1.82 -1.97
CA PRO A 27 -16.10 -0.85 -2.97
C PRO A 27 -16.50 0.48 -2.35
N ASP A 28 -15.55 1.14 -1.70
CA ASP A 28 -15.80 2.42 -1.06
C ASP A 28 -15.09 3.55 -1.79
N PRO A 29 -15.61 4.79 -1.68
CA PRO A 29 -15.01 5.95 -2.33
C PRO A 29 -13.67 6.35 -1.71
N ASP A 30 -13.54 6.13 -0.41
CA ASP A 30 -12.31 6.45 0.30
C ASP A 30 -11.72 5.22 0.98
N LYS A 31 -11.90 4.07 0.34
CA LYS A 31 -11.39 2.81 0.89
C LYS A 31 -11.25 1.76 -0.21
N ASN A 32 -10.97 2.21 -1.42
CA ASN A 32 -10.81 1.31 -2.55
C ASN A 32 -9.37 1.32 -3.06
N TRP A 33 -9.01 0.28 -3.81
CA TRP A 33 -7.66 0.16 -4.36
C TRP A 33 -7.39 1.27 -5.37
N ALA A 34 -8.40 1.59 -6.17
CA ALA A 34 -8.28 2.62 -7.19
C ALA A 34 -7.92 3.97 -6.57
N THR A 35 -8.58 4.29 -5.46
CA THR A 35 -8.33 5.55 -4.77
C THR A 35 -6.91 5.59 -4.22
N LEU A 36 -6.42 4.45 -3.75
CA LEU A 36 -5.08 4.36 -3.19
C LEU A 36 -4.02 4.48 -4.29
N ALA A 37 -4.37 4.01 -5.48
CA ALA A 37 -3.46 4.06 -6.62
C ALA A 37 -3.11 5.50 -6.98
N GLN A 38 -4.08 6.39 -6.82
CA GLN A 38 -3.87 7.80 -7.12
C GLN A 38 -3.02 8.47 -6.05
N LYS A 39 -3.24 8.09 -4.80
CA LYS A 39 -2.49 8.65 -3.68
C LYS A 39 -1.02 8.27 -3.76
N LEU A 40 -0.76 6.99 -3.99
CA LEU A 40 0.61 6.49 -4.09
C LEU A 40 1.32 7.10 -5.30
N GLY A 41 0.87 6.72 -6.49
CA GLY A 41 1.47 7.23 -7.70
C GLY A 41 1.39 6.25 -8.85
N LEU A 42 0.23 5.63 -9.02
CA LEU A 42 0.02 4.66 -10.10
C LEU A 42 -1.29 4.94 -10.83
N GLY A 43 -1.67 6.21 -10.89
CA GLY A 43 -2.90 6.58 -11.57
C GLY A 43 -2.83 6.32 -13.07
N ILE A 44 -1.66 6.49 -13.64
CA ILE A 44 -1.46 6.28 -15.08
C ILE A 44 -1.72 4.82 -15.45
N LEU A 45 -1.47 3.91 -14.51
CA LEU A 45 -1.67 2.49 -14.75
C LEU A 45 -2.82 1.96 -13.89
N ASN A 46 -3.79 2.82 -13.59
CA ASN A 46 -4.93 2.42 -12.79
C ASN A 46 -5.84 1.48 -13.55
N ASN A 47 -6.01 1.74 -14.84
CA ASN A 47 -6.85 0.90 -15.69
C ASN A 47 -6.25 -0.49 -15.87
N ALA A 48 -4.92 -0.56 -15.84
CA ALA A 48 -4.22 -1.82 -16.00
C ALA A 48 -4.56 -2.79 -14.87
N PHE A 49 -4.71 -2.25 -13.67
CA PHE A 49 -5.04 -3.06 -12.50
C PHE A 49 -6.49 -3.51 -12.55
N ARG A 50 -7.35 -2.65 -13.09
CA ARG A 50 -8.78 -2.96 -13.20
C ARG A 50 -8.99 -4.22 -14.03
N LEU A 51 -8.20 -4.37 -15.09
CA LEU A 51 -8.31 -5.52 -15.97
C LEU A 51 -7.79 -6.78 -15.28
N SER A 52 -6.76 -6.62 -14.47
CA SER A 52 -6.18 -7.76 -13.74
C SER A 52 -7.21 -8.40 -12.83
N PRO A 53 -6.96 -9.66 -12.41
CA PRO A 53 -7.86 -10.40 -11.53
C PRO A 53 -7.95 -9.79 -10.14
N ALA A 54 -6.85 -9.19 -9.69
CA ALA A 54 -6.80 -8.56 -8.38
C ALA A 54 -6.12 -7.19 -8.45
N PRO A 55 -6.88 -6.14 -8.76
CA PRO A 55 -6.35 -4.78 -8.86
C PRO A 55 -5.53 -4.37 -7.63
N SER A 56 -5.93 -4.90 -6.47
CA SER A 56 -5.24 -4.59 -5.23
C SER A 56 -3.95 -5.38 -5.12
N LYS A 57 -3.94 -6.58 -5.70
CA LYS A 57 -2.75 -7.43 -5.67
C LYS A 57 -1.71 -6.97 -6.68
N THR A 58 -2.19 -6.48 -7.83
CA THR A 58 -1.30 -5.99 -8.88
C THR A 58 -0.76 -4.61 -8.53
N LEU A 59 -1.55 -3.83 -7.80
CA LEU A 59 -1.14 -2.49 -7.42
C LEU A 59 0.15 -2.51 -6.60
N MET A 60 0.18 -3.38 -5.59
CA MET A 60 1.35 -3.50 -4.73
C MET A 60 2.53 -4.08 -5.50
N ASP A 61 2.24 -4.91 -6.50
CA ASP A 61 3.28 -5.52 -7.32
C ASP A 61 3.92 -4.48 -8.23
N ASN A 62 3.14 -3.49 -8.64
CA ASN A 62 3.65 -2.44 -9.52
C ASN A 62 4.30 -1.32 -8.71
N TYR A 63 3.74 -1.04 -7.53
CA TYR A 63 4.26 0.00 -6.66
C TYR A 63 5.64 -0.38 -6.11
N GLU A 64 5.83 -1.68 -5.87
CA GLU A 64 7.09 -2.18 -5.35
C GLU A 64 8.21 -2.01 -6.36
N VAL A 65 7.90 -2.30 -7.64
CA VAL A 65 8.88 -2.18 -8.70
C VAL A 65 9.12 -0.72 -9.08
N SER A 66 8.12 0.11 -8.84
CA SER A 66 8.22 1.54 -9.15
C SER A 66 8.62 2.35 -7.92
N GLY A 67 9.45 1.73 -7.06
CA GLY A 67 9.90 2.41 -5.86
C GLY A 67 8.85 2.37 -4.74
N GLY A 68 8.56 1.17 -4.26
CA GLY A 68 7.59 1.03 -3.20
C GLY A 68 8.13 1.43 -1.84
N THR A 69 7.42 2.32 -1.16
CA THR A 69 7.85 2.78 0.15
C THR A 69 6.71 2.68 1.17
N VAL A 70 7.07 2.60 2.44
CA VAL A 70 6.07 2.50 3.51
C VAL A 70 5.59 3.88 3.93
N ARG A 71 6.47 4.87 3.86
CA ARG A 71 6.13 6.23 4.23
C ARG A 71 4.97 6.76 3.39
N GLU A 72 4.90 6.31 2.14
CA GLU A 72 3.85 6.73 1.23
C GLU A 72 2.56 5.96 1.49
N LEU A 73 2.70 4.70 1.89
CA LEU A 73 1.55 3.85 2.18
C LEU A 73 0.78 4.38 3.39
N VAL A 74 1.50 4.71 4.45
CA VAL A 74 0.88 5.21 5.66
C VAL A 74 0.24 6.58 5.42
N GLU A 75 0.82 7.35 4.51
CA GLU A 75 0.32 8.68 4.19
C GLU A 75 -0.92 8.58 3.30
N ALA A 76 -0.86 7.73 2.28
CA ALA A 76 -1.97 7.54 1.37
C ALA A 76 -3.20 7.03 2.10
N LEU A 77 -2.98 6.19 3.11
CA LEU A 77 -4.07 5.63 3.89
C LEU A 77 -4.71 6.69 4.78
N ARG A 78 -3.90 7.64 5.24
CA ARG A 78 -4.38 8.71 6.10
C ARG A 78 -5.12 9.77 5.28
N GLN A 79 -4.69 9.95 4.03
CA GLN A 79 -5.31 10.93 3.15
C GLN A 79 -6.69 10.47 2.70
N MET A 80 -6.83 9.16 2.50
CA MET A 80 -8.10 8.59 2.06
C MET A 80 -9.05 8.41 3.24
N GLY A 81 -8.61 7.65 4.24
CA GLY A 81 -9.43 7.43 5.42
C GLY A 81 -9.31 6.00 5.93
N TYR A 82 -8.10 5.49 6.00
CA TYR A 82 -7.85 4.13 6.48
C TYR A 82 -7.27 4.15 7.89
N THR A 83 -7.87 3.36 8.77
CA THR A 83 -7.42 3.28 10.16
C THR A 83 -6.92 1.87 10.48
N GLU A 84 -7.62 0.87 9.97
CA GLU A 84 -7.25 -0.52 10.21
C GLU A 84 -6.07 -0.93 9.33
N ALA A 85 -5.99 -0.34 8.14
CA ALA A 85 -4.92 -0.64 7.20
C ALA A 85 -3.58 -0.12 7.72
N ILE A 86 -3.61 1.04 8.38
CA ILE A 86 -2.40 1.64 8.92
C ILE A 86 -1.90 0.86 10.12
N GLU A 87 -2.82 0.28 10.88
CA GLU A 87 -2.47 -0.50 12.06
C GLU A 87 -1.69 -1.75 11.68
N VAL A 88 -2.10 -2.39 10.59
CA VAL A 88 -1.44 -3.60 10.11
C VAL A 88 0.02 -3.33 9.77
N ILE A 89 0.28 -2.15 9.21
CA ILE A 89 1.63 -1.76 8.83
C ILE A 89 2.44 -1.31 10.05
N GLN A 90 1.81 -0.52 10.91
CA GLN A 90 2.46 -0.02 12.12
C GLN A 90 2.76 -1.17 13.08
N ALA A 91 1.92 -2.19 13.07
CA ALA A 91 2.10 -3.34 13.94
C ALA A 91 3.33 -4.14 13.55
N ALA A 92 3.59 -4.22 12.24
CA ALA A 92 4.74 -4.96 11.73
C ALA A 92 5.97 -4.06 11.65
N SER A 93 5.76 -2.80 11.28
CA SER A 93 6.86 -1.84 11.16
C SER A 93 6.54 -0.56 11.91
N SER A 94 7.31 -0.28 12.95
CA SER A 94 7.11 0.92 13.76
C SER A 94 7.66 2.15 13.04
N SER A 95 6.91 2.62 12.04
CA SER A 95 7.32 3.79 11.28
C SER A 95 8.67 3.56 10.60
N GLY A 96 8.62 3.18 9.32
CA GLY A 96 9.85 2.93 8.59
C GLY A 96 10.69 1.84 9.20
N PRO A 97 12.01 1.85 8.98
CA PRO A 97 12.92 0.84 9.53
C PRO A 97 13.07 0.95 11.04
N SER A 98 12.60 -0.05 11.76
CA SER A 98 12.67 -0.06 13.22
C SER A 98 12.44 -1.47 13.77
N SER A 99 13.08 -1.76 14.90
CA SER A 99 12.94 -3.08 15.53
C SER A 99 13.32 -3.01 17.00
N GLY A 100 12.40 -2.54 17.84
CA GLY A 100 12.67 -2.43 19.26
C GLY A 100 12.55 -3.77 19.97
N GLY A 1 23.45 -9.04 -6.13
CA GLY A 1 22.31 -8.68 -5.23
C GLY A 1 21.16 -8.05 -5.98
N SER A 2 21.31 -6.79 -6.34
CA SER A 2 20.26 -6.07 -7.07
C SER A 2 18.98 -5.99 -6.23
N SER A 3 18.00 -5.25 -6.74
CA SER A 3 16.72 -5.11 -6.04
C SER A 3 15.74 -4.30 -6.89
N GLY A 4 16.21 -3.19 -7.44
CA GLY A 4 15.36 -2.35 -8.27
C GLY A 4 15.46 -0.89 -7.89
N SER A 5 15.05 -0.57 -6.66
CA SER A 5 15.10 0.81 -6.17
C SER A 5 15.03 0.85 -4.65
N SER A 6 15.35 2.01 -4.08
CA SER A 6 15.32 2.18 -2.63
C SER A 6 13.90 2.03 -2.10
N GLY A 7 13.55 0.80 -1.72
CA GLY A 7 12.22 0.54 -1.19
C GLY A 7 12.25 -0.31 0.06
N ASP A 8 11.42 0.03 1.04
CA ASP A 8 11.35 -0.71 2.29
C ASP A 8 10.07 -1.54 2.36
N MET A 9 9.66 -2.08 1.22
CA MET A 9 8.46 -2.91 1.16
C MET A 9 8.78 -4.37 1.40
N LYS A 10 9.99 -4.79 1.01
CA LYS A 10 10.41 -6.16 1.18
C LYS A 10 10.42 -6.55 2.67
N GLN A 11 10.72 -5.57 3.51
CA GLN A 11 10.76 -5.81 4.95
C GLN A 11 9.37 -6.15 5.50
N LEU A 12 8.35 -5.61 4.84
CA LEU A 12 6.96 -5.86 5.26
C LEU A 12 6.60 -7.33 5.07
N ALA A 13 5.90 -7.89 6.05
CA ALA A 13 5.47 -9.28 5.99
C ALA A 13 4.36 -9.47 4.97
N GLU A 14 4.31 -10.66 4.37
CA GLU A 14 3.29 -10.97 3.37
C GLU A 14 1.89 -10.83 3.96
N ASP A 15 1.77 -11.12 5.25
CA ASP A 15 0.48 -11.03 5.93
C ASP A 15 0.02 -9.58 6.03
N VAL A 16 0.97 -8.66 6.12
CA VAL A 16 0.67 -7.25 6.21
C VAL A 16 0.01 -6.74 4.94
N LYS A 17 0.63 -7.06 3.80
CA LYS A 17 0.10 -6.63 2.50
C LYS A 17 -1.14 -7.43 2.13
N LEU A 18 -1.22 -8.67 2.62
CA LEU A 18 -2.34 -9.55 2.33
C LEU A 18 -3.65 -8.91 2.82
N GLN A 19 -3.60 -8.30 3.99
CA GLN A 19 -4.78 -7.66 4.58
C GLN A 19 -5.19 -6.44 3.76
N LEU A 20 -4.20 -5.76 3.18
CA LEU A 20 -4.47 -4.57 2.38
C LEU A 20 -5.37 -4.90 1.20
N TYR A 21 -5.13 -6.04 0.57
CA TYR A 21 -5.92 -6.47 -0.58
C TYR A 21 -7.38 -6.64 -0.19
N LYS A 22 -7.62 -7.17 1.01
CA LYS A 22 -8.97 -7.39 1.49
C LYS A 22 -9.66 -6.06 1.81
N LEU A 23 -8.91 -5.14 2.39
CA LEU A 23 -9.44 -3.83 2.75
C LEU A 23 -9.84 -3.04 1.51
N LEU A 24 -8.91 -2.94 0.56
CA LEU A 24 -9.16 -2.23 -0.68
C LEU A 24 -10.27 -2.89 -1.50
N GLU A 25 -10.43 -4.20 -1.31
CA GLU A 25 -11.44 -4.96 -2.03
C GLU A 25 -12.82 -4.33 -1.87
N ILE A 26 -13.03 -3.64 -0.76
CA ILE A 26 -14.30 -2.99 -0.48
C ILE A 26 -14.60 -1.89 -1.50
N PRO A 27 -15.76 -1.95 -2.17
CA PRO A 27 -16.15 -0.95 -3.16
C PRO A 27 -16.58 0.37 -2.53
N ASP A 28 -15.64 1.04 -1.88
CA ASP A 28 -15.92 2.31 -1.23
C ASP A 28 -15.09 3.43 -1.85
N PRO A 29 -15.62 4.68 -1.84
CA PRO A 29 -14.91 5.84 -2.40
C PRO A 29 -13.66 6.19 -1.60
N ASP A 30 -13.66 5.84 -0.31
CA ASP A 30 -12.53 6.12 0.56
C ASP A 30 -12.01 4.84 1.21
N LYS A 31 -12.16 3.72 0.50
CA LYS A 31 -11.71 2.43 1.01
C LYS A 31 -11.58 1.42 -0.12
N ASN A 32 -11.18 1.88 -1.29
CA ASN A 32 -11.01 1.02 -2.44
C ASN A 32 -9.59 1.07 -2.97
N TRP A 33 -9.21 0.06 -3.76
CA TRP A 33 -7.86 0.00 -4.33
C TRP A 33 -7.63 1.15 -5.30
N ALA A 34 -8.65 1.47 -6.09
CA ALA A 34 -8.56 2.55 -7.06
C ALA A 34 -8.23 3.87 -6.38
N THR A 35 -8.70 4.03 -5.15
CA THR A 35 -8.46 5.25 -4.39
C THR A 35 -7.02 5.33 -3.92
N LEU A 36 -6.44 4.18 -3.59
CA LEU A 36 -5.05 4.12 -3.12
C LEU A 36 -4.09 4.34 -4.28
N ALA A 37 -4.49 3.91 -5.47
CA ALA A 37 -3.65 4.07 -6.66
C ALA A 37 -3.39 5.54 -6.95
N GLN A 38 -4.39 6.38 -6.71
CA GLN A 38 -4.25 7.81 -6.95
C GLN A 38 -3.45 8.48 -5.83
N LYS A 39 -3.62 7.97 -4.61
CA LYS A 39 -2.92 8.52 -3.46
C LYS A 39 -1.43 8.18 -3.52
N LEU A 40 -1.13 6.94 -3.87
CA LEU A 40 0.27 6.50 -3.97
C LEU A 40 0.95 7.13 -5.17
N GLY A 41 0.60 6.66 -6.36
CA GLY A 41 1.21 7.19 -7.57
C GLY A 41 1.05 6.27 -8.76
N LEU A 42 -0.14 5.70 -8.90
CA LEU A 42 -0.43 4.79 -10.01
C LEU A 42 -1.79 5.09 -10.63
N GLY A 43 -2.18 6.36 -10.61
CA GLY A 43 -3.46 6.75 -11.17
C GLY A 43 -3.51 6.56 -12.67
N ILE A 44 -2.35 6.63 -13.31
CA ILE A 44 -2.27 6.47 -14.77
C ILE A 44 -2.35 4.99 -15.15
N LEU A 45 -1.85 4.12 -14.27
CA LEU A 45 -1.86 2.69 -14.51
C LEU A 45 -3.03 2.02 -13.81
N ASN A 46 -4.12 2.77 -13.64
CA ASN A 46 -5.32 2.25 -12.98
C ASN A 46 -6.05 1.28 -13.89
N ASN A 47 -6.11 1.60 -15.18
CA ASN A 47 -6.78 0.75 -16.16
C ASN A 47 -6.08 -0.60 -16.29
N ALA A 48 -4.77 -0.60 -16.09
CA ALA A 48 -3.97 -1.82 -16.18
C ALA A 48 -4.32 -2.79 -15.07
N PHE A 49 -4.68 -2.25 -13.91
CA PHE A 49 -5.04 -3.07 -12.75
C PHE A 49 -6.49 -3.54 -12.85
N ARG A 50 -7.35 -2.66 -13.34
CA ARG A 50 -8.76 -2.98 -13.49
C ARG A 50 -8.96 -4.21 -14.39
N LEU A 51 -8.06 -4.36 -15.35
CA LEU A 51 -8.12 -5.49 -16.28
C LEU A 51 -7.81 -6.80 -15.57
N SER A 52 -6.93 -6.73 -14.58
CA SER A 52 -6.53 -7.91 -13.82
C SER A 52 -7.66 -8.36 -12.89
N PRO A 53 -7.68 -9.65 -12.53
CA PRO A 53 -8.71 -10.20 -11.63
C PRO A 53 -8.69 -9.56 -10.26
N ALA A 54 -7.52 -9.08 -9.85
CA ALA A 54 -7.37 -8.44 -8.56
C ALA A 54 -6.52 -7.18 -8.66
N PRO A 55 -7.13 -6.05 -9.06
CA PRO A 55 -6.43 -4.78 -9.21
C PRO A 55 -5.63 -4.40 -7.96
N SER A 56 -6.22 -4.66 -6.80
CA SER A 56 -5.56 -4.35 -5.53
C SER A 56 -4.25 -5.11 -5.39
N LYS A 57 -4.27 -6.39 -5.77
CA LYS A 57 -3.08 -7.23 -5.69
C LYS A 57 -2.05 -6.82 -6.73
N THR A 58 -2.53 -6.43 -7.91
CA THR A 58 -1.64 -6.00 -8.99
C THR A 58 -1.02 -4.64 -8.70
N LEU A 59 -1.75 -3.80 -7.96
CA LEU A 59 -1.27 -2.48 -7.61
C LEU A 59 0.02 -2.56 -6.81
N MET A 60 -0.01 -3.31 -5.71
CA MET A 60 1.16 -3.47 -4.85
C MET A 60 2.32 -4.07 -5.63
N ASP A 61 2.01 -4.86 -6.65
CA ASP A 61 3.03 -5.49 -7.48
C ASP A 61 3.76 -4.47 -8.33
N ASN A 62 3.04 -3.41 -8.72
CA ASN A 62 3.62 -2.35 -9.54
C ASN A 62 4.28 -1.29 -8.66
N TYR A 63 3.73 -1.09 -7.47
CA TYR A 63 4.26 -0.10 -6.53
C TYR A 63 5.58 -0.57 -5.92
N GLU A 64 5.73 -1.88 -5.78
CA GLU A 64 6.94 -2.46 -5.21
C GLU A 64 8.09 -2.42 -6.21
N VAL A 65 7.79 -2.78 -7.45
CA VAL A 65 8.80 -2.77 -8.51
C VAL A 65 9.27 -1.36 -8.83
N SER A 66 8.39 -0.39 -8.61
CA SER A 66 8.70 1.01 -8.87
C SER A 66 9.15 1.72 -7.60
N GLY A 67 9.90 1.00 -6.76
CA GLY A 67 10.38 1.58 -5.52
C GLY A 67 9.56 1.14 -4.32
N GLY A 68 8.38 1.74 -4.17
CA GLY A 68 7.52 1.39 -3.05
C GLY A 68 8.13 1.72 -1.71
N THR A 69 7.46 2.57 -0.95
CA THR A 69 7.95 2.96 0.37
C THR A 69 6.84 2.88 1.41
N VAL A 70 7.22 2.55 2.65
CA VAL A 70 6.26 2.43 3.74
C VAL A 70 5.76 3.80 4.18
N ARG A 71 6.62 4.80 4.06
CA ARG A 71 6.27 6.16 4.45
C ARG A 71 5.13 6.71 3.59
N GLU A 72 5.10 6.27 2.33
CA GLU A 72 4.07 6.72 1.41
C GLU A 72 2.79 5.90 1.60
N LEU A 73 2.94 4.63 1.92
CA LEU A 73 1.80 3.75 2.12
C LEU A 73 1.01 4.15 3.36
N VAL A 74 1.73 4.46 4.44
CA VAL A 74 1.09 4.87 5.69
C VAL A 74 0.41 6.23 5.53
N GLU A 75 1.06 7.13 4.79
CA GLU A 75 0.51 8.47 4.57
C GLU A 75 -0.67 8.42 3.61
N ALA A 76 -0.51 7.68 2.52
CA ALA A 76 -1.55 7.55 1.51
C ALA A 76 -2.82 6.94 2.12
N LEU A 77 -2.63 5.94 2.98
CA LEU A 77 -3.75 5.27 3.62
C LEU A 77 -4.49 6.22 4.57
N ARG A 78 -3.75 7.17 5.14
CA ARG A 78 -4.34 8.14 6.05
C ARG A 78 -5.14 9.20 5.30
N GLN A 79 -4.71 9.49 4.07
CA GLN A 79 -5.39 10.48 3.25
C GLN A 79 -6.77 9.98 2.83
N MET A 80 -6.87 8.68 2.57
CA MET A 80 -8.14 8.07 2.16
C MET A 80 -9.07 7.92 3.36
N GLY A 81 -8.49 7.65 4.52
CA GLY A 81 -9.29 7.49 5.73
C GLY A 81 -9.23 6.08 6.28
N TYR A 82 -8.13 5.38 6.00
CA TYR A 82 -7.94 4.02 6.48
C TYR A 82 -7.33 4.01 7.88
N THR A 83 -7.94 3.25 8.77
CA THR A 83 -7.46 3.16 10.16
C THR A 83 -6.87 1.78 10.43
N GLU A 84 -7.49 0.75 9.85
CA GLU A 84 -7.02 -0.62 10.04
C GLU A 84 -5.82 -0.91 9.16
N ALA A 85 -5.77 -0.26 7.99
CA ALA A 85 -4.67 -0.46 7.05
C ALA A 85 -3.35 0.06 7.64
N ILE A 86 -3.43 1.15 8.39
CA ILE A 86 -2.24 1.73 9.01
C ILE A 86 -1.79 0.91 10.21
N GLU A 87 -2.74 0.29 10.90
CA GLU A 87 -2.42 -0.53 12.06
C GLU A 87 -1.64 -1.78 11.66
N VAL A 88 -1.95 -2.31 10.49
CA VAL A 88 -1.27 -3.50 9.99
C VAL A 88 0.21 -3.24 9.79
N ILE A 89 0.56 -1.99 9.46
CA ILE A 89 1.94 -1.62 9.23
C ILE A 89 2.60 -1.12 10.52
N GLN A 90 1.91 -0.21 11.21
CA GLN A 90 2.42 0.34 12.45
C GLN A 90 2.62 -0.76 13.49
N ALA A 91 1.70 -1.71 13.54
CA ALA A 91 1.78 -2.82 14.48
C ALA A 91 2.98 -3.69 14.19
N ALA A 92 3.13 -4.10 12.94
CA ALA A 92 4.25 -4.95 12.53
C ALA A 92 5.56 -4.18 12.56
N SER A 93 5.58 -3.01 11.91
CA SER A 93 6.77 -2.19 11.86
C SER A 93 7.21 -1.78 13.26
N SER A 94 6.30 -1.17 14.02
CA SER A 94 6.59 -0.74 15.38
C SER A 94 7.72 0.28 15.39
N SER A 95 7.93 0.92 16.54
CA SER A 95 8.99 1.91 16.69
C SER A 95 9.68 1.77 18.04
N GLY A 96 11.00 1.78 18.03
CA GLY A 96 11.77 1.66 19.26
C GLY A 96 13.27 1.64 19.02
N PRO A 97 13.95 2.79 19.19
CA PRO A 97 15.40 2.88 18.98
C PRO A 97 16.19 2.09 20.03
N SER A 98 15.68 2.09 21.26
CA SER A 98 16.32 1.38 22.35
C SER A 98 15.37 0.39 23.01
N SER A 99 14.36 0.92 23.70
CA SER A 99 13.36 0.09 24.37
C SER A 99 11.97 0.71 24.26
N GLY A 100 10.96 -0.08 24.60
CA GLY A 100 9.59 0.41 24.52
C GLY A 100 8.78 0.02 25.76
N GLY A 1 24.66 8.07 -8.17
CA GLY A 1 25.41 8.76 -7.09
C GLY A 1 24.51 9.62 -6.23
N SER A 2 23.24 9.24 -6.13
CA SER A 2 22.27 9.98 -5.33
C SER A 2 21.39 9.04 -4.52
N SER A 3 20.85 8.03 -5.19
CA SER A 3 19.98 7.06 -4.54
C SER A 3 20.07 5.70 -5.22
N GLY A 4 20.33 4.67 -4.43
CA GLY A 4 20.45 3.32 -4.97
C GLY A 4 19.31 2.43 -4.55
N SER A 5 19.16 2.25 -3.24
CA SER A 5 18.09 1.40 -2.70
C SER A 5 16.82 2.22 -2.44
N SER A 6 15.87 2.14 -3.37
CA SER A 6 14.62 2.87 -3.24
C SER A 6 13.48 1.93 -2.87
N GLY A 7 12.76 2.29 -1.81
CA GLY A 7 11.65 1.47 -1.36
C GLY A 7 11.98 0.66 -0.13
N ASP A 8 10.97 0.38 0.68
CA ASP A 8 11.16 -0.39 1.92
C ASP A 8 9.98 -1.34 2.15
N MET A 9 9.54 -1.99 1.08
CA MET A 9 8.44 -2.93 1.16
C MET A 9 8.93 -4.35 1.44
N LYS A 10 10.17 -4.63 1.04
CA LYS A 10 10.76 -5.95 1.24
C LYS A 10 10.75 -6.33 2.72
N GLN A 11 10.85 -5.32 3.58
CA GLN A 11 10.85 -5.55 5.02
C GLN A 11 9.46 -5.95 5.52
N LEU A 12 8.44 -5.47 4.83
CA LEU A 12 7.05 -5.80 5.19
C LEU A 12 6.75 -7.27 4.95
N ALA A 13 6.01 -7.87 5.86
CA ALA A 13 5.64 -9.27 5.75
C ALA A 13 4.47 -9.47 4.78
N GLU A 14 4.41 -10.64 4.17
CA GLU A 14 3.34 -10.95 3.22
C GLU A 14 1.97 -10.87 3.89
N ASP A 15 1.91 -11.30 5.15
CA ASP A 15 0.66 -11.28 5.90
C ASP A 15 0.13 -9.86 6.04
N VAL A 16 1.05 -8.90 6.09
CA VAL A 16 0.68 -7.50 6.22
C VAL A 16 -0.02 -6.99 4.96
N LYS A 17 0.59 -7.22 3.81
CA LYS A 17 0.03 -6.80 2.54
C LYS A 17 -1.21 -7.62 2.19
N LEU A 18 -1.24 -8.86 2.65
CA LEU A 18 -2.36 -9.75 2.39
C LEU A 18 -3.67 -9.15 2.90
N GLN A 19 -3.62 -8.57 4.09
CA GLN A 19 -4.79 -7.95 4.70
C GLN A 19 -5.20 -6.69 3.94
N LEU A 20 -4.21 -5.99 3.38
CA LEU A 20 -4.46 -4.77 2.65
C LEU A 20 -5.37 -5.03 1.44
N TYR A 21 -5.17 -6.18 0.80
CA TYR A 21 -5.97 -6.56 -0.35
C TYR A 21 -7.45 -6.66 0.02
N LYS A 22 -7.73 -7.05 1.26
CA LYS A 22 -9.10 -7.18 1.73
C LYS A 22 -9.70 -5.82 2.05
N LEU A 23 -8.87 -4.89 2.49
CA LEU A 23 -9.33 -3.55 2.82
C LEU A 23 -9.67 -2.76 1.56
N LEU A 24 -8.76 -2.76 0.59
CA LEU A 24 -8.97 -2.05 -0.66
C LEU A 24 -10.11 -2.67 -1.47
N GLU A 25 -10.32 -3.97 -1.27
CA GLU A 25 -11.38 -4.69 -1.97
C GLU A 25 -12.74 -4.05 -1.71
N ILE A 26 -12.86 -3.35 -0.58
CA ILE A 26 -14.11 -2.70 -0.21
C ILE A 26 -14.53 -1.69 -1.29
N PRO A 27 -15.77 -1.79 -1.79
CA PRO A 27 -16.28 -0.87 -2.82
C PRO A 27 -16.69 0.47 -2.25
N ASP A 28 -15.75 1.14 -1.60
CA ASP A 28 -16.01 2.45 -1.00
C ASP A 28 -15.08 3.51 -1.59
N PRO A 29 -15.55 4.77 -1.68
CA PRO A 29 -14.75 5.87 -2.23
C PRO A 29 -13.52 6.16 -1.38
N ASP A 30 -13.68 6.12 -0.07
CA ASP A 30 -12.58 6.39 0.84
C ASP A 30 -11.98 5.09 1.37
N LYS A 31 -12.07 4.03 0.57
CA LYS A 31 -11.53 2.73 0.95
C LYS A 31 -11.50 1.78 -0.24
N ASN A 32 -11.14 2.32 -1.41
CA ASN A 32 -11.07 1.52 -2.64
C ASN A 32 -9.63 1.42 -3.13
N TRP A 33 -9.34 0.34 -3.85
CA TRP A 33 -7.99 0.13 -4.38
C TRP A 33 -7.65 1.18 -5.44
N ALA A 34 -8.67 1.62 -6.17
CA ALA A 34 -8.48 2.62 -7.21
C ALA A 34 -8.12 3.98 -6.61
N THR A 35 -8.75 4.30 -5.48
CA THR A 35 -8.50 5.57 -4.80
C THR A 35 -7.08 5.59 -4.22
N LEU A 36 -6.61 4.44 -3.75
CA LEU A 36 -5.29 4.33 -3.16
C LEU A 36 -4.21 4.54 -4.23
N ALA A 37 -4.50 4.10 -5.45
CA ALA A 37 -3.54 4.24 -6.55
C ALA A 37 -3.22 5.71 -6.81
N GLN A 38 -4.24 6.55 -6.79
CA GLN A 38 -4.05 7.98 -7.02
C GLN A 38 -3.28 8.62 -5.87
N LYS A 39 -3.46 8.09 -4.67
CA LYS A 39 -2.77 8.60 -3.49
C LYS A 39 -1.33 8.14 -3.45
N LEU A 40 -1.11 6.88 -3.84
CA LEU A 40 0.23 6.30 -3.84
C LEU A 40 1.05 6.83 -5.02
N GLY A 41 0.49 6.68 -6.22
CA GLY A 41 1.19 7.15 -7.41
C GLY A 41 1.07 6.18 -8.57
N LEU A 42 -0.13 5.65 -8.78
CA LEU A 42 -0.35 4.70 -9.87
C LEU A 42 -1.77 4.86 -10.43
N GLY A 43 -2.29 6.08 -10.38
CA GLY A 43 -3.62 6.33 -10.90
C GLY A 43 -3.69 6.25 -12.40
N ILE A 44 -2.58 6.57 -13.06
CA ILE A 44 -2.52 6.53 -14.52
C ILE A 44 -2.65 5.10 -15.03
N LEU A 45 -2.16 4.15 -14.25
CA LEU A 45 -2.23 2.74 -14.62
C LEU A 45 -3.38 2.04 -13.91
N ASN A 46 -4.45 2.79 -13.64
CA ASN A 46 -5.61 2.24 -12.96
C ASN A 46 -6.34 1.25 -13.86
N ASN A 47 -6.29 1.48 -15.17
CA ASN A 47 -6.93 0.61 -16.14
C ASN A 47 -6.21 -0.73 -16.23
N ALA A 48 -4.89 -0.70 -16.12
CA ALA A 48 -4.08 -1.90 -16.18
C ALA A 48 -4.44 -2.87 -15.06
N PHE A 49 -4.67 -2.33 -13.88
CA PHE A 49 -5.02 -3.14 -12.71
C PHE A 49 -6.48 -3.56 -12.78
N ARG A 50 -7.34 -2.67 -13.27
CA ARG A 50 -8.76 -2.95 -13.38
C ARG A 50 -9.01 -4.19 -14.24
N LEU A 51 -8.27 -4.30 -15.32
CA LEU A 51 -8.40 -5.44 -16.24
C LEU A 51 -7.99 -6.74 -15.54
N SER A 52 -7.06 -6.64 -14.60
CA SER A 52 -6.58 -7.80 -13.87
C SER A 52 -7.62 -8.27 -12.85
N PRO A 53 -7.56 -9.55 -12.45
CA PRO A 53 -8.50 -10.12 -11.48
C PRO A 53 -8.59 -9.30 -10.20
N ALA A 54 -7.46 -9.17 -9.51
CA ALA A 54 -7.40 -8.41 -8.26
C ALA A 54 -6.54 -7.17 -8.42
N PRO A 55 -7.13 -6.04 -8.85
CA PRO A 55 -6.39 -4.78 -9.03
C PRO A 55 -5.60 -4.39 -7.79
N SER A 56 -6.10 -4.78 -6.63
CA SER A 56 -5.44 -4.46 -5.36
C SER A 56 -4.13 -5.24 -5.23
N LYS A 57 -4.12 -6.47 -5.72
CA LYS A 57 -2.93 -7.31 -5.65
C LYS A 57 -1.87 -6.83 -6.65
N THR A 58 -2.32 -6.43 -7.83
CA THR A 58 -1.41 -5.95 -8.87
C THR A 58 -0.79 -4.61 -8.47
N LEU A 59 -1.54 -3.82 -7.71
CA LEU A 59 -1.05 -2.52 -7.27
C LEU A 59 0.19 -2.67 -6.39
N MET A 60 0.11 -3.57 -5.42
CA MET A 60 1.23 -3.81 -4.51
C MET A 60 2.44 -4.35 -5.26
N ASP A 61 2.17 -5.10 -6.33
CA ASP A 61 3.24 -5.68 -7.13
C ASP A 61 3.92 -4.61 -7.99
N ASN A 62 3.14 -3.64 -8.44
CA ASN A 62 3.67 -2.56 -9.27
C ASN A 62 4.33 -1.49 -8.41
N TYR A 63 3.70 -1.17 -7.29
CA TYR A 63 4.22 -0.16 -6.38
C TYR A 63 5.60 -0.55 -5.85
N GLU A 64 5.83 -1.85 -5.73
CA GLU A 64 7.12 -2.35 -5.24
C GLU A 64 8.22 -2.10 -6.26
N VAL A 65 7.96 -2.49 -7.50
CA VAL A 65 8.94 -2.30 -8.58
C VAL A 65 9.20 -0.83 -8.83
N SER A 66 8.22 0.01 -8.52
CA SER A 66 8.35 1.45 -8.71
C SER A 66 8.76 2.13 -7.41
N GLY A 67 9.63 1.48 -6.64
CA GLY A 67 10.08 2.04 -5.39
C GLY A 67 8.96 2.20 -4.38
N GLY A 68 8.42 1.09 -3.91
CA GLY A 68 7.35 1.12 -2.94
C GLY A 68 7.85 1.36 -1.53
N THR A 69 7.56 2.54 -0.99
CA THR A 69 7.98 2.89 0.37
C THR A 69 6.82 2.82 1.34
N VAL A 70 7.12 2.48 2.58
CA VAL A 70 6.08 2.39 3.62
C VAL A 70 5.62 3.76 4.06
N ARG A 71 6.53 4.74 4.00
CA ARG A 71 6.21 6.09 4.41
C ARG A 71 5.08 6.67 3.56
N GLU A 72 5.13 6.41 2.26
CA GLU A 72 4.12 6.89 1.34
C GLU A 72 2.81 6.11 1.51
N LEU A 73 2.93 4.85 1.88
CA LEU A 73 1.78 3.99 2.07
C LEU A 73 0.98 4.42 3.31
N VAL A 74 1.68 4.68 4.40
CA VAL A 74 1.03 5.10 5.64
C VAL A 74 0.37 6.45 5.47
N GLU A 75 0.98 7.31 4.66
CA GLU A 75 0.45 8.65 4.41
C GLU A 75 -0.74 8.59 3.47
N ALA A 76 -0.61 7.81 2.40
CA ALA A 76 -1.68 7.67 1.41
C ALA A 76 -2.95 7.12 2.06
N LEU A 77 -2.79 6.10 2.89
CA LEU A 77 -3.93 5.50 3.58
C LEU A 77 -4.61 6.49 4.51
N ARG A 78 -3.80 7.35 5.12
CA ARG A 78 -4.32 8.36 6.04
C ARG A 78 -5.08 9.45 5.29
N GLN A 79 -4.65 9.72 4.06
CA GLN A 79 -5.28 10.73 3.23
C GLN A 79 -6.70 10.34 2.86
N MET A 80 -6.93 9.03 2.74
CA MET A 80 -8.25 8.52 2.39
C MET A 80 -9.11 8.33 3.64
N GLY A 81 -8.46 8.03 4.76
CA GLY A 81 -9.18 7.83 6.00
C GLY A 81 -9.10 6.40 6.51
N TYR A 82 -8.03 5.70 6.13
CA TYR A 82 -7.84 4.33 6.55
C TYR A 82 -7.25 4.26 7.96
N THR A 83 -7.84 3.44 8.81
CA THR A 83 -7.38 3.29 10.19
C THR A 83 -6.85 1.88 10.43
N GLU A 84 -7.55 0.89 9.88
CA GLU A 84 -7.16 -0.50 10.05
C GLU A 84 -5.95 -0.83 9.16
N ALA A 85 -5.96 -0.31 7.94
CA ALA A 85 -4.87 -0.54 7.01
C ALA A 85 -3.55 -0.04 7.56
N ILE A 86 -3.59 1.10 8.23
CA ILE A 86 -2.38 1.69 8.81
C ILE A 86 -1.91 0.89 10.03
N GLU A 87 -2.87 0.30 10.74
CA GLU A 87 -2.55 -0.49 11.93
C GLU A 87 -1.82 -1.78 11.54
N VAL A 88 -2.16 -2.32 10.38
CA VAL A 88 -1.52 -3.55 9.90
C VAL A 88 -0.04 -3.32 9.62
N ILE A 89 0.29 -2.17 9.06
CA ILE A 89 1.67 -1.84 8.73
C ILE A 89 2.45 -1.45 9.99
N GLN A 90 1.79 -0.73 10.89
CA GLN A 90 2.41 -0.29 12.14
C GLN A 90 2.68 -1.48 13.05
N ALA A 91 1.84 -2.51 12.95
CA ALA A 91 1.99 -3.71 13.77
C ALA A 91 3.35 -4.35 13.54
N ALA A 92 3.87 -4.21 12.34
CA ALA A 92 5.17 -4.79 12.00
C ALA A 92 6.25 -3.73 12.00
N SER A 93 6.09 -2.71 11.17
CA SER A 93 7.06 -1.63 11.08
C SER A 93 7.05 -0.77 12.34
N SER A 94 8.21 -0.66 12.98
CA SER A 94 8.33 0.12 14.21
C SER A 94 7.42 -0.42 15.29
N SER A 95 7.55 0.13 16.50
CA SER A 95 6.74 -0.30 17.63
C SER A 95 6.90 0.66 18.81
N GLY A 96 8.14 1.06 19.07
CA GLY A 96 8.40 1.97 20.17
C GLY A 96 9.89 2.11 20.45
N PRO A 97 10.26 2.53 21.68
CA PRO A 97 11.66 2.71 22.07
C PRO A 97 12.50 1.46 21.78
N SER A 98 13.81 1.57 21.97
CA SER A 98 14.72 0.47 21.74
C SER A 98 15.57 0.19 22.97
N SER A 99 15.15 -0.80 23.75
CA SER A 99 15.87 -1.18 24.96
C SER A 99 15.30 -2.45 25.58
N GLY A 100 13.98 -2.46 25.77
CA GLY A 100 13.34 -3.62 26.35
C GLY A 100 11.91 -3.32 26.79
N GLY A 1 20.98 4.58 0.74
CA GLY A 1 21.58 4.78 2.09
C GLY A 1 23.01 4.30 2.16
N SER A 2 23.21 2.99 1.96
CA SER A 2 24.53 2.41 2.01
C SER A 2 25.12 2.26 0.61
N SER A 3 24.53 1.36 -0.18
CA SER A 3 25.00 1.13 -1.55
C SER A 3 23.83 1.18 -2.52
N GLY A 4 23.05 2.25 -2.45
CA GLY A 4 21.91 2.39 -3.34
C GLY A 4 20.59 2.04 -2.67
N SER A 5 19.59 2.89 -2.85
CA SER A 5 18.28 2.66 -2.25
C SER A 5 17.18 3.25 -3.13
N SER A 6 16.12 2.47 -3.35
CA SER A 6 14.99 2.93 -4.16
C SER A 6 13.68 2.76 -3.42
N GLY A 7 13.50 1.61 -2.78
CA GLY A 7 12.28 1.35 -2.04
C GLY A 7 12.54 0.62 -0.73
N ASP A 8 11.48 0.38 0.03
CA ASP A 8 11.60 -0.31 1.30
C ASP A 8 10.30 -1.03 1.65
N MET A 9 9.82 -1.86 0.73
CA MET A 9 8.58 -2.61 0.94
C MET A 9 8.88 -4.05 1.38
N LYS A 10 10.07 -4.53 1.05
CA LYS A 10 10.47 -5.88 1.40
C LYS A 10 10.36 -6.10 2.91
N GLN A 11 10.55 -5.03 3.68
CA GLN A 11 10.47 -5.11 5.13
C GLN A 11 9.07 -5.52 5.57
N LEU A 12 8.06 -5.15 4.78
CA LEU A 12 6.68 -5.48 5.10
C LEU A 12 6.41 -6.97 4.90
N ALA A 13 5.92 -7.62 5.94
CA ALA A 13 5.63 -9.04 5.89
C ALA A 13 4.53 -9.34 4.87
N GLU A 14 4.49 -10.57 4.39
CA GLU A 14 3.50 -10.98 3.39
C GLU A 14 2.10 -10.93 3.99
N ASP A 15 1.97 -11.37 5.23
CA ASP A 15 0.68 -11.37 5.92
C ASP A 15 0.14 -9.95 6.07
N VAL A 16 1.04 -8.99 6.20
CA VAL A 16 0.65 -7.59 6.35
C VAL A 16 0.01 -7.07 5.07
N LYS A 17 0.66 -7.30 3.94
CA LYS A 17 0.15 -6.85 2.64
C LYS A 17 -1.09 -7.63 2.25
N LEU A 18 -1.18 -8.88 2.70
CA LEU A 18 -2.32 -9.73 2.39
C LEU A 18 -3.61 -9.11 2.91
N GLN A 19 -3.56 -8.59 4.13
CA GLN A 19 -4.74 -7.97 4.74
C GLN A 19 -5.13 -6.69 4.00
N LEU A 20 -4.13 -6.00 3.46
CA LEU A 20 -4.38 -4.77 2.72
C LEU A 20 -5.29 -5.02 1.52
N TYR A 21 -5.08 -6.14 0.86
CA TYR A 21 -5.88 -6.50 -0.31
C TYR A 21 -7.35 -6.65 0.05
N LYS A 22 -7.61 -7.06 1.29
CA LYS A 22 -8.97 -7.25 1.77
C LYS A 22 -9.64 -5.90 2.05
N LEU A 23 -8.83 -4.92 2.45
CA LEU A 23 -9.35 -3.59 2.75
C LEU A 23 -9.65 -2.82 1.48
N LEU A 24 -8.65 -2.68 0.63
CA LEU A 24 -8.81 -1.96 -0.64
C LEU A 24 -9.91 -2.59 -1.49
N GLU A 25 -10.17 -3.88 -1.27
CA GLU A 25 -11.20 -4.58 -2.02
C GLU A 25 -12.56 -3.90 -1.88
N ILE A 26 -12.74 -3.17 -0.78
CA ILE A 26 -14.00 -2.48 -0.53
C ILE A 26 -14.29 -1.46 -1.64
N PRO A 27 -15.39 -1.65 -2.39
CA PRO A 27 -15.77 -0.74 -3.48
C PRO A 27 -16.31 0.59 -2.96
N ASP A 28 -15.47 1.34 -2.27
CA ASP A 28 -15.87 2.64 -1.73
C ASP A 28 -15.12 3.78 -2.43
N PRO A 29 -15.65 5.01 -2.33
CA PRO A 29 -15.03 6.18 -2.95
C PRO A 29 -13.71 6.57 -2.28
N ASP A 30 -13.63 6.36 -0.98
CA ASP A 30 -12.43 6.68 -0.22
C ASP A 30 -11.91 5.46 0.52
N LYS A 31 -12.09 4.28 -0.08
CA LYS A 31 -11.64 3.03 0.52
C LYS A 31 -11.48 1.94 -0.53
N ASN A 32 -11.11 2.35 -1.74
CA ASN A 32 -10.93 1.41 -2.84
C ASN A 32 -9.46 1.35 -3.26
N TRP A 33 -9.08 0.28 -3.95
CA TRP A 33 -7.71 0.11 -4.41
C TRP A 33 -7.35 1.19 -5.43
N ALA A 34 -8.29 1.53 -6.30
CA ALA A 34 -8.06 2.55 -7.31
C ALA A 34 -7.68 3.89 -6.69
N THR A 35 -8.34 4.21 -5.58
CA THR A 35 -8.06 5.47 -4.87
C THR A 35 -6.62 5.51 -4.38
N LEU A 36 -6.16 4.39 -3.85
CA LEU A 36 -4.79 4.31 -3.34
C LEU A 36 -3.78 4.52 -4.46
N ALA A 37 -4.09 4.02 -5.66
CA ALA A 37 -3.21 4.16 -6.81
C ALA A 37 -2.96 5.64 -7.13
N GLN A 38 -4.01 6.44 -7.03
CA GLN A 38 -3.89 7.87 -7.32
C GLN A 38 -3.07 8.58 -6.24
N LYS A 39 -3.15 8.07 -5.01
CA LYS A 39 -2.40 8.65 -3.90
C LYS A 39 -0.92 8.33 -4.01
N LEU A 40 -0.61 7.05 -4.19
CA LEU A 40 0.78 6.61 -4.31
C LEU A 40 1.44 7.23 -5.54
N GLY A 41 0.98 6.81 -6.72
CA GLY A 41 1.53 7.33 -7.96
C GLY A 41 1.40 6.35 -9.10
N LEU A 42 0.23 5.74 -9.23
CA LEU A 42 -0.02 4.77 -10.30
C LEU A 42 -1.40 4.97 -10.89
N GLY A 43 -1.88 6.21 -10.89
CA GLY A 43 -3.18 6.52 -11.43
C GLY A 43 -3.25 6.29 -12.93
N ILE A 44 -2.11 6.41 -13.61
CA ILE A 44 -2.05 6.21 -15.05
C ILE A 44 -2.27 4.75 -15.41
N LEU A 45 -1.96 3.86 -14.48
CA LEU A 45 -2.12 2.42 -14.70
C LEU A 45 -3.32 1.88 -13.93
N ASN A 46 -4.28 2.74 -13.64
CA ASN A 46 -5.47 2.34 -12.90
C ASN A 46 -6.32 1.37 -13.72
N ASN A 47 -6.52 1.71 -14.99
CA ASN A 47 -7.31 0.87 -15.89
C ASN A 47 -6.67 -0.50 -16.07
N ALA A 48 -5.35 -0.54 -15.98
CA ALA A 48 -4.60 -1.79 -16.13
C ALA A 48 -4.95 -2.77 -15.02
N PHE A 49 -4.88 -2.30 -13.78
CA PHE A 49 -5.18 -3.13 -12.62
C PHE A 49 -6.65 -3.55 -12.63
N ARG A 50 -7.52 -2.66 -13.08
CA ARG A 50 -8.95 -2.95 -13.14
C ARG A 50 -9.23 -4.17 -14.01
N LEU A 51 -8.40 -4.37 -15.01
CA LEU A 51 -8.55 -5.51 -15.92
C LEU A 51 -8.16 -6.81 -15.23
N SER A 52 -7.13 -6.74 -14.38
CA SER A 52 -6.67 -7.92 -13.66
C SER A 52 -7.73 -8.43 -12.69
N PRO A 53 -7.60 -9.68 -12.23
CA PRO A 53 -8.55 -10.28 -11.28
C PRO A 53 -8.53 -9.59 -9.92
N ALA A 54 -7.34 -9.28 -9.44
CA ALA A 54 -7.19 -8.62 -8.15
C ALA A 54 -6.33 -7.36 -8.28
N PRO A 55 -6.97 -6.22 -8.63
CA PRO A 55 -6.26 -4.94 -8.79
C PRO A 55 -5.40 -4.60 -7.58
N SER A 56 -5.96 -4.76 -6.39
CA SER A 56 -5.24 -4.47 -5.16
C SER A 56 -3.99 -5.34 -5.04
N LYS A 57 -4.05 -6.54 -5.59
CA LYS A 57 -2.92 -7.47 -5.56
C LYS A 57 -1.89 -7.11 -6.63
N THR A 58 -2.37 -6.57 -7.74
CA THR A 58 -1.50 -6.19 -8.85
C THR A 58 -0.88 -4.82 -8.60
N LEU A 59 -1.62 -3.95 -7.93
CA LEU A 59 -1.15 -2.60 -7.62
C LEU A 59 0.12 -2.66 -6.79
N MET A 60 0.11 -3.48 -5.75
CA MET A 60 1.27 -3.62 -4.87
C MET A 60 2.48 -4.14 -5.64
N ASP A 61 2.22 -4.94 -6.67
CA ASP A 61 3.28 -5.50 -7.50
C ASP A 61 3.95 -4.42 -8.33
N ASN A 62 3.15 -3.49 -8.83
CA ASN A 62 3.66 -2.40 -9.65
C ASN A 62 4.35 -1.35 -8.79
N TYR A 63 3.73 -1.01 -7.66
CA TYR A 63 4.30 -0.01 -6.75
C TYR A 63 5.67 -0.45 -6.24
N GLU A 64 5.87 -1.76 -6.13
CA GLU A 64 7.14 -2.30 -5.67
C GLU A 64 8.23 -2.09 -6.71
N VAL A 65 7.88 -2.24 -7.98
CA VAL A 65 8.82 -2.07 -9.07
C VAL A 65 9.41 -0.67 -9.07
N SER A 66 8.63 0.31 -8.63
CA SER A 66 9.07 1.69 -8.57
C SER A 66 9.52 2.07 -7.17
N GLY A 67 10.07 1.10 -6.45
CA GLY A 67 10.53 1.34 -5.10
C GLY A 67 9.56 0.84 -4.05
N GLY A 68 8.51 1.61 -3.79
CA GLY A 68 7.53 1.22 -2.80
C GLY A 68 8.03 1.37 -1.38
N THR A 69 7.59 2.42 -0.70
CA THR A 69 8.01 2.67 0.67
C THR A 69 6.84 2.47 1.64
N VAL A 70 7.16 2.36 2.93
CA VAL A 70 6.13 2.16 3.94
C VAL A 70 5.51 3.49 4.35
N ARG A 71 6.33 4.54 4.39
CA ARG A 71 5.85 5.86 4.77
C ARG A 71 4.82 6.37 3.77
N GLU A 72 4.99 6.00 2.51
CA GLU A 72 4.06 6.42 1.46
C GLU A 72 2.72 5.71 1.61
N LEU A 73 2.76 4.43 1.96
CA LEU A 73 1.54 3.65 2.14
C LEU A 73 0.76 4.13 3.35
N VAL A 74 1.47 4.49 4.41
CA VAL A 74 0.84 4.97 5.64
C VAL A 74 0.18 6.32 5.42
N GLU A 75 0.87 7.22 4.72
CA GLU A 75 0.35 8.54 4.45
C GLU A 75 -0.83 8.47 3.48
N ALA A 76 -0.71 7.62 2.47
CA ALA A 76 -1.78 7.44 1.48
C ALA A 76 -3.07 6.96 2.13
N LEU A 77 -2.92 6.08 3.11
CA LEU A 77 -4.08 5.53 3.82
C LEU A 77 -4.72 6.59 4.71
N ARG A 78 -3.88 7.47 5.27
CA ARG A 78 -4.36 8.52 6.14
C ARG A 78 -5.08 9.60 5.35
N GLN A 79 -4.65 9.81 4.11
CA GLN A 79 -5.24 10.82 3.24
C GLN A 79 -6.64 10.39 2.80
N MET A 80 -6.80 9.10 2.50
CA MET A 80 -8.08 8.57 2.07
C MET A 80 -9.05 8.46 3.24
N GLY A 81 -8.80 7.50 4.12
CA GLY A 81 -9.66 7.30 5.26
C GLY A 81 -9.58 5.88 5.81
N TYR A 82 -8.37 5.35 5.91
CA TYR A 82 -8.17 4.00 6.41
C TYR A 82 -7.58 4.02 7.83
N THR A 83 -8.09 3.14 8.69
CA THR A 83 -7.62 3.06 10.06
C THR A 83 -6.99 1.70 10.35
N GLU A 84 -7.60 0.65 9.82
CA GLU A 84 -7.11 -0.71 10.02
C GLU A 84 -5.88 -0.97 9.16
N ALA A 85 -5.91 -0.49 7.92
CA ALA A 85 -4.80 -0.68 6.99
C ALA A 85 -3.51 -0.09 7.56
N ILE A 86 -3.64 1.05 8.25
CA ILE A 86 -2.48 1.71 8.85
C ILE A 86 -2.03 0.99 10.10
N GLU A 87 -2.97 0.36 10.80
CA GLU A 87 -2.66 -0.36 12.03
C GLU A 87 -1.87 -1.63 11.73
N VAL A 88 -2.24 -2.31 10.65
CA VAL A 88 -1.56 -3.55 10.25
C VAL A 88 -0.09 -3.29 9.98
N ILE A 89 0.23 -2.12 9.47
CA ILE A 89 1.62 -1.76 9.16
C ILE A 89 2.39 -1.44 10.43
N GLN A 90 1.86 -0.52 11.23
CA GLN A 90 2.50 -0.13 12.48
C GLN A 90 2.63 -1.32 13.42
N ALA A 91 1.68 -2.25 13.34
CA ALA A 91 1.69 -3.44 14.18
C ALA A 91 2.91 -4.30 13.91
N ALA A 92 3.38 -4.28 12.66
CA ALA A 92 4.54 -5.05 12.26
C ALA A 92 5.84 -4.36 12.68
N SER A 93 5.93 -3.07 12.39
CA SER A 93 7.11 -2.29 12.72
C SER A 93 7.05 -1.83 14.18
N SER A 94 8.15 -2.03 14.90
CA SER A 94 8.23 -1.64 16.30
C SER A 94 7.16 -2.36 17.13
N SER A 95 6.88 -3.59 16.76
CA SER A 95 5.88 -4.39 17.46
C SER A 95 5.96 -5.86 17.04
N GLY A 96 6.50 -6.69 17.92
CA GLY A 96 6.63 -8.11 17.62
C GLY A 96 7.37 -8.87 18.70
N PRO A 97 6.72 -9.14 19.84
CA PRO A 97 7.35 -9.87 20.94
C PRO A 97 7.59 -11.34 20.62
N SER A 98 8.50 -11.97 21.36
CA SER A 98 8.82 -13.38 21.13
C SER A 98 9.65 -13.92 22.29
N SER A 99 9.97 -15.21 22.22
CA SER A 99 10.76 -15.86 23.25
C SER A 99 12.09 -16.37 22.69
N GLY A 100 13.19 -16.00 23.34
CA GLY A 100 14.49 -16.42 22.89
C GLY A 100 15.38 -16.88 24.02
N GLY A 1 18.80 13.19 -3.78
CA GLY A 1 20.20 13.51 -4.16
C GLY A 1 20.91 12.33 -4.79
N SER A 2 21.99 11.88 -4.16
CA SER A 2 22.76 10.76 -4.67
C SER A 2 21.91 9.50 -4.73
N SER A 3 21.60 9.07 -5.95
CA SER A 3 20.78 7.87 -6.15
C SER A 3 19.38 8.05 -5.56
N GLY A 4 18.39 7.52 -6.26
CA GLY A 4 17.02 7.64 -5.79
C GLY A 4 16.73 6.73 -4.61
N SER A 5 15.98 5.66 -4.86
CA SER A 5 15.62 4.71 -3.82
C SER A 5 15.04 3.44 -4.41
N SER A 6 15.65 2.30 -4.07
CA SER A 6 15.19 1.01 -4.57
C SER A 6 13.82 0.66 -4.01
N GLY A 7 13.56 1.10 -2.78
CA GLY A 7 12.28 0.82 -2.15
C GLY A 7 12.43 0.27 -0.74
N ASP A 8 11.36 0.37 0.05
CA ASP A 8 11.38 -0.12 1.42
C ASP A 8 10.13 -0.93 1.74
N MET A 9 9.71 -1.76 0.78
CA MET A 9 8.53 -2.58 0.95
C MET A 9 8.90 -3.98 1.42
N LYS A 10 10.11 -4.42 1.12
CA LYS A 10 10.59 -5.73 1.51
C LYS A 10 10.48 -5.91 3.03
N GLN A 11 10.60 -4.81 3.76
CA GLN A 11 10.51 -4.86 5.22
C GLN A 11 9.14 -5.33 5.67
N LEU A 12 8.11 -5.00 4.90
CA LEU A 12 6.75 -5.39 5.22
C LEU A 12 6.59 -6.91 5.14
N ALA A 13 5.75 -7.45 6.01
CA ALA A 13 5.50 -8.89 6.04
C ALA A 13 4.46 -9.29 5.01
N GLU A 14 4.51 -10.55 4.56
CA GLU A 14 3.57 -11.05 3.57
C GLU A 14 2.14 -11.01 4.12
N ASP A 15 1.99 -11.32 5.40
CA ASP A 15 0.68 -11.33 6.04
C ASP A 15 0.15 -9.90 6.18
N VAL A 16 1.05 -8.94 6.34
CA VAL A 16 0.66 -7.54 6.49
C VAL A 16 0.09 -7.00 5.19
N LYS A 17 0.78 -7.27 4.08
CA LYS A 17 0.33 -6.80 2.78
C LYS A 17 -0.90 -7.57 2.31
N LEU A 18 -0.99 -8.83 2.73
CA LEU A 18 -2.12 -9.68 2.35
C LEU A 18 -3.44 -9.07 2.82
N GLN A 19 -3.45 -8.56 4.05
CA GLN A 19 -4.65 -7.96 4.62
C GLN A 19 -5.03 -6.69 3.86
N LEU A 20 -4.03 -5.97 3.37
CA LEU A 20 -4.26 -4.74 2.62
C LEU A 20 -5.11 -5.00 1.39
N TYR A 21 -4.97 -6.20 0.82
CA TYR A 21 -5.73 -6.58 -0.37
C TYR A 21 -7.21 -6.69 -0.05
N LYS A 22 -7.52 -7.08 1.17
CA LYS A 22 -8.92 -7.23 1.60
C LYS A 22 -9.56 -5.87 1.83
N LEU A 23 -8.80 -4.95 2.41
CA LEU A 23 -9.30 -3.60 2.69
C LEU A 23 -9.56 -2.84 1.40
N LEU A 24 -8.52 -2.71 0.57
CA LEU A 24 -8.63 -2.00 -0.69
C LEU A 24 -9.69 -2.63 -1.58
N GLU A 25 -9.91 -3.93 -1.41
CA GLU A 25 -10.89 -4.66 -2.20
C GLU A 25 -12.28 -4.03 -2.06
N ILE A 26 -12.51 -3.35 -0.94
CA ILE A 26 -13.79 -2.71 -0.69
C ILE A 26 -14.10 -1.66 -1.75
N PRO A 27 -15.14 -1.89 -2.58
CA PRO A 27 -15.53 -0.96 -3.64
C PRO A 27 -16.16 0.32 -3.08
N ASP A 28 -15.38 1.07 -2.32
CA ASP A 28 -15.86 2.31 -1.72
C ASP A 28 -15.21 3.52 -2.39
N PRO A 29 -15.82 4.71 -2.25
CA PRO A 29 -15.29 5.94 -2.85
C PRO A 29 -14.00 6.41 -2.17
N ASP A 30 -13.88 6.10 -0.88
CA ASP A 30 -12.69 6.49 -0.11
C ASP A 30 -12.11 5.29 0.61
N LYS A 31 -12.25 4.10 0.02
CA LYS A 31 -11.73 2.89 0.62
C LYS A 31 -11.52 1.80 -0.45
N ASN A 32 -11.22 2.23 -1.66
CA ASN A 32 -11.00 1.31 -2.77
C ASN A 32 -9.55 1.38 -3.26
N TRP A 33 -9.10 0.32 -3.92
CA TRP A 33 -7.75 0.27 -4.46
C TRP A 33 -7.50 1.40 -5.45
N ALA A 34 -8.55 1.75 -6.19
CA ALA A 34 -8.44 2.82 -7.19
C ALA A 34 -8.07 4.15 -6.54
N THR A 35 -8.76 4.49 -5.45
CA THR A 35 -8.51 5.73 -4.75
C THR A 35 -7.08 5.77 -4.21
N LEU A 36 -6.62 4.63 -3.70
CA LEU A 36 -5.27 4.53 -3.15
C LEU A 36 -4.23 4.62 -4.26
N ALA A 37 -4.59 4.16 -5.45
CA ALA A 37 -3.69 4.19 -6.60
C ALA A 37 -3.22 5.60 -6.89
N GLN A 38 -4.14 6.56 -6.83
CA GLN A 38 -3.81 7.96 -7.09
C GLN A 38 -2.88 8.51 -6.01
N LYS A 39 -3.14 8.12 -4.76
CA LYS A 39 -2.33 8.57 -3.64
C LYS A 39 -0.93 7.98 -3.71
N LEU A 40 -0.85 6.69 -4.03
CA LEU A 40 0.44 6.01 -4.12
C LEU A 40 1.23 6.51 -5.32
N GLY A 41 0.53 6.84 -6.39
CA GLY A 41 1.19 7.35 -7.59
C GLY A 41 1.13 6.36 -8.74
N LEU A 42 0.05 5.58 -8.79
CA LEU A 42 -0.13 4.59 -9.85
C LEU A 42 -1.48 4.77 -10.53
N GLY A 43 -1.96 6.00 -10.57
CA GLY A 43 -3.24 6.28 -11.21
C GLY A 43 -3.20 6.11 -12.71
N ILE A 44 -2.03 6.31 -13.29
CA ILE A 44 -1.86 6.18 -14.73
C ILE A 44 -2.09 4.74 -15.18
N LEU A 45 -1.87 3.80 -14.28
CA LEU A 45 -2.06 2.38 -14.59
C LEU A 45 -3.25 1.81 -13.84
N ASN A 46 -4.29 2.62 -13.68
CA ASN A 46 -5.50 2.20 -12.98
C ASN A 46 -6.33 1.25 -13.84
N ASN A 47 -6.26 1.46 -15.16
CA ASN A 47 -7.01 0.61 -16.09
C ASN A 47 -6.43 -0.79 -16.16
N ALA A 48 -5.11 -0.89 -15.94
CA ALA A 48 -4.43 -2.18 -15.97
C ALA A 48 -4.76 -3.01 -14.74
N PHE A 49 -5.02 -2.33 -13.62
CA PHE A 49 -5.34 -3.01 -12.37
C PHE A 49 -6.76 -3.57 -12.41
N ARG A 50 -7.70 -2.76 -12.89
CA ARG A 50 -9.09 -3.17 -12.99
C ARG A 50 -9.24 -4.39 -13.89
N LEU A 51 -8.51 -4.39 -15.00
CA LEU A 51 -8.55 -5.49 -15.95
C LEU A 51 -8.09 -6.79 -15.29
N SER A 52 -7.17 -6.67 -14.35
CA SER A 52 -6.64 -7.84 -13.65
C SER A 52 -7.68 -8.40 -12.68
N PRO A 53 -7.50 -9.67 -12.26
CA PRO A 53 -8.43 -10.33 -11.33
C PRO A 53 -8.40 -9.70 -9.95
N ALA A 54 -7.25 -9.13 -9.58
CA ALA A 54 -7.10 -8.49 -8.28
C ALA A 54 -6.37 -7.16 -8.41
N PRO A 55 -7.10 -6.08 -8.72
CA PRO A 55 -6.52 -4.74 -8.87
C PRO A 55 -5.64 -4.35 -7.69
N SER A 56 -6.16 -4.57 -6.48
CA SER A 56 -5.43 -4.25 -5.26
C SER A 56 -4.11 -5.01 -5.20
N LYS A 57 -4.11 -6.21 -5.77
CA LYS A 57 -2.91 -7.05 -5.77
C LYS A 57 -1.89 -6.53 -6.78
N THR A 58 -2.38 -6.09 -7.93
CA THR A 58 -1.51 -5.58 -8.98
C THR A 58 -0.92 -4.24 -8.59
N LEU A 59 -1.66 -3.47 -7.81
CA LEU A 59 -1.21 -2.16 -7.35
C LEU A 59 0.07 -2.29 -6.51
N MET A 60 0.12 -3.33 -5.69
CA MET A 60 1.28 -3.56 -4.83
C MET A 60 2.45 -4.12 -5.64
N ASP A 61 2.13 -4.89 -6.67
CA ASP A 61 3.15 -5.49 -7.53
C ASP A 61 3.83 -4.42 -8.38
N ASN A 62 3.08 -3.38 -8.73
CA ASN A 62 3.60 -2.29 -9.55
C ASN A 62 4.36 -1.29 -8.68
N TYR A 63 3.91 -1.13 -7.43
CA TYR A 63 4.54 -0.20 -6.51
C TYR A 63 5.89 -0.73 -6.03
N GLU A 64 5.98 -2.05 -5.89
CA GLU A 64 7.22 -2.69 -5.45
C GLU A 64 8.30 -2.59 -6.52
N VAL A 65 7.92 -2.87 -7.76
CA VAL A 65 8.87 -2.81 -8.87
C VAL A 65 9.22 -1.36 -9.22
N SER A 66 8.32 -0.44 -8.89
CA SER A 66 8.54 0.98 -9.16
C SER A 66 9.07 1.69 -7.93
N GLY A 67 9.88 1.00 -7.14
CA GLY A 67 10.45 1.58 -5.94
C GLY A 67 9.38 2.04 -4.96
N GLY A 68 8.83 1.12 -4.20
CA GLY A 68 7.80 1.45 -3.23
C GLY A 68 8.35 1.59 -1.83
N THR A 69 7.67 2.38 -1.00
CA THR A 69 8.10 2.59 0.38
C THR A 69 6.92 2.44 1.34
N VAL A 70 7.20 2.56 2.64
CA VAL A 70 6.18 2.44 3.66
C VAL A 70 5.67 3.82 4.09
N ARG A 71 6.56 4.80 4.07
CA ARG A 71 6.20 6.16 4.46
C ARG A 71 5.09 6.70 3.57
N GLU A 72 5.09 6.28 2.31
CA GLU A 72 4.09 6.73 1.35
C GLU A 72 2.79 5.92 1.51
N LEU A 73 2.93 4.65 1.86
CA LEU A 73 1.78 3.79 2.04
C LEU A 73 0.98 4.19 3.28
N VAL A 74 1.69 4.51 4.36
CA VAL A 74 1.04 4.92 5.60
C VAL A 74 0.36 6.27 5.43
N GLU A 75 0.95 7.14 4.65
CA GLU A 75 0.40 8.47 4.41
C GLU A 75 -0.77 8.40 3.44
N ALA A 76 -0.61 7.62 2.38
CA ALA A 76 -1.65 7.48 1.37
C ALA A 76 -2.93 6.92 2.00
N LEU A 77 -2.77 6.04 2.97
CA LEU A 77 -3.91 5.43 3.64
C LEU A 77 -4.56 6.42 4.61
N ARG A 78 -3.75 7.30 5.18
CA ARG A 78 -4.24 8.30 6.12
C ARG A 78 -5.02 9.40 5.40
N GLN A 79 -4.55 9.74 4.19
CA GLN A 79 -5.20 10.78 3.40
C GLN A 79 -6.56 10.33 2.92
N MET A 80 -6.70 9.02 2.66
CA MET A 80 -7.95 8.46 2.20
C MET A 80 -8.91 8.24 3.36
N GLY A 81 -8.37 7.94 4.52
CA GLY A 81 -9.18 7.71 5.70
C GLY A 81 -9.15 6.27 6.17
N TYR A 82 -8.05 5.59 5.88
CA TYR A 82 -7.89 4.19 6.28
C TYR A 82 -7.20 4.08 7.64
N THR A 83 -7.79 3.30 8.53
CA THR A 83 -7.23 3.12 9.87
C THR A 83 -6.82 1.67 10.09
N GLU A 84 -7.65 0.74 9.61
CA GLU A 84 -7.38 -0.68 9.76
C GLU A 84 -6.17 -1.09 8.93
N ALA A 85 -6.01 -0.46 7.77
CA ALA A 85 -4.89 -0.75 6.88
C ALA A 85 -3.58 -0.27 7.48
N ILE A 86 -3.60 0.94 8.03
CA ILE A 86 -2.40 1.52 8.64
C ILE A 86 -2.04 0.81 9.94
N GLU A 87 -3.05 0.29 10.63
CA GLU A 87 -2.84 -0.42 11.89
C GLU A 87 -2.10 -1.72 11.66
N VAL A 88 -2.32 -2.33 10.49
CA VAL A 88 -1.67 -3.58 10.14
C VAL A 88 -0.17 -3.39 9.90
N ILE A 89 0.18 -2.24 9.35
CA ILE A 89 1.58 -1.92 9.06
C ILE A 89 2.33 -1.61 10.35
N GLN A 90 1.76 -0.76 11.19
CA GLN A 90 2.37 -0.38 12.45
C GLN A 90 2.41 -1.56 13.42
N ALA A 91 1.42 -2.44 13.30
CA ALA A 91 1.33 -3.61 14.17
C ALA A 91 2.58 -4.48 14.05
N ALA A 92 3.19 -4.47 12.87
CA ALA A 92 4.39 -5.25 12.62
C ALA A 92 5.65 -4.45 12.96
N SER A 93 5.72 -3.23 12.43
CA SER A 93 6.87 -2.37 12.67
C SER A 93 6.58 -1.38 13.80
N SER A 94 7.21 -1.61 14.95
CA SER A 94 7.02 -0.75 16.11
C SER A 94 7.60 0.64 15.85
N SER A 95 6.71 1.63 15.77
CA SER A 95 7.13 3.00 15.53
C SER A 95 7.86 3.12 14.20
N GLY A 96 7.18 3.68 13.20
CA GLY A 96 7.78 3.84 11.89
C GLY A 96 8.97 4.79 11.91
N PRO A 97 8.73 6.09 12.20
CA PRO A 97 9.79 7.09 12.26
C PRO A 97 10.73 6.89 13.45
N SER A 98 11.83 6.19 13.21
CA SER A 98 12.81 5.93 14.27
C SER A 98 14.23 5.97 13.72
N SER A 99 15.20 6.09 14.62
CA SER A 99 16.60 6.14 14.21
C SER A 99 17.46 5.29 15.14
N GLY A 100 17.44 5.62 16.43
CA GLY A 100 18.22 4.87 17.40
C GLY A 100 19.53 5.55 17.74
N GLY A 1 24.33 2.14 -11.47
CA GLY A 1 25.16 1.50 -10.42
C GLY A 1 24.33 0.89 -9.31
N SER A 2 24.98 0.56 -8.19
CA SER A 2 24.29 -0.03 -7.05
C SER A 2 24.56 0.76 -5.78
N SER A 3 23.50 1.16 -5.09
CA SER A 3 23.61 1.92 -3.86
C SER A 3 22.38 1.77 -2.99
N GLY A 4 21.78 0.57 -3.01
CA GLY A 4 20.60 0.32 -2.23
C GLY A 4 19.34 0.35 -3.06
N SER A 5 18.19 0.27 -2.39
CA SER A 5 16.90 0.30 -3.09
C SER A 5 16.19 1.62 -2.84
N SER A 6 15.28 1.97 -3.75
CA SER A 6 14.53 3.22 -3.64
C SER A 6 13.17 2.98 -3.00
N GLY A 7 13.15 2.15 -1.94
CA GLY A 7 11.91 1.86 -1.25
C GLY A 7 12.13 0.96 -0.05
N ASP A 8 11.05 0.70 0.68
CA ASP A 8 11.12 -0.15 1.87
C ASP A 8 9.89 -1.04 1.97
N MET A 9 9.44 -1.55 0.82
CA MET A 9 8.27 -2.42 0.78
C MET A 9 8.68 -3.89 0.80
N LYS A 10 9.86 -4.17 0.26
CA LYS A 10 10.37 -5.55 0.21
C LYS A 10 10.55 -6.10 1.62
N GLN A 11 10.84 -5.21 2.57
CA GLN A 11 11.05 -5.62 3.95
C GLN A 11 9.73 -6.02 4.60
N LEU A 12 8.64 -5.41 4.16
CA LEU A 12 7.32 -5.70 4.72
C LEU A 12 6.96 -7.16 4.50
N ALA A 13 6.16 -7.70 5.43
CA ALA A 13 5.74 -9.10 5.34
C ALA A 13 4.48 -9.24 4.51
N GLU A 14 4.33 -10.40 3.86
CA GLU A 14 3.15 -10.66 3.03
C GLU A 14 1.87 -10.57 3.84
N ASP A 15 1.96 -10.93 5.13
CA ASP A 15 0.81 -10.88 6.02
C ASP A 15 0.30 -9.45 6.19
N VAL A 16 1.22 -8.49 6.07
CA VAL A 16 0.86 -7.08 6.21
C VAL A 16 0.11 -6.59 4.97
N LYS A 17 0.61 -6.95 3.80
CA LYS A 17 0.00 -6.54 2.54
C LYS A 17 -1.22 -7.41 2.22
N LEU A 18 -1.19 -8.65 2.69
CA LEU A 18 -2.28 -9.59 2.45
C LEU A 18 -3.60 -9.02 2.97
N GLN A 19 -3.54 -8.35 4.11
CA GLN A 19 -4.74 -7.76 4.71
C GLN A 19 -5.17 -6.50 3.95
N LEU A 20 -4.20 -5.81 3.38
CA LEU A 20 -4.48 -4.59 2.62
C LEU A 20 -5.37 -4.88 1.42
N TYR A 21 -5.23 -6.08 0.86
CA TYR A 21 -6.01 -6.48 -0.29
C TYR A 21 -7.49 -6.62 0.07
N LYS A 22 -7.76 -7.08 1.29
CA LYS A 22 -9.13 -7.26 1.75
C LYS A 22 -9.77 -5.90 2.06
N LEU A 23 -8.97 -4.97 2.56
CA LEU A 23 -9.48 -3.64 2.89
C LEU A 23 -9.82 -2.86 1.63
N LEU A 24 -8.85 -2.76 0.72
CA LEU A 24 -9.06 -2.04 -0.54
C LEU A 24 -10.16 -2.70 -1.37
N GLU A 25 -10.40 -3.98 -1.15
CA GLU A 25 -11.43 -4.72 -1.88
C GLU A 25 -12.78 -4.03 -1.76
N ILE A 26 -12.98 -3.30 -0.66
CA ILE A 26 -14.24 -2.60 -0.44
C ILE A 26 -14.42 -1.46 -1.44
N PRO A 27 -15.46 -1.54 -2.29
CA PRO A 27 -15.73 -0.51 -3.30
C PRO A 27 -16.29 0.77 -2.68
N ASP A 28 -15.50 1.40 -1.83
CA ASP A 28 -15.92 2.63 -1.17
C ASP A 28 -15.16 3.83 -1.74
N PRO A 29 -15.82 5.02 -1.76
CA PRO A 29 -15.21 6.24 -2.28
C PRO A 29 -13.84 6.52 -1.67
N ASP A 30 -13.79 6.49 -0.33
CA ASP A 30 -12.54 6.74 0.37
C ASP A 30 -12.00 5.46 1.00
N LYS A 31 -12.13 4.35 0.26
CA LYS A 31 -11.65 3.06 0.73
C LYS A 31 -11.56 2.07 -0.42
N ASN A 32 -11.20 2.55 -1.60
CA ASN A 32 -11.08 1.69 -2.77
C ASN A 32 -9.63 1.62 -3.25
N TRP A 33 -9.28 0.48 -3.84
CA TRP A 33 -7.92 0.28 -4.33
C TRP A 33 -7.56 1.32 -5.38
N ALA A 34 -8.52 1.67 -6.22
CA ALA A 34 -8.31 2.66 -7.27
C ALA A 34 -7.90 4.00 -6.68
N THR A 35 -8.54 4.38 -5.58
CA THR A 35 -8.25 5.65 -4.92
C THR A 35 -6.83 5.66 -4.36
N LEU A 36 -6.41 4.54 -3.78
CA LEU A 36 -5.08 4.42 -3.21
C LEU A 36 -4.01 4.53 -4.30
N ALA A 37 -4.36 4.09 -5.50
CA ALA A 37 -3.43 4.14 -6.62
C ALA A 37 -3.01 5.57 -6.93
N GLN A 38 -3.98 6.49 -6.94
CA GLN A 38 -3.70 7.89 -7.21
C GLN A 38 -2.87 8.51 -6.09
N LYS A 39 -3.07 8.02 -4.88
CA LYS A 39 -2.33 8.52 -3.72
C LYS A 39 -0.90 8.02 -3.72
N LEU A 40 -0.73 6.75 -4.13
CA LEU A 40 0.60 6.15 -4.18
C LEU A 40 1.37 6.63 -5.40
N GLY A 41 0.65 6.89 -6.48
CA GLY A 41 1.28 7.36 -7.71
C GLY A 41 1.21 6.33 -8.83
N LEU A 42 0.19 5.48 -8.78
CA LEU A 42 0.01 4.44 -9.80
C LEU A 42 -1.25 4.71 -10.63
N GLY A 43 -1.59 5.99 -10.78
CA GLY A 43 -2.77 6.35 -11.55
C GLY A 43 -2.61 6.05 -13.03
N ILE A 44 -1.37 6.10 -13.50
CA ILE A 44 -1.09 5.83 -14.91
C ILE A 44 -1.31 4.36 -15.26
N LEU A 45 -1.11 3.49 -14.26
CA LEU A 45 -1.28 2.06 -14.46
C LEU A 45 -2.50 1.56 -13.70
N ASN A 46 -3.49 2.44 -13.50
CA ASN A 46 -4.70 2.08 -12.79
C ASN A 46 -5.63 1.25 -13.69
N ASN A 47 -5.58 1.51 -14.99
CA ASN A 47 -6.41 0.79 -15.94
C ASN A 47 -5.95 -0.66 -16.08
N ALA A 48 -4.65 -0.89 -15.89
CA ALA A 48 -4.08 -2.23 -16.00
C ALA A 48 -4.55 -3.11 -14.85
N PHE A 49 -4.69 -2.51 -13.67
CA PHE A 49 -5.14 -3.26 -12.50
C PHE A 49 -6.60 -3.68 -12.63
N ARG A 50 -7.41 -2.80 -13.22
CA ARG A 50 -8.83 -3.07 -13.40
C ARG A 50 -9.04 -4.32 -14.25
N LEU A 51 -8.09 -4.58 -15.16
CA LEU A 51 -8.17 -5.74 -16.04
C LEU A 51 -7.80 -7.01 -15.28
N SER A 52 -6.84 -6.90 -14.37
CA SER A 52 -6.39 -8.04 -13.59
C SER A 52 -7.47 -8.47 -12.59
N PRO A 53 -7.45 -9.75 -12.18
CA PRO A 53 -8.44 -10.29 -11.24
C PRO A 53 -8.55 -9.45 -9.97
N ALA A 54 -7.42 -9.25 -9.30
CA ALA A 54 -7.38 -8.46 -8.07
C ALA A 54 -6.58 -7.18 -8.27
N PRO A 55 -7.23 -6.09 -8.72
CA PRO A 55 -6.57 -4.80 -8.94
C PRO A 55 -5.76 -4.34 -7.73
N SER A 56 -6.33 -4.54 -6.54
CA SER A 56 -5.66 -4.13 -5.31
C SER A 56 -4.36 -4.91 -5.12
N LYS A 57 -4.36 -6.17 -5.52
CA LYS A 57 -3.17 -7.01 -5.41
C LYS A 57 -2.09 -6.57 -6.38
N THR A 58 -2.46 -6.40 -7.64
CA THR A 58 -1.52 -5.97 -8.66
C THR A 58 -0.91 -4.62 -8.31
N LEU A 59 -1.68 -3.80 -7.60
CA LEU A 59 -1.23 -2.47 -7.21
C LEU A 59 0.06 -2.56 -6.39
N MET A 60 0.08 -3.48 -5.43
CA MET A 60 1.26 -3.65 -4.58
C MET A 60 2.42 -4.24 -5.37
N ASP A 61 2.09 -5.05 -6.38
CA ASP A 61 3.12 -5.67 -7.21
C ASP A 61 3.79 -4.64 -8.11
N ASN A 62 3.03 -3.64 -8.53
CA ASN A 62 3.55 -2.59 -9.39
C ASN A 62 4.24 -1.51 -8.57
N TYR A 63 3.64 -1.15 -7.45
CA TYR A 63 4.22 -0.12 -6.57
C TYR A 63 5.59 -0.53 -6.08
N GLU A 64 5.79 -1.84 -5.93
CA GLU A 64 7.07 -2.38 -5.46
C GLU A 64 8.13 -2.26 -6.54
N VAL A 65 7.73 -2.44 -7.79
CA VAL A 65 8.65 -2.36 -8.92
C VAL A 65 9.31 -0.99 -8.99
N SER A 66 8.52 0.05 -8.72
CA SER A 66 9.02 1.42 -8.76
C SER A 66 9.86 1.73 -7.52
N GLY A 67 9.51 1.09 -6.41
CA GLY A 67 10.24 1.31 -5.17
C GLY A 67 9.46 0.85 -3.95
N GLY A 68 8.25 1.39 -3.78
CA GLY A 68 7.42 1.02 -2.66
C GLY A 68 7.97 1.54 -1.34
N THR A 69 7.35 2.60 -0.82
CA THR A 69 7.79 3.19 0.44
C THR A 69 6.72 3.03 1.51
N VAL A 70 7.13 2.57 2.69
CA VAL A 70 6.20 2.38 3.79
C VAL A 70 5.59 3.70 4.24
N ARG A 71 6.42 4.74 4.29
CA ARG A 71 5.96 6.06 4.70
C ARG A 71 4.86 6.57 3.76
N GLU A 72 4.96 6.21 2.49
CA GLU A 72 3.98 6.62 1.50
C GLU A 72 2.67 5.87 1.69
N LEU A 73 2.78 4.59 2.04
CA LEU A 73 1.60 3.76 2.25
C LEU A 73 0.83 4.19 3.49
N VAL A 74 1.57 4.52 4.55
CA VAL A 74 0.96 4.96 5.80
C VAL A 74 0.29 6.31 5.64
N GLU A 75 0.89 7.19 4.86
CA GLU A 75 0.35 8.51 4.62
C GLU A 75 -0.84 8.45 3.67
N ALA A 76 -0.70 7.67 2.60
CA ALA A 76 -1.77 7.52 1.62
C ALA A 76 -3.03 6.97 2.26
N LEU A 77 -2.87 5.99 3.15
CA LEU A 77 -4.01 5.39 3.84
C LEU A 77 -4.73 6.41 4.71
N ARG A 78 -3.97 7.35 5.26
CA ARG A 78 -4.54 8.39 6.12
C ARG A 78 -5.30 9.41 5.28
N GLN A 79 -4.78 9.71 4.10
CA GLN A 79 -5.42 10.67 3.22
C GLN A 79 -6.83 10.22 2.84
N MET A 80 -7.00 8.92 2.68
CA MET A 80 -8.30 8.36 2.32
C MET A 80 -9.17 8.17 3.56
N GLY A 81 -8.55 7.76 4.66
CA GLY A 81 -9.28 7.56 5.89
C GLY A 81 -9.23 6.12 6.37
N TYR A 82 -8.10 5.47 6.14
CA TYR A 82 -7.91 4.08 6.55
C TYR A 82 -7.26 4.01 7.93
N THR A 83 -7.92 3.33 8.86
CA THR A 83 -7.40 3.19 10.22
C THR A 83 -6.99 1.75 10.48
N GLU A 84 -7.70 0.81 9.87
CA GLU A 84 -7.41 -0.60 10.04
C GLU A 84 -6.24 -1.05 9.14
N ALA A 85 -6.09 -0.37 8.01
CA ALA A 85 -5.02 -0.69 7.07
C ALA A 85 -3.67 -0.22 7.60
N ILE A 86 -3.65 0.95 8.22
CA ILE A 86 -2.43 1.51 8.76
C ILE A 86 -1.95 0.71 9.98
N GLU A 87 -2.90 0.26 10.79
CA GLU A 87 -2.57 -0.51 11.98
C GLU A 87 -1.83 -1.80 11.62
N VAL A 88 -2.11 -2.33 10.44
CA VAL A 88 -1.46 -3.55 9.98
C VAL A 88 0.04 -3.33 9.78
N ILE A 89 0.39 -2.20 9.18
CA ILE A 89 1.79 -1.87 8.93
C ILE A 89 2.53 -1.58 10.23
N GLN A 90 1.91 -0.75 11.08
CA GLN A 90 2.52 -0.39 12.35
C GLN A 90 2.60 -1.59 13.29
N ALA A 91 1.57 -2.43 13.25
CA ALA A 91 1.52 -3.62 14.09
C ALA A 91 2.65 -4.59 13.75
N ALA A 92 3.06 -4.58 12.49
CA ALA A 92 4.13 -5.45 12.03
C ALA A 92 5.50 -4.80 12.23
N SER A 93 5.76 -3.76 11.44
CA SER A 93 7.04 -3.05 11.54
C SER A 93 6.83 -1.64 12.08
N SER A 94 7.91 -1.03 12.58
CA SER A 94 7.85 0.32 13.12
C SER A 94 9.21 1.01 13.01
N SER A 95 9.18 2.32 12.77
CA SER A 95 10.40 3.09 12.64
C SER A 95 10.12 4.59 12.83
N GLY A 96 11.16 5.39 12.71
CA GLY A 96 11.01 6.83 12.88
C GLY A 96 12.30 7.59 12.61
N PRO A 97 12.21 8.80 12.03
CA PRO A 97 13.39 9.62 11.73
C PRO A 97 13.99 10.25 12.98
N SER A 98 14.87 9.51 13.65
CA SER A 98 15.51 10.00 14.86
C SER A 98 17.03 9.96 14.72
N SER A 99 17.51 10.16 13.49
CA SER A 99 18.94 10.15 13.22
C SER A 99 19.35 11.37 12.40
N GLY A 100 20.64 11.44 12.06
CA GLY A 100 21.13 12.56 11.28
C GLY A 100 22.12 13.41 12.04
N GLY A 1 18.39 -8.83 -2.43
CA GLY A 1 19.63 -8.01 -2.43
C GLY A 1 19.76 -7.14 -1.20
N SER A 2 20.70 -6.20 -1.22
CA SER A 2 20.91 -5.30 -0.10
C SER A 2 19.91 -4.14 -0.13
N SER A 3 18.77 -4.35 0.51
CA SER A 3 17.72 -3.34 0.56
C SER A 3 18.12 -2.19 1.50
N GLY A 4 17.60 -1.00 1.22
CA GLY A 4 17.92 0.15 2.05
C GLY A 4 17.98 1.44 1.25
N SER A 5 18.36 1.32 -0.03
CA SER A 5 18.47 2.48 -0.90
C SER A 5 17.69 2.26 -2.20
N SER A 6 16.61 1.50 -2.10
CA SER A 6 15.79 1.20 -3.27
C SER A 6 14.37 0.83 -2.86
N GLY A 7 13.88 1.48 -1.80
CA GLY A 7 12.54 1.21 -1.32
C GLY A 7 12.54 0.61 0.08
N ASP A 8 11.35 0.28 0.58
CA ASP A 8 11.22 -0.31 1.90
C ASP A 8 9.98 -1.19 1.99
N MET A 9 9.58 -1.77 0.87
CA MET A 9 8.42 -2.64 0.82
C MET A 9 8.80 -4.09 1.09
N LYS A 10 10.02 -4.45 0.72
CA LYS A 10 10.52 -5.81 0.93
C LYS A 10 10.56 -6.15 2.42
N GLN A 11 10.79 -5.14 3.24
CA GLN A 11 10.85 -5.33 4.69
C GLN A 11 9.50 -5.76 5.25
N LEU A 12 8.43 -5.33 4.60
CA LEU A 12 7.07 -5.67 5.03
C LEU A 12 6.84 -7.17 4.94
N ALA A 13 5.78 -7.63 5.59
CA ALA A 13 5.43 -9.05 5.59
C ALA A 13 4.25 -9.33 4.67
N GLU A 14 4.20 -10.54 4.12
CA GLU A 14 3.12 -10.93 3.24
C GLU A 14 1.76 -10.85 3.93
N ASP A 15 1.76 -11.12 5.24
CA ASP A 15 0.54 -11.06 6.03
C ASP A 15 0.00 -9.64 6.11
N VAL A 16 0.90 -8.67 6.20
CA VAL A 16 0.51 -7.28 6.28
C VAL A 16 -0.07 -6.79 4.95
N LYS A 17 0.64 -7.07 3.87
CA LYS A 17 0.18 -6.67 2.54
C LYS A 17 -1.07 -7.43 2.13
N LEU A 18 -1.20 -8.66 2.63
CA LEU A 18 -2.36 -9.49 2.31
C LEU A 18 -3.64 -8.84 2.81
N GLN A 19 -3.65 -8.47 4.09
CA GLN A 19 -4.82 -7.85 4.68
C GLN A 19 -5.17 -6.54 3.98
N LEU A 20 -4.16 -5.87 3.45
CA LEU A 20 -4.35 -4.60 2.75
C LEU A 20 -5.21 -4.80 1.51
N TYR A 21 -5.12 -5.99 0.91
CA TYR A 21 -5.90 -6.30 -0.29
C TYR A 21 -7.38 -6.43 0.04
N LYS A 22 -7.67 -7.10 1.15
CA LYS A 22 -9.06 -7.31 1.57
C LYS A 22 -9.73 -5.97 1.90
N LEU A 23 -8.93 -5.01 2.37
CA LEU A 23 -9.46 -3.70 2.71
C LEU A 23 -9.79 -2.90 1.46
N LEU A 24 -8.82 -2.76 0.56
CA LEU A 24 -9.01 -2.02 -0.68
C LEU A 24 -10.15 -2.61 -1.50
N GLU A 25 -10.45 -3.88 -1.27
CA GLU A 25 -11.51 -4.57 -1.99
C GLU A 25 -12.84 -3.82 -1.84
N ILE A 26 -13.00 -3.13 -0.72
CA ILE A 26 -14.22 -2.37 -0.45
C ILE A 26 -14.44 -1.29 -1.52
N PRO A 27 -15.54 -1.41 -2.29
CA PRO A 27 -15.85 -0.42 -3.34
C PRO A 27 -16.34 0.90 -2.78
N ASP A 28 -15.49 1.56 -2.01
CA ASP A 28 -15.83 2.85 -1.40
C ASP A 28 -15.02 3.98 -2.02
N PRO A 29 -15.53 5.22 -1.94
CA PRO A 29 -14.83 6.39 -2.49
C PRO A 29 -13.54 6.71 -1.75
N ASP A 30 -13.47 6.29 -0.49
CA ASP A 30 -12.28 6.53 0.33
C ASP A 30 -11.78 5.23 0.95
N LYS A 31 -12.02 4.12 0.26
CA LYS A 31 -11.59 2.82 0.75
C LYS A 31 -11.47 1.82 -0.40
N ASN A 32 -11.12 2.32 -1.59
CA ASN A 32 -10.97 1.47 -2.76
C ASN A 32 -9.51 1.38 -3.19
N TRP A 33 -9.17 0.33 -3.94
CA TRP A 33 -7.82 0.13 -4.41
C TRP A 33 -7.42 1.21 -5.41
N ALA A 34 -8.34 1.55 -6.29
CA ALA A 34 -8.09 2.57 -7.31
C ALA A 34 -7.75 3.91 -6.66
N THR A 35 -8.41 4.22 -5.55
CA THR A 35 -8.18 5.46 -4.83
C THR A 35 -6.73 5.53 -4.33
N LEU A 36 -6.25 4.42 -3.79
CA LEU A 36 -4.90 4.35 -3.26
C LEU A 36 -3.87 4.59 -4.37
N ALA A 37 -4.21 4.18 -5.59
CA ALA A 37 -3.32 4.36 -6.72
C ALA A 37 -3.02 5.83 -6.98
N GLN A 38 -4.06 6.67 -6.88
CA GLN A 38 -3.91 8.10 -7.09
C GLN A 38 -3.09 8.73 -5.97
N LYS A 39 -3.22 8.20 -4.77
CA LYS A 39 -2.50 8.71 -3.62
C LYS A 39 -1.03 8.29 -3.67
N LEU A 40 -0.79 7.05 -4.06
CA LEU A 40 0.57 6.53 -4.15
C LEU A 40 1.30 7.12 -5.36
N GLY A 41 0.64 7.09 -6.51
CA GLY A 41 1.23 7.64 -7.72
C GLY A 41 0.86 6.84 -8.96
N LEU A 42 0.36 5.63 -8.75
CA LEU A 42 -0.04 4.76 -9.87
C LEU A 42 -1.49 5.03 -10.27
N GLY A 43 -1.81 6.29 -10.53
CA GLY A 43 -3.16 6.66 -10.91
C GLY A 43 -3.42 6.40 -12.39
N ILE A 44 -2.40 6.61 -13.21
CA ILE A 44 -2.52 6.40 -14.64
C ILE A 44 -2.62 4.92 -14.99
N LEU A 45 -2.15 4.07 -14.07
CA LEU A 45 -2.19 2.62 -14.29
C LEU A 45 -3.41 2.01 -13.61
N ASN A 46 -4.49 2.77 -13.53
CA ASN A 46 -5.72 2.30 -12.91
C ASN A 46 -6.40 1.25 -13.77
N ASN A 47 -6.23 1.38 -15.09
CA ASN A 47 -6.82 0.44 -16.03
C ASN A 47 -6.13 -0.92 -15.97
N ALA A 48 -4.84 -0.89 -15.65
CA ALA A 48 -4.06 -2.13 -15.56
C ALA A 48 -4.52 -2.96 -14.37
N PHE A 49 -4.70 -2.31 -13.22
CA PHE A 49 -5.14 -3.00 -12.01
C PHE A 49 -6.58 -3.49 -12.15
N ARG A 50 -7.41 -2.67 -12.77
CA ARG A 50 -8.82 -3.01 -12.97
C ARG A 50 -8.95 -4.28 -13.81
N LEU A 51 -8.10 -4.41 -14.81
CA LEU A 51 -8.11 -5.58 -15.69
C LEU A 51 -7.62 -6.82 -14.97
N SER A 52 -6.58 -6.64 -14.15
CA SER A 52 -6.00 -7.74 -13.40
C SER A 52 -7.03 -8.34 -12.45
N PRO A 53 -6.93 -9.67 -12.17
CA PRO A 53 -7.86 -10.36 -11.29
C PRO A 53 -7.98 -9.67 -9.93
N ALA A 54 -6.85 -9.24 -9.39
CA ALA A 54 -6.82 -8.57 -8.10
C ALA A 54 -6.18 -7.18 -8.20
N PRO A 55 -6.98 -6.15 -8.51
CA PRO A 55 -6.48 -4.77 -8.64
C PRO A 55 -5.66 -4.34 -7.43
N SER A 56 -6.11 -4.74 -6.24
CA SER A 56 -5.42 -4.39 -5.01
C SER A 56 -4.05 -5.06 -4.93
N LYS A 57 -3.97 -6.29 -5.44
CA LYS A 57 -2.73 -7.04 -5.45
C LYS A 57 -1.78 -6.53 -6.53
N THR A 58 -2.34 -6.22 -7.70
CA THR A 58 -1.55 -5.72 -8.81
C THR A 58 -0.92 -4.38 -8.47
N LEU A 59 -1.60 -3.60 -7.65
CA LEU A 59 -1.11 -2.28 -7.25
C LEU A 59 0.22 -2.40 -6.52
N MET A 60 0.25 -3.23 -5.47
CA MET A 60 1.46 -3.43 -4.70
C MET A 60 2.56 -4.04 -5.55
N ASP A 61 2.17 -4.84 -6.54
CA ASP A 61 3.13 -5.49 -7.43
C ASP A 61 3.76 -4.48 -8.38
N ASN A 62 2.98 -3.47 -8.75
CA ASN A 62 3.47 -2.43 -9.66
C ASN A 62 4.19 -1.33 -8.88
N TYR A 63 3.74 -1.08 -7.65
CA TYR A 63 4.34 -0.06 -6.81
C TYR A 63 5.73 -0.49 -6.34
N GLU A 64 5.90 -1.78 -6.11
CA GLU A 64 7.17 -2.33 -5.67
C GLU A 64 8.23 -2.23 -6.76
N VAL A 65 7.79 -2.36 -8.01
CA VAL A 65 8.69 -2.28 -9.15
C VAL A 65 9.35 -0.91 -9.25
N SER A 66 8.62 0.11 -8.79
CA SER A 66 9.13 1.48 -8.82
C SER A 66 9.70 1.88 -7.47
N GLY A 67 10.22 0.91 -6.73
CA GLY A 67 10.79 1.17 -5.43
C GLY A 67 9.80 1.81 -4.48
N GLY A 68 8.75 1.05 -4.12
CA GLY A 68 7.73 1.57 -3.22
C GLY A 68 8.23 1.67 -1.79
N THR A 69 7.75 2.68 -1.07
CA THR A 69 8.16 2.89 0.31
C THR A 69 6.97 2.70 1.25
N VAL A 70 7.27 2.39 2.51
CA VAL A 70 6.22 2.19 3.51
C VAL A 70 5.59 3.51 3.93
N ARG A 71 6.42 4.56 4.02
CA ARG A 71 5.94 5.88 4.41
C ARG A 71 4.85 6.37 3.44
N GLU A 72 4.96 5.97 2.19
CA GLU A 72 3.99 6.37 1.17
C GLU A 72 2.68 5.63 1.37
N LEU A 73 2.76 4.40 1.87
CA LEU A 73 1.57 3.58 2.11
C LEU A 73 0.83 4.05 3.36
N VAL A 74 1.59 4.35 4.41
CA VAL A 74 1.01 4.81 5.67
C VAL A 74 0.39 6.19 5.51
N GLU A 75 1.00 7.00 4.66
CA GLU A 75 0.51 8.36 4.41
C GLU A 75 -0.70 8.34 3.48
N ALA A 76 -0.59 7.58 2.39
CA ALA A 76 -1.67 7.47 1.41
C ALA A 76 -2.92 6.91 2.06
N LEU A 77 -2.75 5.88 2.89
CA LEU A 77 -3.88 5.25 3.56
C LEU A 77 -4.60 6.25 4.45
N ARG A 78 -3.86 7.22 4.99
CA ARG A 78 -4.44 8.24 5.85
C ARG A 78 -5.19 9.29 5.03
N GLN A 79 -4.66 9.61 3.86
CA GLN A 79 -5.27 10.60 2.98
C GLN A 79 -6.67 10.15 2.57
N MET A 80 -6.82 8.87 2.28
CA MET A 80 -8.11 8.32 1.89
C MET A 80 -9.04 8.18 3.08
N GLY A 81 -8.59 7.47 4.11
CA GLY A 81 -9.39 7.28 5.30
C GLY A 81 -9.33 5.85 5.81
N TYR A 82 -8.13 5.29 5.86
CA TYR A 82 -7.94 3.92 6.34
C TYR A 82 -7.35 3.92 7.74
N THR A 83 -8.04 3.25 8.66
CA THR A 83 -7.58 3.17 10.04
C THR A 83 -7.13 1.76 10.39
N GLU A 84 -7.78 0.77 9.78
CA GLU A 84 -7.44 -0.63 10.02
C GLU A 84 -6.25 -1.05 9.18
N ALA A 85 -6.11 -0.45 8.00
CA ALA A 85 -5.00 -0.75 7.11
C ALA A 85 -3.67 -0.29 7.69
N ILE A 86 -3.67 0.89 8.29
CA ILE A 86 -2.46 1.44 8.89
C ILE A 86 -2.07 0.68 10.15
N GLU A 87 -3.06 0.14 10.85
CA GLU A 87 -2.82 -0.63 12.06
C GLU A 87 -2.03 -1.90 11.77
N VAL A 88 -2.24 -2.45 10.56
CA VAL A 88 -1.55 -3.66 10.16
C VAL A 88 -0.05 -3.41 9.98
N ILE A 89 0.29 -2.27 9.40
CA ILE A 89 1.69 -1.92 9.18
C ILE A 89 2.37 -1.51 10.48
N GLN A 90 1.69 -0.65 11.24
CA GLN A 90 2.23 -0.18 12.51
C GLN A 90 2.43 -1.33 13.48
N ALA A 91 1.60 -2.36 13.36
CA ALA A 91 1.70 -3.53 14.21
C ALA A 91 3.06 -4.19 14.11
N ALA A 92 3.57 -4.30 12.89
CA ALA A 92 4.87 -4.91 12.65
C ALA A 92 5.99 -3.93 12.93
N SER A 93 5.81 -2.68 12.50
CA SER A 93 6.81 -1.64 12.70
C SER A 93 6.47 -0.80 13.94
N SER A 94 7.25 -0.99 14.99
CA SER A 94 7.04 -0.24 16.24
C SER A 94 7.60 1.17 16.13
N SER A 95 7.04 2.09 16.91
CA SER A 95 7.48 3.47 16.91
C SER A 95 7.44 4.07 18.31
N GLY A 96 8.61 4.26 18.89
CA GLY A 96 8.68 4.82 20.23
C GLY A 96 8.25 3.83 21.30
N PRO A 97 8.21 4.26 22.58
CA PRO A 97 7.81 3.39 23.69
C PRO A 97 6.33 3.05 23.65
N SER A 98 6.02 1.75 23.66
CA SER A 98 4.64 1.31 23.64
C SER A 98 4.49 -0.03 24.36
N SER A 99 3.25 -0.48 24.51
CA SER A 99 2.97 -1.74 25.19
C SER A 99 2.48 -2.79 24.20
N GLY A 100 1.72 -2.35 23.20
CA GLY A 100 1.21 -3.26 22.20
C GLY A 100 0.78 -2.55 20.92
N GLY A 1 28.39 5.09 -4.17
CA GLY A 1 28.74 3.64 -4.07
C GLY A 1 27.51 2.76 -3.89
N SER A 2 26.47 3.02 -4.67
CA SER A 2 25.25 2.25 -4.59
C SER A 2 24.62 2.36 -3.20
N SER A 3 23.55 3.13 -3.10
CA SER A 3 22.86 3.31 -1.82
C SER A 3 21.51 2.60 -1.82
N GLY A 4 20.71 2.87 -0.80
CA GLY A 4 19.40 2.24 -0.70
C GLY A 4 18.42 3.08 0.10
N SER A 5 17.71 3.98 -0.59
CA SER A 5 16.73 4.84 0.07
C SER A 5 15.31 4.37 -0.22
N SER A 6 14.90 4.47 -1.47
CA SER A 6 13.56 4.05 -1.87
C SER A 6 13.51 2.54 -2.08
N GLY A 7 12.32 1.97 -1.89
CA GLY A 7 12.15 0.54 -2.04
C GLY A 7 12.29 -0.22 -0.74
N ASP A 8 11.65 0.29 0.31
CA ASP A 8 11.69 -0.34 1.62
C ASP A 8 10.45 -1.18 1.86
N MET A 9 10.01 -1.90 0.84
CA MET A 9 8.82 -2.74 0.93
C MET A 9 9.20 -4.15 1.38
N LYS A 10 10.43 -4.56 1.08
CA LYS A 10 10.91 -5.88 1.44
C LYS A 10 10.81 -6.11 2.95
N GLN A 11 11.07 -5.06 3.73
CA GLN A 11 11.00 -5.14 5.17
C GLN A 11 9.60 -5.54 5.64
N LEU A 12 8.59 -5.14 4.86
CA LEU A 12 7.21 -5.45 5.18
C LEU A 12 6.92 -6.93 4.96
N ALA A 13 6.25 -7.55 5.92
CA ALA A 13 5.90 -8.96 5.82
C ALA A 13 4.82 -9.19 4.77
N GLU A 14 4.80 -10.39 4.19
CA GLU A 14 3.82 -10.74 3.18
C GLU A 14 2.41 -10.75 3.76
N ASP A 15 2.30 -11.10 5.03
CA ASP A 15 1.01 -11.14 5.71
C ASP A 15 0.44 -9.74 5.88
N VAL A 16 1.32 -8.76 6.03
CA VAL A 16 0.91 -7.37 6.19
C VAL A 16 0.23 -6.84 4.93
N LYS A 17 0.87 -7.09 3.79
CA LYS A 17 0.33 -6.63 2.51
C LYS A 17 -0.89 -7.46 2.10
N LEU A 18 -0.90 -8.72 2.53
CA LEU A 18 -2.02 -9.61 2.21
C LEU A 18 -3.34 -9.05 2.72
N GLN A 19 -3.32 -8.55 3.95
CA GLN A 19 -4.52 -7.99 4.56
C GLN A 19 -4.97 -6.72 3.82
N LEU A 20 -4.00 -5.96 3.33
CA LEU A 20 -4.29 -4.73 2.60
C LEU A 20 -5.16 -5.02 1.37
N TYR A 21 -4.98 -6.21 0.80
CA TYR A 21 -5.74 -6.61 -0.38
C TYR A 21 -7.24 -6.69 -0.07
N LYS A 22 -7.55 -7.16 1.14
CA LYS A 22 -8.95 -7.28 1.56
C LYS A 22 -9.57 -5.91 1.82
N LEU A 23 -8.80 -5.04 2.44
CA LEU A 23 -9.28 -3.68 2.75
C LEU A 23 -9.65 -2.94 1.47
N LEU A 24 -8.73 -2.91 0.51
CA LEU A 24 -8.96 -2.23 -0.76
C LEU A 24 -10.08 -2.91 -1.54
N GLU A 25 -10.27 -4.20 -1.30
CA GLU A 25 -11.31 -4.96 -1.98
C GLU A 25 -12.68 -4.33 -1.78
N ILE A 26 -12.85 -3.62 -0.67
CA ILE A 26 -14.12 -2.96 -0.37
C ILE A 26 -14.43 -1.88 -1.38
N PRO A 27 -15.55 -2.00 -2.11
CA PRO A 27 -15.96 -1.02 -3.13
C PRO A 27 -16.47 0.27 -2.51
N ASP A 28 -15.60 0.98 -1.79
CA ASP A 28 -15.96 2.23 -1.15
C ASP A 28 -15.18 3.40 -1.74
N PRO A 29 -15.82 4.56 -1.90
CA PRO A 29 -15.17 5.76 -2.46
C PRO A 29 -13.88 6.11 -1.73
N ASP A 30 -13.89 6.03 -0.41
CA ASP A 30 -12.73 6.36 0.39
C ASP A 30 -12.11 5.09 1.00
N LYS A 31 -12.32 3.96 0.33
CA LYS A 31 -11.79 2.68 0.81
C LYS A 31 -11.70 1.67 -0.32
N ASN A 32 -11.20 2.12 -1.48
CA ASN A 32 -11.06 1.25 -2.64
C ASN A 32 -9.61 1.20 -3.11
N TRP A 33 -9.28 0.17 -3.89
CA TRP A 33 -7.93 0.01 -4.41
C TRP A 33 -7.57 1.13 -5.38
N ALA A 34 -8.53 1.47 -6.24
CA ALA A 34 -8.31 2.54 -7.22
C ALA A 34 -8.00 3.86 -6.53
N THR A 35 -8.55 4.05 -5.34
CA THR A 35 -8.31 5.28 -4.58
C THR A 35 -6.89 5.34 -4.06
N LEU A 36 -6.34 4.18 -3.71
CA LEU A 36 -4.97 4.09 -3.19
C LEU A 36 -3.96 4.29 -4.32
N ALA A 37 -4.33 3.85 -5.52
CA ALA A 37 -3.44 3.98 -6.67
C ALA A 37 -3.16 5.44 -6.99
N GLN A 38 -4.12 6.31 -6.70
CA GLN A 38 -3.97 7.74 -6.95
C GLN A 38 -3.18 8.41 -5.83
N LYS A 39 -3.36 7.93 -4.61
CA LYS A 39 -2.65 8.48 -3.46
C LYS A 39 -1.18 8.06 -3.47
N LEU A 40 -0.95 6.79 -3.78
CA LEU A 40 0.42 6.26 -3.83
C LEU A 40 1.20 6.87 -4.98
N GLY A 41 0.74 6.61 -6.20
CA GLY A 41 1.42 7.13 -7.37
C GLY A 41 1.37 6.18 -8.55
N LEU A 42 0.19 5.61 -8.79
CA LEU A 42 0.00 4.68 -9.90
C LEU A 42 -1.34 4.90 -10.59
N GLY A 43 -1.80 6.14 -10.59
CA GLY A 43 -3.07 6.46 -11.21
C GLY A 43 -3.04 6.28 -12.71
N ILE A 44 -1.85 6.39 -13.30
CA ILE A 44 -1.69 6.24 -14.74
C ILE A 44 -1.97 4.80 -15.17
N LEU A 45 -1.69 3.86 -14.28
CA LEU A 45 -1.91 2.45 -14.57
C LEU A 45 -3.13 1.91 -13.84
N ASN A 46 -4.11 2.78 -13.63
CA ASN A 46 -5.34 2.40 -12.93
C ASN A 46 -6.21 1.51 -13.82
N ASN A 47 -6.15 1.74 -15.12
CA ASN A 47 -6.93 0.96 -16.08
C ASN A 47 -6.35 -0.44 -16.23
N ALA A 48 -5.04 -0.56 -16.09
CA ALA A 48 -4.37 -1.85 -16.22
C ALA A 48 -4.75 -2.78 -15.08
N PHE A 49 -4.90 -2.23 -13.88
CA PHE A 49 -5.26 -3.01 -12.71
C PHE A 49 -6.71 -3.48 -12.80
N ARG A 50 -7.59 -2.59 -13.25
CA ARG A 50 -9.00 -2.93 -13.39
C ARG A 50 -9.20 -4.12 -14.32
N LEU A 51 -8.38 -4.18 -15.37
CA LEU A 51 -8.46 -5.27 -16.34
C LEU A 51 -8.00 -6.58 -15.72
N SER A 52 -7.07 -6.50 -14.78
CA SER A 52 -6.55 -7.69 -14.11
C SER A 52 -7.61 -8.33 -13.22
N PRO A 53 -7.40 -9.59 -12.82
CA PRO A 53 -8.35 -10.31 -11.96
C PRO A 53 -8.42 -9.72 -10.56
N ALA A 54 -7.32 -9.13 -10.11
CA ALA A 54 -7.25 -8.52 -8.79
C ALA A 54 -6.52 -7.19 -8.83
N PRO A 55 -7.22 -6.09 -9.17
CA PRO A 55 -6.63 -4.75 -9.25
C PRO A 55 -5.84 -4.39 -8.00
N SER A 56 -6.39 -4.73 -6.83
CA SER A 56 -5.73 -4.45 -5.57
C SER A 56 -4.47 -5.29 -5.40
N LYS A 57 -4.48 -6.49 -5.98
CA LYS A 57 -3.34 -7.38 -5.90
C LYS A 57 -2.23 -6.95 -6.86
N THR A 58 -2.63 -6.38 -8.00
CA THR A 58 -1.68 -5.93 -9.00
C THR A 58 -1.10 -4.57 -8.61
N LEU A 59 -1.88 -3.78 -7.88
CA LEU A 59 -1.43 -2.46 -7.45
C LEU A 59 -0.15 -2.54 -6.63
N MET A 60 -0.12 -3.47 -5.68
CA MET A 60 1.05 -3.65 -4.82
C MET A 60 2.23 -4.19 -5.64
N ASP A 61 1.93 -4.96 -6.68
CA ASP A 61 2.96 -5.52 -7.53
C ASP A 61 3.64 -4.44 -8.36
N ASN A 62 2.87 -3.44 -8.75
CA ASN A 62 3.40 -2.34 -9.55
C ASN A 62 4.08 -1.29 -8.67
N TYR A 63 3.58 -1.15 -7.45
CA TYR A 63 4.13 -0.18 -6.50
C TYR A 63 5.46 -0.68 -5.93
N GLU A 64 5.60 -1.99 -5.82
CA GLU A 64 6.82 -2.59 -5.30
C GLU A 64 7.95 -2.51 -6.31
N VAL A 65 7.64 -2.87 -7.56
CA VAL A 65 8.64 -2.84 -8.63
C VAL A 65 9.20 -1.43 -8.81
N SER A 66 8.40 -0.43 -8.48
CA SER A 66 8.82 0.97 -8.61
C SER A 66 9.36 1.50 -7.28
N GLY A 67 10.10 0.65 -6.57
CA GLY A 67 10.66 1.06 -5.30
C GLY A 67 9.61 1.46 -4.29
N GLY A 68 8.84 0.49 -3.82
CA GLY A 68 7.79 0.77 -2.85
C GLY A 68 8.35 1.28 -1.53
N THR A 69 7.58 2.14 -0.87
CA THR A 69 7.99 2.70 0.42
C THR A 69 6.87 2.60 1.44
N VAL A 70 7.25 2.46 2.71
CA VAL A 70 6.28 2.35 3.79
C VAL A 70 5.76 3.72 4.20
N ARG A 71 6.62 4.73 4.12
CA ARG A 71 6.25 6.10 4.48
C ARG A 71 5.08 6.58 3.63
N GLU A 72 5.05 6.15 2.37
CA GLU A 72 3.98 6.54 1.46
C GLU A 72 2.73 5.72 1.71
N LEU A 73 2.91 4.49 2.16
CA LEU A 73 1.78 3.60 2.44
C LEU A 73 0.96 4.12 3.62
N VAL A 74 1.65 4.59 4.66
CA VAL A 74 0.99 5.11 5.85
C VAL A 74 0.35 6.46 5.57
N GLU A 75 0.97 7.23 4.67
CA GLU A 75 0.45 8.54 4.31
C GLU A 75 -0.73 8.43 3.35
N ALA A 76 -0.55 7.63 2.30
CA ALA A 76 -1.60 7.42 1.31
C ALA A 76 -2.87 6.85 1.95
N LEU A 77 -2.68 6.04 2.98
CA LEU A 77 -3.80 5.43 3.69
C LEU A 77 -4.53 6.45 4.56
N ARG A 78 -3.78 7.43 5.07
CA ARG A 78 -4.35 8.47 5.91
C ARG A 78 -5.06 9.53 5.08
N GLN A 79 -4.52 9.80 3.89
CA GLN A 79 -5.10 10.79 2.99
C GLN A 79 -6.48 10.36 2.53
N MET A 80 -6.67 9.06 2.34
CA MET A 80 -7.94 8.51 1.90
C MET A 80 -8.92 8.42 3.07
N GLY A 81 -8.56 7.63 4.08
CA GLY A 81 -9.40 7.47 5.24
C GLY A 81 -9.39 6.05 5.78
N TYR A 82 -8.19 5.48 5.88
CA TYR A 82 -8.04 4.11 6.37
C TYR A 82 -7.42 4.12 7.77
N THR A 83 -8.00 3.32 8.67
CA THR A 83 -7.51 3.23 10.03
C THR A 83 -6.91 1.85 10.31
N GLU A 84 -7.57 0.81 9.81
CA GLU A 84 -7.09 -0.55 9.99
C GLU A 84 -5.91 -0.85 9.07
N ALA A 85 -5.96 -0.31 7.87
CA ALA A 85 -4.90 -0.51 6.89
C ALA A 85 -3.57 0.03 7.41
N ILE A 86 -3.64 1.10 8.19
CA ILE A 86 -2.43 1.72 8.75
C ILE A 86 -2.00 0.99 10.02
N GLU A 87 -2.96 0.48 10.76
CA GLU A 87 -2.67 -0.25 12.00
C GLU A 87 -1.92 -1.54 11.71
N VAL A 88 -2.25 -2.18 10.60
CA VAL A 88 -1.61 -3.43 10.21
C VAL A 88 -0.10 -3.24 10.04
N ILE A 89 0.30 -2.03 9.65
CA ILE A 89 1.72 -1.73 9.46
C ILE A 89 2.38 -1.34 10.77
N GLN A 90 1.70 -0.50 11.54
CA GLN A 90 2.23 -0.05 12.83
C GLN A 90 2.30 -1.21 13.83
N ALA A 91 1.34 -2.13 13.72
CA ALA A 91 1.29 -3.29 14.61
C ALA A 91 2.57 -4.12 14.50
N ALA A 92 3.02 -4.31 13.26
CA ALA A 92 4.23 -5.09 13.02
C ALA A 92 5.49 -4.26 13.25
N SER A 93 5.56 -3.11 12.59
CA SER A 93 6.70 -2.22 12.73
C SER A 93 6.63 -1.43 14.03
N SER A 94 7.70 -1.48 14.81
CA SER A 94 7.76 -0.77 16.08
C SER A 94 9.16 -0.84 16.68
N SER A 95 9.54 0.20 17.41
CA SER A 95 10.86 0.25 18.05
C SER A 95 10.75 -0.07 19.54
N GLY A 96 9.70 0.42 20.17
CA GLY A 96 9.51 0.19 21.59
C GLY A 96 8.11 -0.30 21.92
N PRO A 97 7.96 -1.26 22.86
CA PRO A 97 6.66 -1.79 23.24
C PRO A 97 5.86 -0.81 24.10
N SER A 98 4.57 -0.66 23.78
CA SER A 98 3.70 0.24 24.52
C SER A 98 2.23 -0.08 24.25
N SER A 99 1.50 -0.37 25.33
CA SER A 99 0.08 -0.70 25.22
C SER A 99 -0.72 0.52 24.76
N GLY A 100 -0.85 0.69 23.45
CA GLY A 100 -1.59 1.81 22.91
C GLY A 100 -1.68 1.77 21.40
N GLY A 1 17.66 15.51 7.93
CA GLY A 1 17.06 15.19 6.60
C GLY A 1 18.08 14.68 5.60
N SER A 2 18.42 13.40 5.71
CA SER A 2 19.39 12.80 4.81
C SER A 2 18.74 12.41 3.49
N SER A 3 19.39 12.77 2.39
CA SER A 3 18.88 12.47 1.06
C SER A 3 19.06 10.99 0.72
N GLY A 4 18.53 10.58 -0.41
CA GLY A 4 18.65 9.19 -0.83
C GLY A 4 17.30 8.58 -1.20
N SER A 5 17.23 8.00 -2.39
CA SER A 5 16.01 7.38 -2.87
C SER A 5 16.02 5.88 -2.63
N SER A 6 15.30 5.44 -1.59
CA SER A 6 15.24 4.03 -1.24
C SER A 6 13.87 3.67 -0.67
N GLY A 7 13.45 2.44 -0.89
CA GLY A 7 12.16 1.99 -0.38
C GLY A 7 12.30 1.05 0.80
N ASP A 8 11.30 1.05 1.67
CA ASP A 8 11.31 0.19 2.86
C ASP A 8 10.23 -0.88 2.75
N MET A 9 9.96 -1.32 1.53
CA MET A 9 8.95 -2.35 1.30
C MET A 9 9.51 -3.75 1.55
N LYS A 10 10.82 -3.84 1.75
CA LYS A 10 11.47 -5.12 2.01
C LYS A 10 11.16 -5.63 3.41
N GLN A 11 11.01 -4.69 4.34
CA GLN A 11 10.71 -5.04 5.73
C GLN A 11 9.26 -5.50 5.88
N LEU A 12 8.39 -4.95 5.06
CA LEU A 12 6.97 -5.30 5.10
C LEU A 12 6.76 -6.78 4.79
N ALA A 13 6.07 -7.48 5.68
CA ALA A 13 5.80 -8.90 5.50
C ALA A 13 4.67 -9.12 4.51
N GLU A 14 4.69 -10.27 3.83
CA GLU A 14 3.67 -10.61 2.86
C GLU A 14 2.29 -10.64 3.50
N ASP A 15 2.24 -11.07 4.76
CA ASP A 15 0.98 -11.14 5.49
C ASP A 15 0.38 -9.76 5.69
N VAL A 16 1.24 -8.76 5.89
CA VAL A 16 0.79 -7.39 6.08
C VAL A 16 0.17 -6.82 4.81
N LYS A 17 0.91 -6.94 3.71
CA LYS A 17 0.43 -6.44 2.42
C LYS A 17 -0.79 -7.21 1.95
N LEU A 18 -0.89 -8.47 2.38
CA LEU A 18 -2.01 -9.31 2.00
C LEU A 18 -3.32 -8.78 2.57
N GLN A 19 -3.28 -8.32 3.81
CA GLN A 19 -4.46 -7.77 4.48
C GLN A 19 -4.93 -6.50 3.78
N LEU A 20 -4.00 -5.76 3.20
CA LEU A 20 -4.33 -4.52 2.50
C LEU A 20 -5.32 -4.77 1.36
N TYR A 21 -5.22 -5.95 0.75
CA TYR A 21 -6.11 -6.31 -0.35
C TYR A 21 -7.55 -6.43 0.12
N LYS A 22 -7.73 -7.03 1.30
CA LYS A 22 -9.07 -7.21 1.87
C LYS A 22 -9.72 -5.87 2.15
N LEU A 23 -8.91 -4.88 2.49
CA LEU A 23 -9.41 -3.53 2.78
C LEU A 23 -9.77 -2.80 1.50
N LEU A 24 -8.82 -2.72 0.59
CA LEU A 24 -9.03 -2.02 -0.69
C LEU A 24 -10.19 -2.65 -1.46
N GLU A 25 -10.47 -3.92 -1.18
CA GLU A 25 -11.54 -4.63 -1.85
C GLU A 25 -12.88 -3.90 -1.70
N ILE A 26 -12.99 -3.11 -0.63
CA ILE A 26 -14.20 -2.35 -0.38
C ILE A 26 -14.44 -1.30 -1.47
N PRO A 27 -15.53 -1.47 -2.26
CA PRO A 27 -15.85 -0.53 -3.34
C PRO A 27 -16.36 0.81 -2.81
N ASP A 28 -15.50 1.52 -2.09
CA ASP A 28 -15.85 2.81 -1.52
C ASP A 28 -15.09 3.94 -2.21
N PRO A 29 -15.55 5.19 -2.04
CA PRO A 29 -14.89 6.35 -2.65
C PRO A 29 -13.54 6.66 -2.02
N ASP A 30 -13.43 6.42 -0.72
CA ASP A 30 -12.19 6.67 0.00
C ASP A 30 -11.73 5.41 0.74
N LYS A 31 -12.07 4.25 0.19
CA LYS A 31 -11.69 2.98 0.78
C LYS A 31 -11.58 1.89 -0.27
N ASN A 32 -11.23 2.28 -1.49
CA ASN A 32 -11.09 1.33 -2.58
C ASN A 32 -9.65 1.30 -3.11
N TRP A 33 -9.32 0.23 -3.82
CA TRP A 33 -7.96 0.08 -4.37
C TRP A 33 -7.64 1.22 -5.33
N ALA A 34 -8.60 1.55 -6.18
CA ALA A 34 -8.43 2.62 -7.15
C ALA A 34 -8.10 3.95 -6.47
N THR A 35 -8.63 4.12 -5.26
CA THR A 35 -8.40 5.34 -4.50
C THR A 35 -6.95 5.42 -4.01
N LEU A 36 -6.44 4.29 -3.54
CA LEU A 36 -5.06 4.23 -3.04
C LEU A 36 -4.07 4.42 -4.18
N ALA A 37 -4.44 3.97 -5.37
CA ALA A 37 -3.58 4.09 -6.54
C ALA A 37 -3.26 5.56 -6.84
N GLN A 38 -4.27 6.41 -6.72
CA GLN A 38 -4.10 7.83 -6.98
C GLN A 38 -3.25 8.48 -5.89
N LYS A 39 -3.49 8.08 -4.64
CA LYS A 39 -2.75 8.63 -3.51
C LYS A 39 -1.27 8.28 -3.60
N LEU A 40 -0.98 7.00 -3.78
CA LEU A 40 0.40 6.53 -3.90
C LEU A 40 1.09 7.18 -5.09
N GLY A 41 0.49 7.05 -6.27
CA GLY A 41 1.06 7.62 -7.47
C GLY A 41 1.05 6.66 -8.63
N LEU A 42 -0.06 5.96 -8.82
CA LEU A 42 -0.20 5.00 -9.91
C LEU A 42 -1.56 5.12 -10.58
N GLY A 43 -2.12 6.33 -10.58
CA GLY A 43 -3.41 6.55 -11.19
C GLY A 43 -3.39 6.40 -12.69
N ILE A 44 -2.23 6.66 -13.29
CA ILE A 44 -2.07 6.55 -14.74
C ILE A 44 -2.19 5.10 -15.20
N LEU A 45 -1.81 4.17 -14.32
CA LEU A 45 -1.88 2.75 -14.64
C LEU A 45 -3.06 2.10 -13.93
N ASN A 46 -4.13 2.85 -13.73
CA ASN A 46 -5.32 2.35 -13.07
C ASN A 46 -6.08 1.39 -13.98
N ASN A 47 -6.18 1.73 -15.25
CA ASN A 47 -6.88 0.91 -16.22
C ASN A 47 -6.23 -0.47 -16.32
N ALA A 48 -4.93 -0.52 -16.12
CA ALA A 48 -4.19 -1.79 -16.18
C ALA A 48 -4.61 -2.72 -15.05
N PHE A 49 -4.75 -2.17 -13.85
CA PHE A 49 -5.14 -2.96 -12.69
C PHE A 49 -6.60 -3.37 -12.77
N ARG A 50 -7.42 -2.50 -13.37
CA ARG A 50 -8.84 -2.78 -13.52
C ARG A 50 -9.08 -4.03 -14.35
N LEU A 51 -8.39 -4.12 -15.48
CA LEU A 51 -8.51 -5.28 -16.36
C LEU A 51 -8.13 -6.56 -15.64
N SER A 52 -7.18 -6.45 -14.71
CA SER A 52 -6.72 -7.60 -13.94
C SER A 52 -7.83 -8.12 -13.03
N PRO A 53 -7.76 -9.42 -12.66
CA PRO A 53 -8.77 -10.04 -11.78
C PRO A 53 -8.76 -9.43 -10.38
N ALA A 54 -7.58 -9.02 -9.92
CA ALA A 54 -7.45 -8.42 -8.60
C ALA A 54 -6.63 -7.12 -8.67
N PRO A 55 -7.29 -6.00 -8.99
CA PRO A 55 -6.63 -4.69 -9.09
C PRO A 55 -5.80 -4.38 -7.85
N SER A 56 -6.32 -4.73 -6.69
CA SER A 56 -5.64 -4.48 -5.42
C SER A 56 -4.39 -5.35 -5.30
N LYS A 57 -4.44 -6.54 -5.88
CA LYS A 57 -3.31 -7.46 -5.84
C LYS A 57 -2.22 -7.04 -6.82
N THR A 58 -2.62 -6.41 -7.93
CA THR A 58 -1.69 -5.96 -8.94
C THR A 58 -1.02 -4.65 -8.51
N LEU A 59 -1.73 -3.85 -7.73
CA LEU A 59 -1.21 -2.58 -7.25
C LEU A 59 0.08 -2.78 -6.46
N MET A 60 -0.02 -3.53 -5.36
CA MET A 60 1.14 -3.80 -4.51
C MET A 60 2.24 -4.50 -5.30
N ASP A 61 1.84 -5.29 -6.29
CA ASP A 61 2.79 -6.03 -7.12
C ASP A 61 3.54 -5.08 -8.05
N ASN A 62 2.87 -4.00 -8.46
CA ASN A 62 3.47 -3.03 -9.35
C ASN A 62 4.18 -1.93 -8.56
N TYR A 63 3.67 -1.63 -7.38
CA TYR A 63 4.26 -0.62 -6.52
C TYR A 63 5.64 -1.03 -6.03
N GLU A 64 5.84 -2.34 -5.87
CA GLU A 64 7.11 -2.87 -5.41
C GLU A 64 8.17 -2.76 -6.50
N VAL A 65 7.80 -3.13 -7.72
CA VAL A 65 8.73 -3.07 -8.85
C VAL A 65 9.11 -1.63 -9.17
N SER A 66 8.20 -0.70 -8.87
CA SER A 66 8.43 0.71 -9.14
C SER A 66 8.93 1.41 -7.88
N GLY A 67 9.78 0.74 -7.12
CA GLY A 67 10.31 1.32 -5.90
C GLY A 67 9.71 0.70 -4.65
N GLY A 68 8.46 1.05 -4.37
CA GLY A 68 7.79 0.52 -3.19
C GLY A 68 8.31 1.14 -1.91
N THR A 69 7.51 2.04 -1.33
CA THR A 69 7.88 2.71 -0.09
C THR A 69 6.78 2.56 0.96
N VAL A 70 7.18 2.58 2.23
CA VAL A 70 6.23 2.46 3.32
C VAL A 70 5.72 3.82 3.78
N ARG A 71 6.59 4.82 3.70
CA ARG A 71 6.24 6.17 4.12
C ARG A 71 5.05 6.69 3.32
N GLU A 72 4.97 6.28 2.05
CA GLU A 72 3.88 6.70 1.18
C GLU A 72 2.62 5.87 1.44
N LEU A 73 2.82 4.60 1.78
CA LEU A 73 1.71 3.70 2.05
C LEU A 73 0.97 4.13 3.32
N VAL A 74 1.72 4.44 4.37
CA VAL A 74 1.13 4.86 5.63
C VAL A 74 0.49 6.24 5.50
N GLU A 75 1.05 7.07 4.63
CA GLU A 75 0.53 8.42 4.41
C GLU A 75 -0.71 8.38 3.52
N ALA A 76 -0.65 7.55 2.48
CA ALA A 76 -1.77 7.43 1.55
C ALA A 76 -3.02 6.91 2.26
N LEU A 77 -2.83 5.88 3.07
CA LEU A 77 -3.93 5.28 3.82
C LEU A 77 -4.58 6.30 4.76
N ARG A 78 -3.75 7.22 5.27
CA ARG A 78 -4.23 8.24 6.19
C ARG A 78 -5.00 9.33 5.44
N GLN A 79 -4.56 9.61 4.21
CA GLN A 79 -5.20 10.63 3.39
C GLN A 79 -6.61 10.20 3.00
N MET A 80 -6.77 8.92 2.68
CA MET A 80 -8.06 8.39 2.29
C MET A 80 -8.99 8.27 3.50
N GLY A 81 -8.42 7.96 4.65
CA GLY A 81 -9.20 7.83 5.87
C GLY A 81 -9.21 6.42 6.40
N TYR A 82 -8.14 5.68 6.13
CA TYR A 82 -8.02 4.30 6.60
C TYR A 82 -7.40 4.23 7.98
N THR A 83 -7.95 3.38 8.83
CA THR A 83 -7.44 3.22 10.20
C THR A 83 -6.90 1.81 10.41
N GLU A 84 -7.58 0.82 9.84
CA GLU A 84 -7.15 -0.56 9.98
C GLU A 84 -5.93 -0.85 9.11
N ALA A 85 -5.95 -0.32 7.89
CA ALA A 85 -4.83 -0.51 6.96
C ALA A 85 -3.53 0.03 7.54
N ILE A 86 -3.62 1.15 8.24
CA ILE A 86 -2.45 1.77 8.85
C ILE A 86 -1.99 0.99 10.08
N GLU A 87 -2.93 0.35 10.76
CA GLU A 87 -2.62 -0.43 11.95
C GLU A 87 -1.87 -1.71 11.59
N VAL A 88 -2.25 -2.31 10.46
CA VAL A 88 -1.61 -3.53 9.99
C VAL A 88 -0.12 -3.32 9.74
N ILE A 89 0.22 -2.12 9.24
CA ILE A 89 1.60 -1.78 8.95
C ILE A 89 2.36 -1.42 10.22
N GLN A 90 1.66 -0.79 11.16
CA GLN A 90 2.27 -0.39 12.43
C GLN A 90 2.41 -1.58 13.36
N ALA A 91 1.46 -2.50 13.29
CA ALA A 91 1.47 -3.69 14.13
C ALA A 91 2.61 -4.62 13.74
N ALA A 92 2.95 -4.63 12.46
CA ALA A 92 4.01 -5.48 11.95
C ALA A 92 5.38 -4.93 12.36
N SER A 93 5.73 -3.77 11.83
CA SER A 93 7.01 -3.14 12.14
C SER A 93 6.97 -2.43 13.49
N SER A 94 7.73 -2.95 14.44
CA SER A 94 7.77 -2.36 15.78
C SER A 94 9.18 -2.40 16.35
N SER A 95 10.03 -1.48 15.90
CA SER A 95 11.40 -1.41 16.36
C SER A 95 11.58 -0.27 17.37
N GLY A 96 10.55 -0.01 18.15
CA GLY A 96 10.61 1.05 19.14
C GLY A 96 10.40 0.54 20.56
N PRO A 97 10.28 1.44 21.55
CA PRO A 97 10.07 1.07 22.94
C PRO A 97 8.67 0.51 23.18
N SER A 98 8.59 -0.52 24.04
CA SER A 98 7.32 -1.15 24.35
C SER A 98 7.14 -1.29 25.85
N SER A 99 8.01 -2.10 26.46
CA SER A 99 7.94 -2.32 27.90
C SER A 99 9.34 -2.53 28.48
N GLY A 100 10.13 -3.38 27.82
CA GLY A 100 11.47 -3.66 28.29
C GLY A 100 11.92 -5.07 27.95
N GLY A 1 22.24 -7.95 5.03
CA GLY A 1 22.01 -6.47 5.05
C GLY A 1 21.94 -5.88 3.66
N SER A 2 21.54 -4.62 3.58
CA SER A 2 21.44 -3.92 2.30
C SER A 2 20.44 -4.63 1.39
N SER A 3 19.22 -4.10 1.33
CA SER A 3 18.18 -4.68 0.49
C SER A 3 17.84 -3.75 -0.67
N GLY A 4 17.22 -2.61 -0.36
CA GLY A 4 16.85 -1.66 -1.39
C GLY A 4 16.80 -0.24 -0.88
N SER A 5 16.99 0.72 -1.78
CA SER A 5 16.97 2.13 -1.42
C SER A 5 15.75 2.83 -2.01
N SER A 6 15.34 2.40 -3.19
CA SER A 6 14.19 2.98 -3.87
C SER A 6 12.93 2.84 -3.01
N GLY A 7 12.81 1.69 -2.34
CA GLY A 7 11.65 1.45 -1.50
C GLY A 7 11.98 0.60 -0.29
N ASP A 8 11.11 0.63 0.71
CA ASP A 8 11.30 -0.14 1.93
C ASP A 8 10.15 -1.12 2.15
N MET A 9 9.75 -1.79 1.08
CA MET A 9 8.65 -2.75 1.16
C MET A 9 9.17 -4.14 1.51
N LYS A 10 10.46 -4.38 1.23
CA LYS A 10 11.07 -5.68 1.52
C LYS A 10 10.89 -6.06 2.99
N GLN A 11 11.03 -5.07 3.86
CA GLN A 11 10.89 -5.30 5.29
C GLN A 11 9.46 -5.73 5.64
N LEU A 12 8.49 -5.18 4.92
CA LEU A 12 7.09 -5.50 5.14
C LEU A 12 6.82 -6.98 4.85
N ALA A 13 5.98 -7.59 5.68
CA ALA A 13 5.64 -9.00 5.49
C ALA A 13 4.47 -9.16 4.52
N GLU A 14 4.40 -10.32 3.88
CA GLU A 14 3.33 -10.60 2.92
C GLU A 14 1.97 -10.58 3.61
N ASP A 15 1.91 -11.14 4.81
CA ASP A 15 0.67 -11.19 5.57
C ASP A 15 0.15 -9.80 5.86
N VAL A 16 1.07 -8.86 6.08
CA VAL A 16 0.70 -7.48 6.36
C VAL A 16 -0.01 -6.84 5.17
N LYS A 17 0.63 -6.91 4.00
CA LYS A 17 0.06 -6.33 2.78
C LYS A 17 -1.10 -7.18 2.28
N LEU A 18 -1.08 -8.47 2.60
CA LEU A 18 -2.14 -9.38 2.18
C LEU A 18 -3.51 -8.90 2.64
N GLN A 19 -3.53 -8.20 3.78
CA GLN A 19 -4.77 -7.69 4.35
C GLN A 19 -5.24 -6.45 3.58
N LEU A 20 -4.29 -5.69 3.07
CA LEU A 20 -4.60 -4.47 2.33
C LEU A 20 -5.45 -4.79 1.10
N TYR A 21 -5.24 -5.98 0.53
CA TYR A 21 -5.99 -6.40 -0.65
C TYR A 21 -7.48 -6.54 -0.33
N LYS A 22 -7.77 -7.06 0.86
CA LYS A 22 -9.16 -7.25 1.28
C LYS A 22 -9.81 -5.91 1.64
N LEU A 23 -9.00 -4.98 2.13
CA LEU A 23 -9.51 -3.66 2.50
C LEU A 23 -9.83 -2.84 1.26
N LEU A 24 -8.86 -2.72 0.36
CA LEU A 24 -9.04 -1.96 -0.86
C LEU A 24 -10.14 -2.56 -1.73
N GLU A 25 -10.35 -3.87 -1.59
CA GLU A 25 -11.37 -4.56 -2.36
C GLU A 25 -12.76 -3.95 -2.12
N ILE A 26 -12.92 -3.32 -0.97
CA ILE A 26 -14.20 -2.70 -0.61
C ILE A 26 -14.54 -1.58 -1.60
N PRO A 27 -15.73 -1.65 -2.24
CA PRO A 27 -16.17 -0.64 -3.20
C PRO A 27 -16.62 0.66 -2.52
N ASP A 28 -15.71 1.28 -1.79
CA ASP A 28 -16.02 2.53 -1.09
C ASP A 28 -15.19 3.69 -1.64
N PRO A 29 -15.77 4.89 -1.68
CA PRO A 29 -15.08 6.09 -2.18
C PRO A 29 -13.73 6.30 -1.52
N ASP A 30 -13.71 6.23 -0.19
CA ASP A 30 -12.49 6.43 0.57
C ASP A 30 -11.97 5.10 1.12
N LYS A 31 -12.16 4.03 0.35
CA LYS A 31 -11.71 2.71 0.76
C LYS A 31 -11.61 1.77 -0.44
N ASN A 32 -11.30 2.33 -1.60
CA ASN A 32 -11.17 1.55 -2.83
C ASN A 32 -9.72 1.51 -3.29
N TRP A 33 -9.36 0.43 -3.99
CA TRP A 33 -8.01 0.26 -4.49
C TRP A 33 -7.65 1.36 -5.48
N ALA A 34 -8.65 1.84 -6.21
CA ALA A 34 -8.44 2.90 -7.20
C ALA A 34 -8.01 4.19 -6.52
N THR A 35 -8.64 4.52 -5.40
CA THR A 35 -8.32 5.73 -4.66
C THR A 35 -6.87 5.70 -4.17
N LEU A 36 -6.42 4.52 -3.75
CA LEU A 36 -5.06 4.37 -3.25
C LEU A 36 -4.04 4.54 -4.38
N ALA A 37 -4.43 4.13 -5.58
CA ALA A 37 -3.56 4.25 -6.74
C ALA A 37 -3.20 5.71 -7.01
N GLN A 38 -4.16 6.60 -6.83
CA GLN A 38 -3.94 8.02 -7.05
C GLN A 38 -3.02 8.60 -5.98
N LYS A 39 -3.27 8.23 -4.73
CA LYS A 39 -2.47 8.72 -3.62
C LYS A 39 -1.01 8.32 -3.78
N LEU A 40 -0.78 7.06 -4.14
CA LEU A 40 0.57 6.55 -4.34
C LEU A 40 1.20 7.14 -5.60
N GLY A 41 0.63 6.77 -6.75
CA GLY A 41 1.15 7.27 -8.01
C GLY A 41 0.99 6.27 -9.14
N LEU A 42 -0.19 5.65 -9.22
CA LEU A 42 -0.47 4.67 -10.26
C LEU A 42 -1.85 4.90 -10.87
N GLY A 43 -2.26 6.17 -10.91
CA GLY A 43 -3.56 6.50 -11.48
C GLY A 43 -3.65 6.17 -12.96
N ILE A 44 -2.53 6.34 -13.66
CA ILE A 44 -2.49 6.07 -15.09
C ILE A 44 -2.57 4.56 -15.36
N LEU A 45 -2.09 3.77 -14.41
CA LEU A 45 -2.11 2.31 -14.55
C LEU A 45 -3.31 1.71 -13.81
N ASN A 46 -4.39 2.47 -13.74
CA ASN A 46 -5.60 2.01 -13.05
C ASN A 46 -6.33 0.98 -13.91
N ASN A 47 -6.23 1.12 -15.22
CA ASN A 47 -6.88 0.19 -16.14
C ASN A 47 -6.19 -1.17 -16.12
N ALA A 48 -4.89 -1.17 -15.87
CA ALA A 48 -4.12 -2.41 -15.81
C ALA A 48 -4.51 -3.24 -14.61
N PHE A 49 -4.84 -2.57 -13.51
CA PHE A 49 -5.24 -3.25 -12.28
C PHE A 49 -6.70 -3.71 -12.36
N ARG A 50 -7.54 -2.89 -12.97
CA ARG A 50 -8.95 -3.22 -13.11
C ARG A 50 -9.14 -4.48 -13.95
N LEU A 51 -8.41 -4.57 -15.06
CA LEU A 51 -8.50 -5.72 -15.94
C LEU A 51 -8.14 -7.00 -15.20
N SER A 52 -7.21 -6.89 -14.25
CA SER A 52 -6.76 -8.03 -13.47
C SER A 52 -7.85 -8.48 -12.50
N PRO A 53 -7.79 -9.75 -12.04
CA PRO A 53 -8.78 -10.30 -11.11
C PRO A 53 -8.73 -9.61 -9.74
N ALA A 54 -7.57 -9.08 -9.40
CA ALA A 54 -7.40 -8.39 -8.11
C ALA A 54 -6.54 -7.13 -8.29
N PRO A 55 -7.18 -6.00 -8.60
CA PRO A 55 -6.48 -4.72 -8.78
C PRO A 55 -5.55 -4.40 -7.62
N SER A 56 -6.05 -4.58 -6.40
CA SER A 56 -5.26 -4.31 -5.21
C SER A 56 -4.03 -5.20 -5.14
N LYS A 57 -4.15 -6.40 -5.70
CA LYS A 57 -3.05 -7.36 -5.71
C LYS A 57 -2.00 -6.96 -6.75
N THR A 58 -2.44 -6.33 -7.82
CA THR A 58 -1.54 -5.89 -8.88
C THR A 58 -0.93 -4.53 -8.55
N LEU A 59 -1.67 -3.72 -7.82
CA LEU A 59 -1.19 -2.40 -7.43
C LEU A 59 0.09 -2.50 -6.61
N MET A 60 0.02 -3.24 -5.52
CA MET A 60 1.17 -3.41 -4.64
C MET A 60 2.34 -4.04 -5.40
N ASP A 61 2.02 -4.89 -6.37
CA ASP A 61 3.04 -5.55 -7.17
C ASP A 61 3.73 -4.57 -8.10
N ASN A 62 2.99 -3.57 -8.55
CA ASN A 62 3.54 -2.56 -9.45
C ASN A 62 4.23 -1.44 -8.67
N TYR A 63 3.65 -1.07 -7.53
CA TYR A 63 4.22 -0.03 -6.69
C TYR A 63 5.55 -0.47 -6.12
N GLU A 64 5.66 -1.74 -5.76
CA GLU A 64 6.88 -2.28 -5.19
C GLU A 64 8.04 -2.21 -6.20
N VAL A 65 7.70 -2.33 -7.49
CA VAL A 65 8.70 -2.27 -8.54
C VAL A 65 9.19 -0.84 -8.76
N SER A 66 8.25 0.08 -8.93
CA SER A 66 8.58 1.49 -9.14
C SER A 66 9.36 2.05 -7.96
N GLY A 67 8.99 1.64 -6.76
CA GLY A 67 9.67 2.10 -5.56
C GLY A 67 8.72 2.30 -4.40
N GLY A 68 8.06 1.23 -4.00
CA GLY A 68 7.12 1.31 -2.88
C GLY A 68 7.80 1.71 -1.59
N THR A 69 7.26 2.73 -0.93
CA THR A 69 7.80 3.22 0.33
C THR A 69 6.80 3.06 1.46
N VAL A 70 7.27 2.58 2.60
CA VAL A 70 6.41 2.38 3.76
C VAL A 70 5.78 3.70 4.21
N ARG A 71 6.59 4.74 4.26
CA ARG A 71 6.11 6.07 4.67
C ARG A 71 5.01 6.55 3.74
N GLU A 72 5.11 6.18 2.47
CA GLU A 72 4.12 6.59 1.47
C GLU A 72 2.82 5.80 1.65
N LEU A 73 2.95 4.52 1.97
CA LEU A 73 1.79 3.66 2.17
C LEU A 73 1.02 4.07 3.42
N VAL A 74 1.76 4.49 4.45
CA VAL A 74 1.14 4.92 5.70
C VAL A 74 0.43 6.25 5.54
N GLU A 75 1.06 7.16 4.80
CA GLU A 75 0.49 8.49 4.57
C GLU A 75 -0.70 8.41 3.61
N ALA A 76 -0.56 7.59 2.57
CA ALA A 76 -1.63 7.43 1.59
C ALA A 76 -2.90 6.90 2.24
N LEU A 77 -2.75 5.97 3.17
CA LEU A 77 -3.88 5.39 3.87
C LEU A 77 -4.59 6.43 4.73
N ARG A 78 -3.82 7.41 5.21
CA ARG A 78 -4.37 8.47 6.05
C ARG A 78 -5.13 9.49 5.20
N GLN A 79 -4.60 9.79 4.02
CA GLN A 79 -5.23 10.73 3.12
C GLN A 79 -6.60 10.24 2.66
N MET A 80 -6.71 8.92 2.48
CA MET A 80 -7.96 8.31 2.03
C MET A 80 -8.93 8.18 3.20
N GLY A 81 -8.43 7.69 4.33
CA GLY A 81 -9.26 7.52 5.51
C GLY A 81 -9.23 6.10 6.04
N TYR A 82 -8.06 5.48 6.01
CA TYR A 82 -7.89 4.12 6.49
C TYR A 82 -7.35 4.10 7.92
N THR A 83 -7.99 3.32 8.78
CA THR A 83 -7.57 3.21 10.18
C THR A 83 -7.05 1.82 10.49
N GLU A 84 -7.73 0.80 9.96
CA GLU A 84 -7.33 -0.58 10.18
C GLU A 84 -6.15 -0.96 9.29
N ALA A 85 -6.08 -0.35 8.11
CA ALA A 85 -4.99 -0.62 7.18
C ALA A 85 -3.66 -0.14 7.73
N ILE A 86 -3.69 0.97 8.46
CA ILE A 86 -2.48 1.53 9.05
C ILE A 86 -1.98 0.68 10.21
N GLU A 87 -2.91 0.17 11.00
CA GLU A 87 -2.56 -0.67 12.15
C GLU A 87 -1.81 -1.92 11.70
N VAL A 88 -2.14 -2.40 10.51
CA VAL A 88 -1.50 -3.60 9.97
C VAL A 88 -0.01 -3.38 9.74
N ILE A 89 0.32 -2.31 9.01
CA ILE A 89 1.72 -1.99 8.73
C ILE A 89 2.48 -1.68 10.01
N GLN A 90 1.92 -0.79 10.82
CA GLN A 90 2.55 -0.41 12.08
C GLN A 90 2.74 -1.61 12.99
N ALA A 91 1.84 -2.58 12.87
CA ALA A 91 1.90 -3.80 13.69
C ALA A 91 3.21 -4.54 13.46
N ALA A 92 3.68 -4.53 12.21
CA ALA A 92 4.93 -5.20 11.86
C ALA A 92 6.11 -4.24 11.87
N SER A 93 5.91 -3.06 11.28
CA SER A 93 6.96 -2.05 11.23
C SER A 93 7.41 -1.65 12.63
N SER A 94 8.69 -1.87 12.92
CA SER A 94 9.25 -1.53 14.22
C SER A 94 9.59 -0.05 14.30
N SER A 95 9.61 0.48 15.52
CA SER A 95 9.93 1.89 15.74
C SER A 95 11.39 2.18 15.44
N GLY A 96 11.66 3.34 14.85
CA GLY A 96 13.02 3.71 14.52
C GLY A 96 13.24 5.21 14.56
N PRO A 97 13.08 5.90 13.41
CA PRO A 97 13.26 7.36 13.34
C PRO A 97 12.13 8.12 14.03
N SER A 98 12.39 8.60 15.24
CA SER A 98 11.39 9.33 16.00
C SER A 98 12.02 9.98 17.22
N SER A 99 12.02 11.32 17.26
CA SER A 99 12.59 12.05 18.38
C SER A 99 14.06 11.76 18.53
N GLY A 100 14.90 12.76 18.26
CA GLY A 100 16.34 12.58 18.37
C GLY A 100 17.02 12.48 17.01
#